data_8FHI
#
_entry.id   8FHI
#
_cell.length_a   1.00
_cell.length_b   1.00
_cell.length_c   1.00
_cell.angle_alpha   90.00
_cell.angle_beta   90.00
_cell.angle_gamma   90.00
#
_symmetry.space_group_name_H-M   'P 1'
#
loop_
_entity.id
_entity.type
_entity.pdbx_description
1 polymer 'Transient receptor potential cation channel subfamily V member 5'
2 non-polymer ERGOSTEROL
3 non-polymer 'S-{(3R,5R,9R)-1-[(2R,3S,4R,5R)-5-(6-amino-9H-purin-9-yl)-4-hydroxy-3-(phosphonooxy)tetrahydrofuran-2-yl]-3,5,9-trihydroxy-8,8-dimethyl-3,5-dioxido-10,14-dioxo-2,4,6-trioxa-11,15-diaza-3lambda~5~,5lambda~5~-diphosphaheptadecan-17-yl} (9Z)-octadec-9-enethioate (non-preferred name)'
4 non-polymer '(2S)-3-(hexadecanoyloxy)-2-[(9Z)-octadec-9-enoyloxy]propyl 2-(trimethylammonio)ethyl phosphate'
#
_entity_poly.entity_id   1
_entity_poly.type   'polypeptide(L)'
_entity_poly.pdbx_seq_one_letter_code
;MGACPPKAKGPWAQLQKLLISWPVGEQDWEQYRDRVNMLQQERIRDSPLLQAAKENDLRLLKILLLNQSCDFQQRGAVGE
TALHVAALYDNLEAATLLMEAAPELAKEPALCEPFVGQTALHIAVMNQNLNLVRALLARGASVSARATGAAFRRSPHNLI
YYGEHPLSFAACVGSEEIVRLLIEHGADIRAQDSLGNTVLHILILQPNKTFACQMYNLLLSYDEHSDHLQSLELVPNHQG
LTPFKLAGVEGNTVMFQHLMQKRKHVQWTCGPLTSTLYDLTEIDSWGEELSFLELVVSSKKREARQILEQTPVKELVSFK
WKKYGRPYFCVLASLYILYMICFTTCCIYRPLKLRDDNRTDPRDITILQQKLLQEAYVTHQDNIRLVGELVTVTGAVIIL
LLEIPDIFRVGASRYFGQTILGGPFHVIIITYASLVLLTMVMRLTNMNGEVVPLSFALVLGWCSVMYFARGFQMLGPFTI
MIQKMIFGDLMRFCWLMAVVILGFASAFHITFQTEDPNNLGEFSDYPTALFSTFELFLTIIDGPANYSVDLPFMYCITYA
AFAIIATLLMLNLFIAMMGDTHWRVAQERDELWRAQVVATTVMLERKMPRFLWPRSGICGYEYGLGDRWFLRVENHHDQN
PLRVLRYVEAFKCSDKEDGQEQLSEKRPSTVESGMLSRASVAFQTPSLSRTTSQSSNSHRGWEILRRNTLGHLNLGLDLG
EGDGEEVYHFTETSQVAPA
;
_entity_poly.pdbx_strand_id   A,B,C,D
#
# COMPACT_ATOMS: atom_id res chain seq x y z
N ASP A 28 19.63 -28.11 26.40
CA ASP A 28 18.66 -28.88 27.17
C ASP A 28 17.62 -27.98 27.81
N TRP A 29 17.24 -28.31 29.04
CA TRP A 29 16.31 -27.49 29.80
C TRP A 29 16.98 -26.18 30.21
N GLU A 30 16.22 -25.09 30.15
CA GLU A 30 16.77 -23.79 30.50
C GLU A 30 17.02 -23.67 32.00
N GLN A 31 16.13 -24.23 32.82
CA GLN A 31 16.29 -24.15 34.27
C GLN A 31 17.48 -24.99 34.74
N TYR A 32 17.71 -26.14 34.11
CA TYR A 32 18.86 -26.96 34.47
C TYR A 32 20.17 -26.28 34.11
N ARG A 33 20.23 -25.63 32.94
CA ARG A 33 21.44 -24.92 32.55
C ARG A 33 21.66 -23.68 33.43
N ASP A 34 20.57 -23.03 33.84
CA ASP A 34 20.69 -21.91 34.79
C ASP A 34 21.22 -22.37 36.13
N ARG A 35 20.73 -23.51 36.62
CA ARG A 35 21.22 -24.07 37.88
C ARG A 35 22.68 -24.49 37.76
N VAL A 36 23.06 -25.03 36.59
CA VAL A 36 24.45 -25.43 36.34
C VAL A 36 25.38 -24.22 36.34
N ASN A 37 24.97 -23.13 35.69
CA ASN A 37 25.80 -21.92 35.67
C ASN A 37 25.89 -21.27 37.06
N MET A 38 24.78 -21.25 37.81
CA MET A 38 24.80 -20.70 39.16
C MET A 38 25.67 -21.54 40.09
N LEU A 39 25.61 -22.87 39.96
CA LEU A 39 26.46 -23.74 40.77
C LEU A 39 27.92 -23.60 40.38
N GLN A 40 28.20 -23.40 39.08
CA GLN A 40 29.58 -23.20 38.63
C GLN A 40 30.16 -21.91 39.20
N GLN A 41 29.38 -20.82 39.17
CA GLN A 41 29.84 -19.57 39.77
C GLN A 41 29.96 -19.68 41.29
N GLU A 42 29.07 -20.46 41.92
CA GLU A 42 29.16 -20.69 43.36
C GLU A 42 30.43 -21.44 43.73
N ARG A 43 30.77 -22.48 42.97
CA ARG A 43 31.98 -23.24 43.27
C ARG A 43 33.24 -22.47 42.90
N ILE A 44 33.15 -21.55 41.94
CA ILE A 44 34.27 -20.66 41.66
C ILE A 44 34.48 -19.68 42.81
N ARG A 45 33.40 -19.09 43.31
CA ARG A 45 33.52 -18.10 44.38
C ARG A 45 33.86 -18.74 45.73
N ASP A 46 33.48 -19.99 45.94
CA ASP A 46 33.82 -20.66 47.19
C ASP A 46 35.29 -21.04 47.25
N SER A 47 35.82 -21.57 46.16
CA SER A 47 37.22 -22.00 46.14
C SER A 47 38.13 -20.79 45.99
N PRO A 48 39.12 -20.61 46.88
CA PRO A 48 40.02 -19.46 46.75
C PRO A 48 40.97 -19.56 45.55
N LEU A 49 41.38 -20.77 45.19
CA LEU A 49 42.21 -20.96 44.00
C LEU A 49 41.46 -20.60 42.73
N LEU A 50 40.20 -21.03 42.63
CA LEU A 50 39.38 -20.71 41.47
C LEU A 50 39.00 -19.24 41.45
N GLN A 51 38.78 -18.63 42.62
CA GLN A 51 38.50 -17.20 42.69
C GLN A 51 39.71 -16.38 42.25
N ALA A 52 40.90 -16.78 42.66
CA ALA A 52 42.12 -16.10 42.22
C ALA A 52 42.39 -16.32 40.74
N ALA A 53 42.02 -17.49 40.20
CA ALA A 53 42.17 -17.75 38.78
C ALA A 53 41.18 -16.92 37.96
N LYS A 54 39.97 -16.71 38.48
CA LYS A 54 38.99 -15.90 37.77
C LYS A 54 39.34 -14.42 37.82
N GLU A 55 39.72 -13.92 39.00
CA GLU A 55 39.96 -12.49 39.16
C GLU A 55 41.36 -12.06 38.77
N ASN A 56 42.21 -13.00 38.32
CA ASN A 56 43.61 -12.76 37.92
C ASN A 56 44.41 -12.13 39.06
N ASP A 57 44.16 -12.60 40.29
CA ASP A 57 44.92 -12.15 41.45
C ASP A 57 46.22 -12.94 41.46
N LEU A 58 47.31 -12.32 41.01
CA LEU A 58 48.57 -13.01 40.85
C LEU A 58 49.21 -13.34 42.20
N ARG A 59 49.06 -12.45 43.18
CA ARG A 59 49.69 -12.63 44.48
C ARG A 59 49.09 -13.81 45.24
N LEU A 60 47.76 -13.85 45.32
CA LEU A 60 47.08 -14.94 46.02
C LEU A 60 47.27 -16.27 45.31
N LEU A 61 47.28 -16.25 43.97
CA LEU A 61 47.52 -17.47 43.21
C LEU A 61 48.94 -17.99 43.40
N LYS A 62 49.93 -17.10 43.44
CA LYS A 62 51.30 -17.53 43.67
C LYS A 62 51.50 -18.01 45.10
N ILE A 63 50.78 -17.41 46.06
CA ILE A 63 50.83 -17.91 47.45
C ILE A 63 50.22 -19.30 47.55
N LEU A 64 49.17 -19.52 46.76
CA LEU A 64 48.55 -20.85 46.74
C LEU A 64 49.50 -21.84 46.08
N LEU A 65 49.90 -21.59 44.83
CA LEU A 65 50.78 -22.53 44.08
C LEU A 65 52.18 -22.67 44.70
N LEU A 66 52.85 -21.56 45.05
CA LEU A 66 54.17 -21.64 45.75
C LEU A 66 53.96 -22.40 47.05
N ASN A 67 52.81 -22.20 47.68
CA ASN A 67 52.48 -23.01 48.87
C ASN A 67 52.27 -24.43 48.35
N GLN A 68 52.47 -25.43 49.20
CA GLN A 68 52.16 -26.78 48.69
C GLN A 68 51.24 -27.45 49.69
N SER A 69 49.97 -27.03 49.72
CA SER A 69 48.98 -27.73 50.59
C SER A 69 48.66 -29.09 49.94
N CYS A 70 49.33 -29.41 48.82
CA CYS A 70 49.17 -30.73 48.15
C CYS A 70 47.84 -30.81 47.38
N ASP A 71 47.19 -29.67 47.15
CA ASP A 71 45.91 -29.65 46.38
C ASP A 71 46.06 -28.76 45.15
N PHE A 72 45.72 -29.27 43.95
CA PHE A 72 45.85 -28.46 42.71
C PHE A 72 44.80 -28.88 41.68
N GLN A 73 43.99 -29.89 41.98
CA GLN A 73 43.03 -30.40 40.97
C GLN A 73 41.59 -30.17 41.44
N GLN A 74 41.40 -29.25 42.38
CA GLN A 74 40.03 -28.90 42.83
C GLN A 74 39.14 -28.69 41.61
N ARG A 75 38.10 -29.52 41.45
CA ARG A 75 37.17 -29.35 40.35
C ARG A 75 35.98 -28.50 40.79
N GLY A 76 35.39 -27.80 39.82
CA GLY A 76 34.21 -27.00 40.07
C GLY A 76 32.94 -27.82 40.04
N ALA A 77 31.82 -27.12 39.88
CA ALA A 77 30.53 -27.81 39.80
C ALA A 77 30.38 -28.59 38.50
N VAL A 78 30.99 -28.12 37.42
CA VAL A 78 30.96 -28.81 36.14
C VAL A 78 32.19 -29.68 35.93
N GLY A 79 33.00 -29.88 36.96
CA GLY A 79 34.23 -30.61 36.81
C GLY A 79 35.36 -29.83 36.16
N GLU A 80 35.22 -28.52 36.02
CA GLU A 80 36.26 -27.70 35.43
C GLU A 80 37.44 -27.56 36.38
N THR A 81 38.64 -27.56 35.81
CA THR A 81 39.85 -27.30 36.59
C THR A 81 40.03 -25.80 36.80
N ALA A 82 41.06 -25.43 37.54
CA ALA A 82 41.40 -24.02 37.69
C ALA A 82 41.95 -23.44 36.39
N LEU A 83 42.54 -24.28 35.54
CA LEU A 83 42.98 -23.85 34.21
C LEU A 83 41.80 -23.50 33.32
N HIS A 84 40.68 -24.21 33.47
CA HIS A 84 39.47 -23.88 32.72
C HIS A 84 38.92 -22.52 33.15
N VAL A 85 38.97 -22.22 34.45
CA VAL A 85 38.51 -20.92 34.94
C VAL A 85 39.45 -19.82 34.48
N ALA A 86 40.75 -20.11 34.44
CA ALA A 86 41.72 -19.12 33.96
C ALA A 86 41.56 -18.84 32.48
N ALA A 87 41.26 -19.87 31.68
CA ALA A 87 41.04 -19.68 30.25
C ALA A 87 39.68 -19.06 29.97
N LEU A 88 38.71 -19.25 30.87
CA LEU A 88 37.35 -18.77 30.61
C LEU A 88 37.24 -17.25 30.72
N TYR A 89 38.01 -16.64 31.61
CA TYR A 89 37.90 -15.22 31.88
C TYR A 89 39.07 -14.41 31.31
N ASP A 90 39.80 -14.99 30.35
CA ASP A 90 40.94 -14.38 29.67
C ASP A 90 42.03 -13.94 30.65
N ASN A 91 42.55 -14.92 31.37
CA ASN A 91 43.61 -14.71 32.37
C ASN A 91 44.83 -15.50 31.91
N LEU A 92 45.65 -14.88 31.07
CA LEU A 92 46.83 -15.57 30.52
C LEU A 92 47.90 -15.77 31.58
N GLU A 93 48.12 -14.76 32.43
CA GLU A 93 49.14 -14.85 33.46
C GLU A 93 48.78 -15.90 34.51
N ALA A 94 47.51 -15.94 34.92
CA ALA A 94 47.06 -16.94 35.88
C ALA A 94 47.11 -18.35 35.28
N ALA A 95 46.82 -18.46 33.99
CA ALA A 95 46.89 -19.77 33.33
C ALA A 95 48.32 -20.25 33.20
N THR A 96 49.26 -19.33 32.90
CA THR A 96 50.67 -19.72 32.86
C THR A 96 51.20 -20.09 34.24
N LEU A 97 50.74 -19.39 35.29
CA LEU A 97 51.09 -19.77 36.64
C LEU A 97 50.53 -21.14 37.01
N LEU A 98 49.29 -21.43 36.59
CA LEU A 98 48.71 -22.74 36.84
C LEU A 98 49.32 -23.84 36.00
N MET A 99 49.96 -23.49 34.88
CA MET A 99 50.64 -24.48 34.06
C MET A 99 52.10 -24.68 34.43
N GLU A 100 52.71 -23.71 35.12
CA GLU A 100 54.09 -23.90 35.59
C GLU A 100 54.16 -24.96 36.68
N ALA A 101 53.21 -24.94 37.61
CA ALA A 101 53.14 -25.94 38.66
C ALA A 101 51.99 -26.89 38.36
N ALA A 102 52.30 -28.21 38.34
CA ALA A 102 51.42 -29.30 37.96
C ALA A 102 50.80 -29.07 36.57
N PRO A 103 51.56 -29.24 35.49
CA PRO A 103 51.03 -28.94 34.15
C PRO A 103 50.03 -29.96 33.63
N GLU A 104 49.71 -31.01 34.38
CA GLU A 104 48.77 -32.04 33.96
C GLU A 104 47.35 -31.52 33.77
N LEU A 105 47.04 -30.34 34.33
CA LEU A 105 45.78 -29.64 34.06
C LEU A 105 45.60 -29.28 32.58
N ALA A 106 46.69 -29.25 31.80
CA ALA A 106 46.56 -29.07 30.36
C ALA A 106 45.92 -30.26 29.67
N LYS A 107 45.84 -31.42 30.33
CA LYS A 107 45.23 -32.62 29.76
C LYS A 107 44.06 -33.11 30.62
N GLU A 108 43.24 -32.19 31.10
CA GLU A 108 42.11 -32.53 31.96
C GLU A 108 40.81 -31.98 31.40
N PRO A 109 39.89 -32.83 30.96
CA PRO A 109 38.56 -32.37 30.55
C PRO A 109 37.60 -32.26 31.73
N ALA A 110 36.48 -31.59 31.48
CA ALA A 110 35.45 -31.48 32.50
C ALA A 110 34.71 -32.81 32.63
N LEU A 111 34.12 -33.02 33.82
CA LEU A 111 33.54 -34.30 34.19
C LEU A 111 32.09 -34.14 34.64
N CYS A 112 31.30 -33.41 33.86
CA CYS A 112 29.89 -33.24 34.17
C CYS A 112 29.11 -33.05 32.88
N GLU A 113 27.78 -33.13 32.99
CA GLU A 113 26.91 -33.28 31.82
C GLU A 113 26.95 -32.12 30.81
N PRO A 114 26.82 -30.84 31.17
CA PRO A 114 26.75 -29.81 30.12
C PRO A 114 28.08 -29.47 29.47
N PHE A 115 29.21 -29.99 29.97
CA PHE A 115 30.51 -29.64 29.40
C PHE A 115 31.46 -30.83 29.33
N VAL A 116 30.92 -32.04 29.13
CA VAL A 116 31.77 -33.24 29.15
C VAL A 116 32.62 -33.29 27.90
N GLY A 117 33.95 -33.39 28.09
CA GLY A 117 34.89 -33.42 27.00
C GLY A 117 35.57 -32.09 26.71
N GLN A 118 35.08 -31.00 27.30
CA GLN A 118 35.68 -29.69 27.07
C GLN A 118 36.95 -29.53 27.88
N THR A 119 38.04 -29.18 27.22
CA THR A 119 39.31 -28.91 27.86
C THR A 119 39.54 -27.40 27.90
N ALA A 120 40.70 -27.01 28.43
CA ALA A 120 41.08 -25.60 28.42
C ALA A 120 41.45 -25.13 27.01
N LEU A 121 41.83 -26.06 26.13
CA LEU A 121 42.16 -25.71 24.75
C LEU A 121 40.94 -25.20 24.00
N HIS A 122 39.77 -25.79 24.26
CA HIS A 122 38.54 -25.34 23.61
C HIS A 122 38.18 -23.91 24.00
N ILE A 123 38.28 -23.59 25.29
CA ILE A 123 37.95 -22.25 25.76
C ILE A 123 39.00 -21.25 25.31
N ALA A 124 40.26 -21.66 25.29
CA ALA A 124 41.33 -20.79 24.81
C ALA A 124 41.20 -20.49 23.32
N VAL A 125 40.74 -21.47 22.56
CA VAL A 125 40.48 -21.26 21.13
C VAL A 125 39.28 -20.35 20.92
N MET A 126 38.20 -20.59 21.69
CA MET A 126 36.98 -19.78 21.53
C MET A 126 37.19 -18.33 21.96
N ASN A 127 38.06 -18.09 22.94
CA ASN A 127 38.35 -16.73 23.37
C ASN A 127 39.40 -16.04 22.51
N GLN A 128 39.96 -16.75 21.51
CA GLN A 128 40.98 -16.24 20.57
C GLN A 128 42.22 -15.73 21.30
N ASN A 129 42.58 -16.40 22.40
CA ASN A 129 43.79 -16.08 23.13
C ASN A 129 44.91 -16.91 22.53
N LEU A 130 45.60 -16.34 21.54
CA LEU A 130 46.58 -17.06 20.75
C LEU A 130 47.79 -17.49 21.57
N ASN A 131 48.25 -16.63 22.49
CA ASN A 131 49.36 -16.98 23.37
C ASN A 131 48.96 -18.09 24.33
N LEU A 132 47.71 -18.13 24.76
CA LEU A 132 47.24 -19.20 25.63
C LEU A 132 47.17 -20.52 24.89
N VAL A 133 46.78 -20.50 23.61
CA VAL A 133 46.76 -21.72 22.80
C VAL A 133 48.19 -22.19 22.54
N ARG A 134 49.11 -21.25 22.32
CA ARG A 134 50.52 -21.60 22.17
C ARG A 134 51.09 -22.23 23.44
N ALA A 135 50.75 -21.67 24.60
CA ALA A 135 51.23 -22.21 25.86
C ALA A 135 50.61 -23.58 26.16
N LEU A 136 49.33 -23.76 25.84
CA LEU A 136 48.68 -25.05 26.07
C LEU A 136 49.24 -26.13 25.13
N LEU A 137 49.52 -25.78 23.88
CA LEU A 137 50.14 -26.74 22.98
C LEU A 137 51.60 -26.98 23.33
N ALA A 138 52.25 -26.02 23.98
CA ALA A 138 53.59 -26.25 24.50
C ALA A 138 53.57 -27.21 25.68
N ARG A 139 52.56 -27.09 26.54
CA ARG A 139 52.44 -28.00 27.68
C ARG A 139 51.76 -29.32 27.33
N GLY A 140 51.33 -29.49 26.08
CA GLY A 140 50.78 -30.76 25.66
C GLY A 140 49.28 -30.88 25.80
N ALA A 141 48.55 -29.92 25.26
CA ALA A 141 47.09 -30.02 25.24
C ALA A 141 46.65 -31.06 24.22
N SER A 142 45.51 -31.70 24.51
CA SER A 142 44.94 -32.68 23.61
C SER A 142 44.34 -31.98 22.41
N VAL A 143 44.99 -32.10 21.25
CA VAL A 143 44.54 -31.41 20.05
C VAL A 143 43.34 -32.07 19.40
N SER A 144 43.03 -33.31 19.78
CA SER A 144 41.87 -34.03 19.26
C SER A 144 40.87 -34.30 20.36
N ALA A 145 40.66 -33.32 21.23
CA ALA A 145 39.77 -33.48 22.38
C ALA A 145 38.33 -33.39 21.90
N ARG A 146 37.65 -34.52 21.87
CA ARG A 146 36.27 -34.60 21.39
C ARG A 146 35.34 -34.22 22.52
N ALA A 147 34.78 -33.01 22.45
CA ALA A 147 33.89 -32.50 23.49
C ALA A 147 32.46 -32.93 23.19
N THR A 148 32.04 -34.04 23.81
CA THR A 148 30.68 -34.55 23.62
C THR A 148 29.72 -33.99 24.66
N GLY A 149 29.72 -32.67 24.82
CA GLY A 149 28.89 -32.04 25.82
C GLY A 149 27.47 -31.81 25.37
N ALA A 150 26.61 -31.51 26.35
CA ALA A 150 25.24 -31.16 26.03
C ALA A 150 25.13 -29.77 25.44
N ALA A 151 26.06 -28.88 25.79
CA ALA A 151 26.05 -27.53 25.26
C ALA A 151 26.76 -27.39 23.93
N PHE A 152 27.45 -28.43 23.46
CA PHE A 152 28.17 -28.39 22.20
C PHE A 152 27.44 -29.11 21.08
N ARG A 153 26.21 -29.57 21.32
CA ARG A 153 25.43 -30.23 20.30
C ARG A 153 24.62 -29.21 19.51
N ARG A 154 24.34 -29.53 18.25
CA ARG A 154 23.51 -28.68 17.42
C ARG A 154 22.05 -28.82 17.86
N SER A 155 21.52 -27.76 18.45
CA SER A 155 20.16 -27.78 18.99
C SER A 155 19.66 -26.35 19.06
N PRO A 156 18.34 -26.14 19.05
CA PRO A 156 17.81 -24.79 19.30
C PRO A 156 18.05 -24.29 20.71
N HIS A 157 18.36 -25.17 21.67
CA HIS A 157 18.71 -24.72 23.01
C HIS A 157 20.05 -23.99 23.02
N ASN A 158 21.02 -24.47 22.25
CA ASN A 158 22.32 -23.82 22.17
C ASN A 158 22.29 -22.68 21.15
N LEU A 159 22.91 -21.56 21.51
CA LEU A 159 22.93 -20.42 20.60
C LEU A 159 23.91 -20.63 19.46
N ILE A 160 24.95 -21.42 19.66
CA ILE A 160 25.96 -21.67 18.64
C ILE A 160 26.19 -23.16 18.50
N TYR A 161 26.68 -23.56 17.34
CA TYR A 161 27.15 -24.91 17.07
C TYR A 161 28.50 -24.76 16.37
N TYR A 162 29.58 -24.82 17.15
CA TYR A 162 30.92 -24.65 16.62
C TYR A 162 31.63 -25.96 16.35
N GLY A 163 31.11 -27.08 16.88
CA GLY A 163 31.68 -28.38 16.59
C GLY A 163 32.00 -29.12 17.87
N GLU A 164 32.90 -30.09 17.75
CA GLU A 164 33.35 -30.87 18.89
C GLU A 164 34.87 -30.96 18.97
N HIS A 165 35.60 -30.25 18.12
CA HIS A 165 37.05 -30.30 18.05
C HIS A 165 37.63 -28.90 18.13
N PRO A 166 38.86 -28.76 18.62
CA PRO A 166 39.50 -27.43 18.61
C PRO A 166 39.72 -26.86 17.22
N LEU A 167 39.99 -27.70 16.23
CA LEU A 167 40.10 -27.22 14.85
C LEU A 167 38.76 -26.71 14.33
N SER A 168 37.66 -27.41 14.66
CA SER A 168 36.33 -26.95 14.29
C SER A 168 35.98 -25.64 15.00
N PHE A 169 36.35 -25.52 16.28
CA PHE A 169 36.12 -24.28 17.03
C PHE A 169 36.89 -23.12 16.43
N ALA A 170 38.16 -23.35 16.07
CA ALA A 170 38.98 -22.29 15.50
C ALA A 170 38.54 -21.90 14.11
N ALA A 171 38.06 -22.86 13.32
CA ALA A 171 37.55 -22.54 11.99
C ALA A 171 36.23 -21.78 12.08
N CYS A 172 35.38 -22.13 13.04
CA CYS A 172 34.09 -21.47 13.16
C CYS A 172 34.19 -20.09 13.78
N VAL A 173 35.15 -19.87 14.69
CA VAL A 173 35.27 -18.55 15.30
C VAL A 173 35.81 -17.53 14.29
N GLY A 174 36.92 -17.86 13.63
CA GLY A 174 37.41 -16.99 12.58
C GLY A 174 38.88 -16.63 12.64
N SER A 175 39.61 -17.18 13.60
CA SER A 175 41.03 -16.90 13.75
C SER A 175 41.82 -17.89 12.88
N GLU A 176 42.33 -17.41 11.75
CA GLU A 176 43.07 -18.28 10.82
C GLU A 176 44.42 -18.71 11.40
N GLU A 177 45.03 -17.86 12.22
CA GLU A 177 46.34 -18.19 12.79
C GLU A 177 46.24 -19.35 13.78
N ILE A 178 45.15 -19.41 14.55
CA ILE A 178 44.93 -20.53 15.45
C ILE A 178 44.64 -21.81 14.66
N VAL A 179 43.97 -21.68 13.50
CA VAL A 179 43.75 -22.83 12.63
C VAL A 179 45.07 -23.38 12.11
N ARG A 180 45.96 -22.48 11.66
CA ARG A 180 47.28 -22.90 11.19
C ARG A 180 48.11 -23.51 12.31
N LEU A 181 48.01 -22.94 13.53
CA LEU A 181 48.73 -23.47 14.68
C LEU A 181 48.25 -24.85 15.08
N LEU A 182 46.94 -25.07 15.04
CA LEU A 182 46.40 -26.39 15.39
C LEU A 182 46.71 -27.43 14.33
N ILE A 183 46.71 -27.01 13.06
CA ILE A 183 47.04 -27.94 11.97
C ILE A 183 48.52 -28.31 12.02
N GLU A 184 49.39 -27.34 12.32
CA GLU A 184 50.82 -27.61 12.45
C GLU A 184 51.16 -28.52 13.61
N HIS A 185 50.31 -28.57 14.65
CA HIS A 185 50.54 -29.48 15.75
C HIS A 185 49.87 -30.84 15.57
N GLY A 186 49.10 -31.03 14.49
CA GLY A 186 48.61 -32.34 14.15
C GLY A 186 47.13 -32.59 14.39
N ALA A 187 46.32 -31.55 14.30
CA ALA A 187 44.87 -31.72 14.40
C ALA A 187 44.34 -32.33 13.12
N ASP A 188 43.57 -33.40 13.24
CA ASP A 188 43.04 -34.09 12.07
C ASP A 188 41.90 -33.28 11.47
N ILE A 189 42.04 -32.94 10.18
CA ILE A 189 40.98 -32.20 9.50
C ILE A 189 39.79 -33.10 9.23
N ARG A 190 40.02 -34.39 9.04
CA ARG A 190 38.96 -35.35 8.72
C ARG A 190 38.41 -35.98 10.00
N ALA A 191 37.90 -35.14 10.89
CA ALA A 191 37.32 -35.57 12.15
C ALA A 191 35.86 -35.15 12.19
N GLN A 192 35.00 -36.03 12.69
CA GLN A 192 33.57 -35.85 12.64
C GLN A 192 32.98 -35.68 14.04
N ASP A 193 31.78 -35.11 14.08
CA ASP A 193 31.06 -34.86 15.32
C ASP A 193 30.15 -36.05 15.64
N SER A 194 29.22 -35.84 16.58
CA SER A 194 28.19 -36.84 16.86
C SER A 194 27.19 -36.93 15.71
N LEU A 195 27.01 -35.85 14.97
CA LEU A 195 26.20 -35.86 13.76
C LEU A 195 26.99 -36.23 12.52
N GLY A 196 28.26 -36.58 12.66
CA GLY A 196 29.10 -36.92 11.54
C GLY A 196 29.68 -35.75 10.79
N ASN A 197 29.44 -34.53 11.25
CA ASN A 197 29.86 -33.35 10.51
C ASN A 197 31.36 -33.13 10.63
N THR A 198 32.03 -32.99 9.50
CA THR A 198 33.43 -32.58 9.49
C THR A 198 33.51 -31.07 9.64
N VAL A 199 34.73 -30.53 9.56
CA VAL A 199 34.94 -29.11 9.81
C VAL A 199 34.32 -28.25 8.69
N LEU A 200 34.20 -28.81 7.49
CA LEU A 200 33.57 -28.07 6.39
C LEU A 200 32.07 -27.91 6.62
N HIS A 201 31.42 -28.94 7.17
CA HIS A 201 29.99 -28.88 7.44
C HIS A 201 29.67 -27.82 8.49
N ILE A 202 30.41 -27.83 9.61
CA ILE A 202 30.18 -26.86 10.67
C ILE A 202 30.59 -25.46 10.24
N LEU A 203 31.58 -25.37 9.34
CA LEU A 203 31.96 -24.08 8.79
C LEU A 203 30.87 -23.52 7.88
N ILE A 204 30.19 -24.40 7.14
CA ILE A 204 29.05 -23.97 6.31
C ILE A 204 27.88 -23.58 7.18
N LEU A 205 27.67 -24.27 8.31
CA LEU A 205 26.53 -24.02 9.18
C LEU A 205 26.58 -22.69 9.92
N GLN A 206 27.70 -21.97 9.89
CA GLN A 206 27.79 -20.69 10.59
C GLN A 206 26.95 -19.62 9.88
N PRO A 207 26.37 -18.69 10.63
CA PRO A 207 25.60 -17.62 9.97
C PRO A 207 26.45 -16.59 9.25
N ASN A 208 27.57 -16.17 9.83
CA ASN A 208 28.44 -15.22 9.17
C ASN A 208 29.22 -15.91 8.06
N LYS A 209 29.22 -15.32 6.87
CA LYS A 209 29.71 -15.97 5.68
C LYS A 209 30.84 -15.22 4.98
N THR A 210 31.28 -14.07 5.51
CA THR A 210 32.38 -13.35 4.88
C THR A 210 33.70 -14.08 5.08
N PHE A 211 33.99 -14.49 6.32
CA PHE A 211 35.23 -15.21 6.61
C PHE A 211 35.12 -16.71 6.34
N ALA A 212 33.90 -17.21 6.13
CA ALA A 212 33.70 -18.65 5.97
C ALA A 212 34.30 -19.15 4.66
N CYS A 213 34.25 -18.33 3.60
CA CYS A 213 34.85 -18.72 2.33
C CYS A 213 36.36 -18.78 2.43
N GLN A 214 36.98 -17.82 3.12
CA GLN A 214 38.43 -17.83 3.30
C GLN A 214 38.87 -18.99 4.20
N MET A 215 38.07 -19.30 5.23
CA MET A 215 38.40 -20.44 6.08
C MET A 215 38.23 -21.76 5.35
N TYR A 216 37.23 -21.83 4.45
CA TYR A 216 37.05 -23.00 3.60
C TYR A 216 38.23 -23.18 2.65
N ASN A 217 38.72 -22.06 2.08
CA ASN A 217 39.92 -22.10 1.23
C ASN A 217 41.14 -22.54 2.01
N LEU A 218 41.29 -22.07 3.25
CA LEU A 218 42.43 -22.46 4.09
C LEU A 218 42.39 -23.93 4.45
N LEU A 219 41.21 -24.44 4.83
CA LEU A 219 41.09 -25.85 5.20
C LEU A 219 41.22 -26.77 4.00
N LEU A 220 40.83 -26.31 2.80
CA LEU A 220 41.11 -27.09 1.60
C LEU A 220 42.58 -27.03 1.22
N SER A 221 43.23 -25.90 1.46
CA SER A 221 44.65 -25.77 1.13
C SER A 221 45.52 -26.62 2.05
N TYR A 222 45.10 -26.81 3.30
CA TYR A 222 45.88 -27.63 4.21
C TYR A 222 45.61 -29.12 4.06
N ASP A 223 44.77 -29.50 3.09
CA ASP A 223 44.44 -30.92 2.86
C ASP A 223 45.58 -31.58 2.08
N GLU A 224 46.81 -31.46 2.58
CA GLU A 224 47.99 -32.05 1.91
C GLU A 224 47.78 -33.57 1.75
N HIS A 225 46.98 -34.16 2.65
CA HIS A 225 46.68 -35.62 2.56
C HIS A 225 46.25 -35.93 1.12
N SER A 226 45.18 -35.29 0.64
CA SER A 226 44.73 -35.48 -0.76
C SER A 226 45.02 -36.91 -1.22
N ASP A 227 44.51 -37.91 -0.50
CA ASP A 227 44.78 -39.33 -0.85
C ASP A 227 43.55 -39.94 -1.51
N LEU A 229 42.03 -42.30 -0.13
CA LEU A 229 41.09 -41.43 0.60
C LEU A 229 40.33 -40.55 -0.40
N GLN A 230 39.31 -39.85 0.06
CA GLN A 230 38.57 -38.91 -0.80
C GLN A 230 38.73 -37.52 -0.21
N SER A 231 38.47 -36.48 -1.02
CA SER A 231 38.68 -35.10 -0.54
C SER A 231 37.71 -34.82 0.60
N LEU A 232 38.04 -33.87 1.46
CA LEU A 232 37.17 -33.63 2.64
C LEU A 232 35.79 -33.33 2.11
N GLU A 233 35.69 -32.61 0.99
CA GLU A 233 34.38 -32.22 0.39
C GLU A 233 33.48 -33.44 0.17
N LEU A 234 34.01 -34.58 -0.24
CA LEU A 234 33.24 -35.77 -0.53
C LEU A 234 32.94 -36.60 0.71
N VAL A 235 33.24 -36.09 1.90
CA VAL A 235 33.02 -36.83 3.14
C VAL A 235 31.60 -36.55 3.61
N PRO A 236 30.73 -37.56 3.67
CA PRO A 236 29.36 -37.33 4.14
C PRO A 236 29.25 -37.43 5.66
N ASN A 237 28.21 -36.77 6.18
CA ASN A 237 27.91 -36.84 7.60
C ASN A 237 26.97 -38.01 7.86
N HIS A 238 26.40 -38.08 9.06
CA HIS A 238 25.50 -39.18 9.40
C HIS A 238 24.16 -39.06 8.70
N GLN A 239 23.77 -37.87 8.26
CA GLN A 239 22.57 -37.71 7.44
C GLN A 239 22.82 -37.99 5.97
N GLY A 240 24.07 -38.25 5.58
CA GLY A 240 24.38 -38.53 4.20
C GLY A 240 24.55 -37.32 3.31
N LEU A 241 24.88 -36.17 3.87
CA LEU A 241 25.02 -34.94 3.10
C LEU A 241 26.49 -34.57 2.95
N THR A 242 26.90 -34.33 1.72
CA THR A 242 28.18 -33.71 1.45
C THR A 242 28.11 -32.23 1.82
N PRO A 243 29.26 -31.54 1.97
CA PRO A 243 29.22 -30.08 2.18
C PRO A 243 28.54 -29.31 1.07
N PHE A 244 28.61 -29.78 -0.18
CA PHE A 244 27.84 -29.16 -1.24
C PHE A 244 26.34 -29.34 -1.01
N LYS A 245 25.93 -30.54 -0.63
CA LYS A 245 24.51 -30.79 -0.33
C LYS A 245 24.07 -30.05 0.92
N LEU A 246 24.96 -29.90 1.91
CA LEU A 246 24.59 -29.15 3.11
C LEU A 246 24.49 -27.65 2.82
N ALA A 247 25.33 -27.14 1.93
CA ALA A 247 25.18 -25.76 1.50
C ALA A 247 23.90 -25.56 0.69
N GLY A 248 23.49 -26.58 -0.07
CA GLY A 248 22.22 -26.50 -0.75
C GLY A 248 21.01 -26.55 0.18
N VAL A 249 21.06 -27.42 1.18
CA VAL A 249 19.91 -27.63 2.06
C VAL A 249 19.70 -26.42 2.97
N GLU A 250 20.77 -25.93 3.58
CA GLU A 250 20.67 -24.84 4.55
C GLU A 250 20.51 -23.47 3.92
N GLY A 251 20.53 -23.38 2.59
CA GLY A 251 20.36 -22.10 1.93
C GLY A 251 21.56 -21.19 1.99
N ASN A 252 22.74 -21.74 2.23
CA ASN A 252 23.96 -20.95 2.28
C ASN A 252 24.35 -20.60 0.85
N THR A 253 23.84 -19.46 0.37
CA THR A 253 24.05 -19.08 -1.01
C THR A 253 25.49 -18.63 -1.27
N VAL A 254 26.12 -17.99 -0.29
CA VAL A 254 27.50 -17.50 -0.47
C VAL A 254 28.46 -18.68 -0.55
N MET A 255 28.29 -19.67 0.32
CA MET A 255 29.11 -20.87 0.24
C MET A 255 28.79 -21.69 -1.00
N PHE A 256 27.55 -21.63 -1.48
CA PHE A 256 27.21 -22.28 -2.75
C PHE A 256 27.93 -21.64 -3.92
N GLN A 257 27.99 -20.30 -3.95
CA GLN A 257 28.72 -19.59 -5.00
C GLN A 257 30.20 -19.88 -4.91
N HIS A 258 30.75 -19.93 -3.69
CA HIS A 258 32.17 -20.24 -3.54
C HIS A 258 32.47 -21.67 -3.94
N LEU A 259 31.54 -22.60 -3.72
CA LEU A 259 31.75 -23.98 -4.14
C LEU A 259 31.65 -24.13 -5.65
N MET A 260 30.74 -23.38 -6.28
CA MET A 260 30.63 -23.44 -7.74
C MET A 260 31.72 -22.66 -8.45
N GLN A 261 32.41 -21.76 -7.75
CA GLN A 261 33.58 -21.12 -8.36
C GLN A 261 34.73 -22.11 -8.55
N LYS A 262 34.82 -23.12 -7.70
CA LYS A 262 35.87 -24.12 -7.80
C LYS A 262 35.54 -25.25 -8.77
N ARG A 263 34.31 -25.31 -9.27
CA ARG A 263 33.88 -26.40 -10.14
C ARG A 263 33.46 -25.92 -11.52
N LYS A 264 33.78 -24.67 -11.86
CA LYS A 264 33.46 -24.10 -13.16
C LYS A 264 34.75 -23.97 -13.97
N HIS A 265 34.59 -23.96 -15.29
CA HIS A 265 35.71 -23.76 -16.21
C HIS A 265 35.28 -22.78 -17.28
N VAL A 266 35.97 -21.65 -17.35
CA VAL A 266 35.65 -20.61 -18.33
C VAL A 266 36.18 -21.07 -19.69
N GLN A 267 35.26 -21.34 -20.63
CA GLN A 267 35.67 -21.77 -21.95
C GLN A 267 36.32 -20.64 -22.73
N TRP A 268 35.62 -19.51 -22.87
CA TRP A 268 36.21 -18.36 -23.52
C TRP A 268 35.54 -17.08 -23.06
N THR A 269 36.20 -15.97 -23.37
CA THR A 269 35.70 -14.63 -23.03
C THR A 269 36.01 -13.73 -24.22
N CYS A 270 34.99 -13.46 -25.04
CA CYS A 270 35.12 -12.62 -26.22
C CYS A 270 34.27 -11.38 -26.01
N GLY A 271 34.94 -10.23 -25.84
CA GLY A 271 34.27 -8.98 -25.59
C GLY A 271 33.51 -8.99 -24.28
N PRO A 272 32.19 -8.78 -24.35
CA PRO A 272 31.35 -8.94 -23.17
C PRO A 272 30.76 -10.33 -22.99
N LEU A 273 30.99 -11.25 -23.92
CA LEU A 273 30.39 -12.58 -23.87
C LEU A 273 31.37 -13.55 -23.21
N THR A 274 31.01 -14.04 -22.03
CA THR A 274 31.81 -15.04 -21.31
C THR A 274 31.04 -16.35 -21.34
N SER A 275 31.64 -17.37 -21.94
CA SER A 275 31.07 -18.71 -21.95
C SER A 275 31.89 -19.58 -21.02
N THR A 276 31.23 -20.11 -19.98
CA THR A 276 31.81 -20.99 -18.98
C THR A 276 31.11 -22.35 -19.04
N LEU A 277 31.72 -23.33 -18.37
CA LEU A 277 31.28 -24.72 -18.46
C LEU A 277 31.19 -25.30 -17.04
N TYR A 278 30.03 -25.17 -16.41
CA TYR A 278 29.85 -25.67 -15.06
C TYR A 278 29.77 -27.19 -15.05
N ASP A 279 30.19 -27.77 -13.93
CA ASP A 279 30.20 -29.22 -13.74
C ASP A 279 28.94 -29.62 -12.98
N LEU A 280 28.26 -30.64 -13.48
CA LEU A 280 27.00 -31.12 -12.90
C LEU A 280 27.14 -32.49 -12.25
N THR A 281 28.31 -32.78 -11.67
CA THR A 281 28.48 -34.06 -11.00
C THR A 281 27.70 -34.11 -9.69
N GLU A 282 27.63 -32.99 -8.98
CA GLU A 282 26.94 -32.94 -7.70
C GLU A 282 25.55 -32.30 -7.77
N ILE A 283 25.35 -31.34 -8.69
CA ILE A 283 24.05 -30.68 -8.79
C ILE A 283 23.01 -31.62 -9.39
N ASP A 284 23.37 -32.35 -10.45
CA ASP A 284 22.40 -33.23 -11.10
C ASP A 284 22.13 -34.48 -10.26
N SER A 285 23.20 -35.04 -9.68
CA SER A 285 23.16 -36.24 -8.82
C SER A 285 22.55 -37.44 -9.55
N TRP A 286 23.25 -37.87 -10.60
CA TRP A 286 22.82 -39.02 -11.37
C TRP A 286 23.01 -40.30 -10.57
N GLY A 287 21.98 -41.15 -10.54
CA GLY A 287 22.05 -42.42 -9.86
C GLY A 287 22.19 -42.35 -8.35
N GLU A 288 21.42 -41.49 -7.70
CA GLU A 288 21.44 -41.36 -6.25
C GLU A 288 20.02 -41.48 -5.72
N GLU A 289 19.92 -41.87 -4.45
CA GLU A 289 18.62 -42.00 -3.80
C GLU A 289 17.95 -40.64 -3.60
N LEU A 290 18.69 -39.67 -3.06
CA LEU A 290 18.21 -38.32 -2.87
C LEU A 290 19.08 -37.39 -3.68
N SER A 291 18.50 -36.77 -4.71
CA SER A 291 19.24 -35.84 -5.55
C SER A 291 19.46 -34.53 -4.81
N PHE A 292 20.33 -33.70 -5.36
CA PHE A 292 20.61 -32.39 -4.77
C PHE A 292 19.41 -31.48 -4.82
N LEU A 293 18.68 -31.47 -5.94
CA LEU A 293 17.53 -30.59 -6.09
C LEU A 293 16.36 -31.02 -5.21
N GLU A 294 16.20 -32.33 -4.99
CA GLU A 294 15.18 -32.82 -4.07
C GLU A 294 15.50 -32.40 -2.64
N LEU A 295 16.77 -32.44 -2.25
CA LEU A 295 17.17 -32.00 -0.92
C LEU A 295 17.03 -30.49 -0.76
N VAL A 296 17.27 -29.72 -1.83
CA VAL A 296 17.12 -28.27 -1.77
C VAL A 296 15.66 -27.89 -1.63
N VAL A 297 14.78 -28.50 -2.44
CA VAL A 297 13.37 -28.15 -2.41
C VAL A 297 12.70 -28.62 -1.13
N SER A 298 12.95 -29.88 -0.75
CA SER A 298 12.36 -30.43 0.48
C SER A 298 13.26 -30.07 1.67
N SER A 299 13.24 -28.78 2.00
CA SER A 299 14.03 -28.25 3.10
C SER A 299 13.15 -27.35 3.96
N LYS A 300 13.32 -27.46 5.27
CA LYS A 300 12.47 -26.68 6.18
C LYS A 300 12.86 -25.21 6.21
N LYS A 301 14.09 -24.89 5.86
CA LYS A 301 14.53 -23.49 5.87
C LYS A 301 13.93 -22.72 4.71
N ARG A 302 13.59 -21.46 4.96
CA ARG A 302 13.05 -20.61 3.91
C ARG A 302 14.14 -20.15 2.95
N GLU A 303 15.38 -20.07 3.42
CA GLU A 303 16.49 -19.59 2.59
C GLU A 303 16.97 -20.62 1.57
N ALA A 304 16.47 -21.85 1.63
CA ALA A 304 16.87 -22.87 0.67
C ALA A 304 16.30 -22.63 -0.72
N ARG A 305 15.24 -21.82 -0.84
CA ARG A 305 14.66 -21.52 -2.15
C ARG A 305 15.51 -20.55 -2.95
N GLN A 306 16.51 -19.91 -2.35
CA GLN A 306 17.40 -19.03 -3.10
C GLN A 306 18.52 -19.80 -3.79
N ILE A 307 18.72 -21.07 -3.46
CA ILE A 307 19.69 -21.89 -4.18
C ILE A 307 19.24 -22.13 -5.61
N LEU A 308 17.92 -22.23 -5.83
CA LEU A 308 17.37 -22.41 -7.17
C LEU A 308 17.55 -21.17 -8.05
N GLU A 309 17.82 -20.01 -7.46
CA GLU A 309 18.09 -18.79 -8.21
C GLU A 309 19.55 -18.67 -8.64
N GLN A 310 20.43 -19.56 -8.16
CA GLN A 310 21.84 -19.44 -8.44
C GLN A 310 22.15 -19.85 -9.88
N THR A 311 23.41 -19.62 -10.29
CA THR A 311 23.75 -19.61 -11.70
C THR A 311 23.63 -20.98 -12.41
N PRO A 312 24.19 -22.11 -11.90
CA PRO A 312 24.03 -23.35 -12.67
C PRO A 312 22.64 -23.96 -12.50
N VAL A 313 22.08 -23.83 -11.30
CA VAL A 313 20.83 -24.50 -10.94
C VAL A 313 19.66 -23.92 -11.72
N LYS A 314 19.63 -22.60 -11.88
CA LYS A 314 18.54 -21.94 -12.60
C LYS A 314 18.50 -22.35 -14.07
N GLU A 315 19.66 -22.35 -14.73
CA GLU A 315 19.74 -22.79 -16.11
C GLU A 315 19.44 -24.28 -16.25
N LEU A 316 19.86 -25.08 -15.28
CA LEU A 316 19.62 -26.53 -15.34
C LEU A 316 18.13 -26.85 -15.21
N VAL A 317 17.45 -26.23 -14.23
CA VAL A 317 16.04 -26.53 -14.06
C VAL A 317 15.20 -25.86 -15.15
N SER A 318 15.69 -24.76 -15.73
CA SER A 318 14.97 -24.15 -16.84
C SER A 318 15.08 -25.01 -18.09
N PHE A 319 16.26 -25.59 -18.34
CA PHE A 319 16.43 -26.52 -19.46
C PHE A 319 15.60 -27.78 -19.27
N LYS A 320 15.59 -28.33 -18.05
CA LYS A 320 14.81 -29.53 -17.76
C LYS A 320 13.32 -29.26 -17.88
N TRP A 321 12.86 -28.11 -17.41
CA TRP A 321 11.44 -27.81 -17.44
C TRP A 321 10.97 -27.46 -18.85
N LYS A 322 11.78 -26.74 -19.61
CA LYS A 322 11.37 -26.34 -20.96
C LYS A 322 11.43 -27.51 -21.93
N LYS A 323 12.44 -28.38 -21.80
CA LYS A 323 12.55 -29.46 -22.78
C LYS A 323 11.62 -30.63 -22.43
N TYR A 324 11.67 -31.09 -21.20
CA TYR A 324 10.96 -32.31 -20.82
C TYR A 324 9.82 -32.09 -19.83
N GLY A 325 9.98 -31.16 -18.89
CA GLY A 325 9.01 -31.06 -17.80
C GLY A 325 7.66 -30.52 -18.24
N ARG A 326 7.66 -29.45 -19.03
CA ARG A 326 6.41 -28.84 -19.47
C ARG A 326 5.57 -29.72 -20.41
N PRO A 327 6.13 -30.36 -21.46
CA PRO A 327 5.25 -31.23 -22.27
C PRO A 327 4.72 -32.46 -21.54
N TYR A 328 5.54 -33.08 -20.69
CA TYR A 328 5.07 -34.23 -19.93
C TYR A 328 4.02 -33.82 -18.91
N PHE A 329 4.19 -32.66 -18.28
CA PHE A 329 3.21 -32.19 -17.32
C PHE A 329 1.91 -31.79 -18.00
N CYS A 330 1.98 -31.24 -19.21
CA CYS A 330 0.76 -30.90 -19.94
C CYS A 330 0.04 -32.16 -20.43
N VAL A 331 0.79 -33.18 -20.82
CA VAL A 331 0.18 -34.46 -21.21
C VAL A 331 -0.51 -35.12 -20.02
N LEU A 332 0.14 -35.10 -18.85
CA LEU A 332 -0.47 -35.66 -17.64
C LEU A 332 -1.69 -34.86 -17.20
N ALA A 333 -1.64 -33.53 -17.36
CA ALA A 333 -2.79 -32.70 -17.03
C ALA A 333 -3.97 -32.98 -17.96
N SER A 334 -3.70 -33.16 -19.26
CA SER A 334 -4.78 -33.48 -20.20
C SER A 334 -5.38 -34.85 -19.91
N LEU A 335 -4.54 -35.83 -19.58
CA LEU A 335 -5.03 -37.15 -19.23
C LEU A 335 -5.87 -37.13 -17.95
N TYR A 336 -5.44 -36.35 -16.95
CA TYR A 336 -6.21 -36.25 -15.72
C TYR A 336 -7.52 -35.50 -15.93
N ILE A 337 -7.53 -34.50 -16.82
CA ILE A 337 -8.77 -33.79 -17.13
C ILE A 337 -9.76 -34.70 -17.85
N LEU A 338 -9.28 -35.49 -18.82
CA LEU A 338 -10.18 -36.44 -19.49
C LEU A 338 -10.65 -37.54 -18.55
N TYR A 339 -9.79 -37.96 -17.62
CA TYR A 339 -10.18 -38.94 -16.61
C TYR A 339 -11.26 -38.39 -15.68
N MET A 340 -11.13 -37.12 -15.27
CA MET A 340 -12.17 -36.52 -14.45
C MET A 340 -13.46 -36.27 -15.23
N ILE A 341 -13.35 -36.03 -16.53
CA ILE A 341 -14.54 -35.93 -17.38
C ILE A 341 -15.27 -37.26 -17.43
N CYS A 342 -14.52 -38.36 -17.55
CA CYS A 342 -15.13 -39.69 -17.55
C CYS A 342 -15.77 -40.02 -16.20
N PHE A 343 -15.11 -39.64 -15.10
CA PHE A 343 -15.68 -39.87 -13.77
C PHE A 343 -16.94 -39.03 -13.56
N THR A 344 -16.92 -37.77 -14.01
CA THR A 344 -18.08 -36.91 -13.88
C THR A 344 -19.25 -37.43 -14.71
N THR A 345 -18.97 -37.92 -15.93
CA THR A 345 -20.02 -38.48 -16.77
C THR A 345 -20.58 -39.78 -16.19
N CYS A 346 -19.74 -40.55 -15.50
CA CYS A 346 -20.28 -41.73 -14.79
C CYS A 346 -21.08 -41.33 -13.57
N CYS A 347 -20.78 -40.17 -12.96
CA CYS A 347 -21.58 -39.71 -11.84
C CYS A 347 -22.93 -39.17 -12.29
N ILE A 348 -22.97 -38.50 -13.45
CA ILE A 348 -24.21 -37.91 -13.94
C ILE A 348 -25.19 -38.99 -14.38
N TYR A 349 -24.69 -40.01 -15.09
CA TYR A 349 -25.52 -41.08 -15.62
C TYR A 349 -25.64 -42.25 -14.66
N ARG A 350 -25.58 -42.00 -13.35
CA ARG A 350 -25.66 -43.03 -12.34
C ARG A 350 -27.03 -43.72 -12.39
N PRO A 351 -27.07 -45.05 -12.27
CA PRO A 351 -28.34 -45.78 -12.43
C PRO A 351 -29.30 -45.51 -11.28
N LEU A 352 -30.45 -44.91 -11.62
CA LEU A 352 -31.47 -44.56 -10.65
C LEU A 352 -32.83 -45.02 -11.15
N LYS A 353 -33.66 -45.49 -10.23
CA LYS A 353 -35.01 -45.96 -10.54
C LYS A 353 -36.00 -45.20 -9.68
N LEU A 354 -37.28 -45.36 -10.02
CA LEU A 354 -38.37 -44.75 -9.26
C LEU A 354 -38.47 -45.38 -7.88
N ARG A 355 -38.93 -44.58 -6.92
CA ARG A 355 -39.03 -45.04 -5.55
C ARG A 355 -40.18 -46.01 -5.40
N ASP A 356 -39.91 -47.13 -4.72
CA ASP A 356 -40.93 -48.17 -4.57
C ASP A 356 -42.01 -47.74 -3.58
N ASP A 357 -41.63 -47.21 -2.43
CA ASP A 357 -42.60 -46.88 -1.40
C ASP A 357 -43.27 -45.54 -1.69
N ASN A 358 -44.24 -45.19 -0.86
CA ASN A 358 -45.02 -43.98 -1.03
C ASN A 358 -44.51 -42.90 -0.07
N ARG A 359 -44.52 -41.65 -0.55
CA ARG A 359 -44.07 -40.51 0.24
C ARG A 359 -45.15 -40.15 1.25
N THR A 360 -45.12 -40.85 2.39
CA THR A 360 -46.10 -40.59 3.44
C THR A 360 -45.83 -39.26 4.14
N ASP A 361 -44.56 -38.96 4.40
CA ASP A 361 -44.21 -37.70 5.04
C ASP A 361 -44.33 -36.56 4.04
N PRO A 362 -45.02 -35.47 4.39
CA PRO A 362 -45.17 -34.37 3.43
C PRO A 362 -43.90 -33.56 3.22
N ARG A 363 -42.92 -33.66 4.12
CA ARG A 363 -41.67 -32.94 3.98
C ARG A 363 -40.58 -33.75 3.28
N ASP A 364 -40.90 -34.97 2.84
CA ASP A 364 -39.95 -35.83 2.14
C ASP A 364 -40.12 -35.66 0.64
N ILE A 365 -39.02 -35.35 -0.05
CA ILE A 365 -39.05 -35.05 -1.47
C ILE A 365 -38.18 -36.01 -2.27
N THR A 366 -37.95 -37.21 -1.75
CA THR A 366 -37.13 -38.21 -2.45
C THR A 366 -38.05 -39.04 -3.35
N ILE A 367 -37.81 -38.97 -4.66
CA ILE A 367 -38.63 -39.69 -5.63
C ILE A 367 -37.87 -40.79 -6.34
N LEU A 368 -36.55 -40.82 -6.25
CA LEU A 368 -35.75 -41.85 -6.90
C LEU A 368 -34.87 -42.55 -5.87
N GLN A 369 -34.31 -43.68 -6.29
CA GLN A 369 -33.37 -44.42 -5.46
C GLN A 369 -32.39 -45.14 -6.38
N GLN A 370 -31.41 -45.78 -5.77
CA GLN A 370 -30.39 -46.48 -6.54
C GLN A 370 -30.88 -47.84 -6.97
N LYS A 371 -30.64 -48.17 -8.24
CA LYS A 371 -30.99 -49.48 -8.75
C LYS A 371 -30.06 -50.53 -8.16
N LEU A 372 -30.54 -51.78 -8.14
CA LEU A 372 -29.72 -52.88 -7.66
C LEU A 372 -28.65 -53.24 -8.69
N LEU A 373 -27.70 -54.08 -8.26
CA LEU A 373 -26.64 -54.51 -9.16
C LEU A 373 -27.17 -55.38 -10.28
N GLN A 374 -28.23 -56.14 -10.02
CA GLN A 374 -28.88 -56.91 -11.07
C GLN A 374 -29.71 -56.01 -11.98
N GLU A 375 -30.36 -54.99 -11.42
CA GLU A 375 -31.19 -54.09 -12.22
C GLU A 375 -30.34 -53.21 -13.12
N ALA A 376 -29.18 -52.77 -12.63
CA ALA A 376 -28.27 -52.01 -13.46
C ALA A 376 -27.49 -52.93 -14.39
N TYR A 377 -26.76 -52.32 -15.32
CA TYR A 377 -25.94 -52.99 -16.33
C TYR A 377 -26.77 -53.94 -17.20
N VAL A 378 -27.76 -53.35 -17.89
CA VAL A 378 -28.67 -54.08 -18.76
C VAL A 378 -28.64 -53.54 -20.18
N THR A 379 -28.86 -52.24 -20.34
CA THR A 379 -28.96 -51.63 -21.66
C THR A 379 -27.55 -51.35 -22.21
N HIS A 380 -27.53 -50.74 -23.41
CA HIS A 380 -26.25 -50.40 -24.03
C HIS A 380 -25.57 -49.22 -23.34
N GLN A 381 -26.37 -48.21 -22.95
CA GLN A 381 -25.83 -47.06 -22.23
C GLN A 381 -25.31 -47.45 -20.87
N ASP A 382 -25.92 -48.45 -20.23
CA ASP A 382 -25.38 -48.98 -18.99
C ASP A 382 -24.05 -49.69 -19.21
N ASN A 383 -23.85 -50.31 -20.37
CA ASN A 383 -22.56 -50.93 -20.65
C ASN A 383 -21.49 -49.87 -20.93
N ILE A 384 -21.88 -48.76 -21.56
CA ILE A 384 -20.95 -47.63 -21.72
C ILE A 384 -20.56 -47.06 -20.36
N ARG A 385 -21.55 -46.97 -19.46
CA ARG A 385 -21.27 -46.54 -18.08
C ARG A 385 -20.36 -47.53 -17.37
N LEU A 386 -20.53 -48.83 -17.63
CA LEU A 386 -19.65 -49.85 -17.04
C LEU A 386 -18.22 -49.70 -17.53
N VAL A 387 -18.04 -49.41 -18.82
CA VAL A 387 -16.71 -49.15 -19.38
C VAL A 387 -16.07 -47.94 -18.72
N GLY A 388 -16.85 -46.87 -18.55
CA GLY A 388 -16.34 -45.68 -17.88
C GLY A 388 -16.01 -45.91 -16.42
N GLU A 389 -16.81 -46.74 -15.73
CA GLU A 389 -16.53 -47.04 -14.33
C GLU A 389 -15.30 -47.91 -14.18
N LEU A 390 -15.06 -48.83 -15.13
CA LEU A 390 -13.82 -49.61 -15.12
C LEU A 390 -12.62 -48.70 -15.36
N VAL A 391 -12.78 -47.71 -16.24
CA VAL A 391 -11.73 -46.71 -16.47
C VAL A 391 -11.46 -45.92 -15.18
N THR A 392 -12.52 -45.55 -14.46
CA THR A 392 -12.37 -44.80 -13.21
C THR A 392 -11.68 -45.61 -12.13
N VAL A 393 -12.07 -46.88 -11.96
CA VAL A 393 -11.47 -47.74 -10.95
C VAL A 393 -10.01 -48.02 -11.27
N THR A 394 -9.70 -48.25 -12.56
CA THR A 394 -8.31 -48.47 -12.97
C THR A 394 -7.47 -47.22 -12.76
N GLY A 395 -8.04 -46.04 -13.01
CA GLY A 395 -7.33 -44.80 -12.76
C GLY A 395 -7.07 -44.55 -11.28
N ALA A 396 -8.04 -44.91 -10.42
CA ALA A 396 -7.84 -44.77 -8.99
C ALA A 396 -6.80 -45.75 -8.47
N VAL A 397 -6.76 -46.96 -9.02
CA VAL A 397 -5.74 -47.94 -8.64
C VAL A 397 -4.35 -47.46 -9.09
N ILE A 398 -4.25 -46.90 -10.30
CA ILE A 398 -3.00 -46.34 -10.79
C ILE A 398 -2.55 -45.16 -9.91
N ILE A 399 -3.51 -44.34 -9.48
CA ILE A 399 -3.22 -43.21 -8.59
C ILE A 399 -2.68 -43.70 -7.24
N LEU A 400 -3.30 -44.75 -6.68
CA LEU A 400 -2.82 -45.29 -5.41
C LEU A 400 -1.45 -45.94 -5.55
N LEU A 401 -1.20 -46.62 -6.67
CA LEU A 401 0.11 -47.23 -6.90
C LEU A 401 1.19 -46.19 -7.13
N LEU A 402 0.82 -45.03 -7.67
CA LEU A 402 1.80 -43.95 -7.81
C LEU A 402 2.05 -43.22 -6.49
N GLU A 403 1.03 -43.08 -5.63
CA GLU A 403 1.17 -42.22 -4.47
C GLU A 403 1.55 -42.94 -3.18
N ILE A 404 1.17 -44.22 -3.01
CA ILE A 404 1.45 -44.97 -1.78
C ILE A 404 2.94 -45.18 -1.49
N PRO A 405 3.82 -45.60 -2.42
CA PRO A 405 5.24 -45.73 -2.03
C PRO A 405 5.96 -44.42 -1.77
N ASP A 406 5.41 -43.28 -2.18
CA ASP A 406 6.02 -42.01 -1.83
C ASP A 406 5.81 -41.65 -0.36
N ILE A 407 4.80 -42.24 0.29
CA ILE A 407 4.63 -42.02 1.73
C ILE A 407 5.61 -42.84 2.55
N PHE A 408 6.20 -43.88 1.97
CA PHE A 408 7.19 -44.69 2.67
C PHE A 408 8.62 -44.41 2.21
N ARG A 409 8.80 -43.81 1.04
CA ARG A 409 10.14 -43.45 0.59
C ARG A 409 10.71 -42.31 1.42
N VAL A 410 9.88 -41.33 1.74
CA VAL A 410 10.24 -40.26 2.67
C VAL A 410 9.30 -40.36 3.86
N GLY A 411 9.43 -39.44 4.81
CA GLY A 411 8.52 -39.42 5.94
C GLY A 411 7.12 -39.03 5.53
N ALA A 412 6.14 -39.55 6.27
CA ALA A 412 4.74 -39.25 5.99
C ALA A 412 4.42 -37.79 6.27
N SER A 413 4.95 -37.25 7.38
CA SER A 413 4.72 -35.84 7.69
C SER A 413 5.47 -34.92 6.75
N ARG A 414 6.63 -35.35 6.24
CA ARG A 414 7.35 -34.56 5.26
C ARG A 414 6.64 -34.57 3.91
N TYR A 415 6.09 -35.71 3.52
CA TYR A 415 5.41 -35.83 2.24
C TYR A 415 4.05 -35.14 2.25
N PHE A 416 3.34 -35.19 3.37
CA PHE A 416 2.01 -34.59 3.46
C PHE A 416 2.03 -33.16 3.97
N GLY A 417 3.20 -32.61 4.31
CA GLY A 417 3.23 -31.34 5.00
C GLY A 417 4.09 -30.25 4.41
N GLN A 418 4.36 -30.30 3.11
CA GLN A 418 5.16 -29.29 2.43
C GLN A 418 4.36 -28.70 1.28
N THR A 419 4.37 -27.36 1.18
CA THR A 419 3.61 -26.67 0.15
C THR A 419 4.20 -26.90 -1.23
N ILE A 420 5.52 -26.89 -1.34
CA ILE A 420 6.19 -26.87 -2.64
C ILE A 420 6.05 -28.21 -3.35
N LEU A 421 6.27 -29.31 -2.64
CA LEU A 421 6.23 -30.64 -3.25
C LEU A 421 4.81 -31.21 -3.21
N GLY A 422 3.88 -30.50 -3.84
CA GLY A 422 2.49 -30.88 -3.75
C GLY A 422 1.96 -30.65 -2.35
N GLY A 423 1.79 -31.73 -1.58
CA GLY A 423 1.39 -31.63 -0.21
C GLY A 423 -0.07 -31.98 -0.01
N PRO A 424 -0.91 -30.96 0.19
CA PRO A 424 -2.36 -31.20 0.28
C PRO A 424 -2.97 -31.77 -0.98
N PHE A 425 -2.37 -31.53 -2.16
CA PHE A 425 -2.85 -32.14 -3.38
C PHE A 425 -2.69 -33.65 -3.35
N HIS A 426 -1.59 -34.13 -2.77
CA HIS A 426 -1.41 -35.58 -2.61
C HIS A 426 -2.42 -36.17 -1.64
N VAL A 427 -2.76 -35.44 -0.57
CA VAL A 427 -3.75 -35.91 0.38
C VAL A 427 -5.12 -36.00 -0.26
N ILE A 428 -5.52 -34.98 -1.02
CA ILE A 428 -6.84 -35.03 -1.62
C ILE A 428 -6.88 -35.98 -2.81
N ILE A 429 -5.74 -36.25 -3.46
CA ILE A 429 -5.69 -37.23 -4.54
C ILE A 429 -5.83 -38.64 -3.98
N ILE A 430 -5.15 -38.93 -2.86
CA ILE A 430 -5.28 -40.24 -2.22
C ILE A 430 -6.69 -40.41 -1.64
N THR A 431 -7.27 -39.33 -1.10
CA THR A 431 -8.64 -39.38 -0.62
C THR A 431 -9.64 -39.61 -1.75
N TYR A 432 -9.39 -39.00 -2.91
CA TYR A 432 -10.23 -39.21 -4.09
C TYR A 432 -10.18 -40.66 -4.55
N ALA A 433 -8.98 -41.24 -4.60
CA ALA A 433 -8.85 -42.65 -5.00
C ALA A 433 -9.53 -43.57 -3.99
N SER A 434 -9.38 -43.28 -2.70
CA SER A 434 -10.00 -44.09 -1.66
C SER A 434 -11.52 -44.01 -1.73
N LEU A 435 -12.07 -42.82 -2.01
CA LEU A 435 -13.51 -42.67 -2.09
C LEU A 435 -14.07 -43.30 -3.37
N VAL A 436 -13.31 -43.28 -4.46
CA VAL A 436 -13.73 -43.98 -5.68
C VAL A 436 -13.76 -45.49 -5.44
N LEU A 437 -12.75 -46.03 -4.76
CA LEU A 437 -12.74 -47.46 -4.45
C LEU A 437 -13.84 -47.83 -3.46
N LEU A 438 -14.13 -46.94 -2.51
CA LEU A 438 -15.24 -47.17 -1.57
C LEU A 438 -16.59 -47.15 -2.28
N THR A 439 -16.74 -46.26 -3.26
CA THR A 439 -17.95 -46.24 -4.08
C THR A 439 -18.08 -47.53 -4.90
N MET A 440 -16.96 -48.04 -5.42
CA MET A 440 -16.99 -49.32 -6.13
C MET A 440 -17.39 -50.46 -5.21
N VAL A 441 -16.88 -50.45 -3.97
CA VAL A 441 -17.25 -51.48 -2.99
C VAL A 441 -18.73 -51.39 -2.64
N MET A 442 -19.26 -50.17 -2.45
CA MET A 442 -20.68 -50.01 -2.15
C MET A 442 -21.55 -50.35 -3.36
N ARG A 443 -21.03 -50.19 -4.58
CA ARG A 443 -21.77 -50.57 -5.76
C ARG A 443 -21.85 -52.08 -5.91
N LEU A 444 -20.74 -52.78 -5.63
CA LEU A 444 -20.74 -54.23 -5.76
C LEU A 444 -21.52 -54.92 -4.65
N THR A 445 -21.62 -54.30 -3.48
CA THR A 445 -22.28 -54.90 -2.34
C THR A 445 -23.73 -54.48 -2.18
N ASN A 446 -24.27 -53.70 -3.13
CA ASN A 446 -25.64 -53.17 -3.13
C ASN A 446 -25.95 -52.37 -1.87
N MET A 447 -24.97 -51.61 -1.40
CA MET A 447 -25.15 -50.79 -0.21
C MET A 447 -25.65 -49.41 -0.62
N ASN A 448 -26.71 -48.96 0.04
CA ASN A 448 -27.29 -47.66 -0.28
C ASN A 448 -26.43 -46.53 0.29
N GLY A 449 -26.42 -45.42 -0.43
CA GLY A 449 -25.71 -44.24 0.03
C GLY A 449 -24.42 -43.94 -0.69
N GLU A 450 -24.40 -44.16 -2.01
CA GLU A 450 -23.25 -43.80 -2.82
C GLU A 450 -23.15 -42.30 -3.09
N VAL A 451 -24.18 -41.54 -2.72
CA VAL A 451 -24.19 -40.10 -2.95
C VAL A 451 -23.14 -39.42 -2.10
N VAL A 452 -22.92 -39.89 -0.87
CA VAL A 452 -21.90 -39.29 0.00
C VAL A 452 -20.48 -39.48 -0.53
N PRO A 453 -20.00 -40.71 -0.85
CA PRO A 453 -18.65 -40.78 -1.40
C PRO A 453 -18.55 -40.27 -2.83
N LEU A 454 -19.63 -40.31 -3.61
CA LEU A 454 -19.55 -39.76 -4.96
C LEU A 454 -19.48 -38.23 -4.94
N SER A 455 -20.20 -37.58 -4.03
CA SER A 455 -20.09 -36.13 -3.89
C SER A 455 -18.73 -35.73 -3.35
N PHE A 456 -18.22 -36.49 -2.37
CA PHE A 456 -16.87 -36.23 -1.85
C PHE A 456 -15.82 -36.38 -2.94
N ALA A 457 -15.93 -37.43 -3.77
CA ALA A 457 -14.95 -37.67 -4.82
C ALA A 457 -15.10 -36.67 -5.96
N LEU A 458 -16.31 -36.18 -6.22
CA LEU A 458 -16.49 -35.17 -7.25
C LEU A 458 -15.93 -33.83 -6.81
N VAL A 459 -16.08 -33.48 -5.53
CA VAL A 459 -15.50 -32.23 -5.03
C VAL A 459 -13.98 -32.33 -4.99
N LEU A 460 -13.44 -33.42 -4.43
CA LEU A 460 -12.01 -33.52 -4.23
C LEU A 460 -11.25 -33.81 -5.53
N GLY A 461 -11.85 -34.60 -6.42
CA GLY A 461 -11.15 -34.96 -7.65
C GLY A 461 -11.00 -33.80 -8.61
N TRP A 462 -12.03 -32.95 -8.72
CA TRP A 462 -11.93 -31.80 -9.61
C TRP A 462 -11.05 -30.72 -9.01
N CYS A 463 -11.05 -30.57 -7.68
CA CYS A 463 -10.19 -29.59 -7.04
C CYS A 463 -8.71 -29.97 -7.10
N SER A 464 -8.40 -31.24 -7.36
CA SER A 464 -7.02 -31.65 -7.50
C SER A 464 -6.41 -31.25 -8.84
N VAL A 465 -7.25 -30.90 -9.82
CA VAL A 465 -6.77 -30.42 -11.12
C VAL A 465 -6.01 -29.11 -10.98
N MET A 466 -6.28 -28.32 -9.93
CA MET A 466 -5.51 -27.12 -9.65
C MET A 466 -4.04 -27.42 -9.31
N TYR A 467 -3.74 -28.67 -8.94
CA TYR A 467 -2.35 -29.12 -8.85
C TYR A 467 -1.61 -28.89 -10.17
N PHE A 468 -2.26 -29.23 -11.28
CA PHE A 468 -1.69 -28.99 -12.59
C PHE A 468 -1.68 -27.51 -12.98
N ALA A 469 -2.20 -26.62 -12.13
CA ALA A 469 -1.97 -25.20 -12.30
C ALA A 469 -0.56 -24.77 -11.92
N ARG A 470 0.23 -25.65 -11.29
CA ARG A 470 1.60 -25.27 -10.96
C ARG A 470 2.54 -25.34 -12.13
N GLY A 471 2.11 -25.90 -13.26
CA GLY A 471 2.95 -25.98 -14.44
C GLY A 471 2.91 -24.77 -15.34
N PHE A 472 2.13 -23.74 -14.99
CA PHE A 472 2.00 -22.54 -15.81
C PHE A 472 2.32 -21.33 -14.96
N GLN A 473 3.04 -20.37 -15.51
CA GLN A 473 3.51 -19.27 -14.64
C GLN A 473 2.36 -18.42 -14.18
N MET A 474 1.48 -18.09 -15.09
CA MET A 474 0.44 -17.15 -14.69
C MET A 474 -0.44 -17.74 -13.60
N LEU A 475 -0.86 -19.01 -13.72
CA LEU A 475 -1.83 -19.55 -12.74
C LEU A 475 -1.16 -20.23 -11.55
N GLY A 476 0.13 -20.50 -11.61
CA GLY A 476 0.78 -21.26 -10.52
C GLY A 476 0.83 -20.59 -9.17
N PRO A 477 1.14 -19.30 -9.03
CA PRO A 477 1.22 -18.71 -7.72
C PRO A 477 -0.16 -18.40 -7.16
N PHE A 478 -1.26 -18.88 -7.75
CA PHE A 478 -2.63 -18.72 -7.27
C PHE A 478 -3.02 -19.86 -6.34
N THR A 479 -2.56 -21.07 -6.64
CA THR A 479 -2.81 -22.19 -5.73
C THR A 479 -2.05 -22.01 -4.43
N ILE A 480 -0.87 -21.37 -4.48
CA ILE A 480 -0.14 -21.04 -3.26
C ILE A 480 -0.89 -19.98 -2.45
N MET A 481 -1.53 -19.02 -3.14
CA MET A 481 -2.37 -18.03 -2.46
C MET A 481 -3.54 -18.69 -1.75
N ILE A 482 -4.20 -19.64 -2.42
CA ILE A 482 -5.34 -20.33 -1.81
C ILE A 482 -4.89 -21.22 -0.67
N GLN A 483 -3.71 -21.85 -0.80
CA GLN A 483 -3.19 -22.70 0.28
C GLN A 483 -2.81 -21.87 1.50
N LYS A 484 -2.18 -20.71 1.29
CA LYS A 484 -1.83 -19.85 2.41
C LYS A 484 -3.00 -19.02 2.90
N MET A 485 -4.14 -19.06 2.22
CA MET A 485 -5.37 -18.50 2.78
C MET A 485 -6.16 -19.53 3.59
N ILE A 486 -6.17 -20.80 3.16
CA ILE A 486 -6.94 -21.82 3.88
C ILE A 486 -6.23 -22.23 5.16
N PHE A 487 -5.00 -22.71 5.03
CA PHE A 487 -4.26 -23.14 6.21
C PHE A 487 -3.59 -21.99 6.93
N GLY A 488 -3.40 -20.86 6.26
CA GLY A 488 -2.79 -19.71 6.89
C GLY A 488 -3.76 -18.84 7.65
N ASP A 489 -4.78 -18.31 6.97
CA ASP A 489 -5.69 -17.33 7.55
C ASP A 489 -7.03 -17.91 7.96
N LEU A 490 -7.57 -18.85 7.18
CA LEU A 490 -8.90 -19.38 7.47
C LEU A 490 -8.88 -20.25 8.73
N MET A 491 -7.81 -21.00 8.95
CA MET A 491 -7.73 -21.82 10.16
C MET A 491 -7.53 -21.00 11.42
N ARG A 492 -7.10 -19.74 11.30
CA ARG A 492 -7.02 -18.86 12.45
C ARG A 492 -8.32 -18.08 12.67
N PHE A 493 -8.95 -17.62 11.59
CA PHE A 493 -10.15 -16.80 11.73
C PHE A 493 -11.39 -17.63 12.02
N CYS A 494 -11.37 -18.94 11.75
CA CYS A 494 -12.58 -19.75 11.88
C CYS A 494 -13.00 -19.95 13.33
N TRP A 495 -12.11 -19.74 14.29
CA TRP A 495 -12.48 -19.89 15.69
C TRP A 495 -13.35 -18.73 16.17
N LEU A 496 -12.96 -17.50 15.81
CA LEU A 496 -13.77 -16.32 16.14
C LEU A 496 -15.10 -16.34 15.40
N MET A 497 -15.07 -16.74 14.12
CA MET A 497 -16.29 -16.87 13.32
C MET A 497 -17.21 -17.94 13.90
N ALA A 498 -16.65 -19.07 14.32
CA ALA A 498 -17.45 -20.13 14.93
C ALA A 498 -18.00 -19.71 16.29
N VAL A 499 -17.27 -18.88 17.01
CA VAL A 499 -17.77 -18.33 18.27
C VAL A 499 -18.98 -17.43 18.03
N VAL A 500 -18.91 -16.59 17.00
CA VAL A 500 -20.04 -15.70 16.69
C VAL A 500 -21.23 -16.50 16.16
N ILE A 501 -20.96 -17.52 15.36
CA ILE A 501 -22.01 -18.40 14.85
C ILE A 501 -22.69 -19.16 15.99
N LEU A 502 -21.91 -19.70 16.92
CA LEU A 502 -22.48 -20.45 18.04
C LEU A 502 -23.24 -19.55 19.00
N GLY A 503 -22.87 -18.26 19.09
CA GLY A 503 -23.66 -17.35 19.88
C GLY A 503 -24.99 -17.00 19.22
N PHE A 504 -24.91 -16.48 18.00
CA PHE A 504 -26.10 -15.95 17.36
C PHE A 504 -27.04 -17.03 16.86
N ALA A 505 -26.55 -18.24 16.56
CA ALA A 505 -27.45 -19.33 16.20
C ALA A 505 -28.29 -19.77 17.38
N SER A 506 -27.68 -19.83 18.56
CA SER A 506 -28.42 -20.17 19.77
C SER A 506 -29.40 -19.07 20.12
N ALA A 507 -29.01 -17.81 19.94
CA ALA A 507 -29.92 -16.69 20.19
C ALA A 507 -31.09 -16.70 19.21
N PHE A 508 -30.83 -16.94 17.93
CA PHE A 508 -31.89 -17.00 16.93
C PHE A 508 -32.78 -18.22 17.10
N HIS A 509 -32.23 -19.32 17.62
CA HIS A 509 -33.05 -20.50 17.85
C HIS A 509 -33.96 -20.30 19.05
N ILE A 510 -33.45 -19.70 20.12
CA ILE A 510 -34.33 -19.52 21.29
C ILE A 510 -35.30 -18.36 21.10
N THR A 511 -35.04 -17.42 20.19
CA THR A 511 -36.08 -16.43 19.89
C THR A 511 -37.20 -17.02 19.05
N PHE A 512 -36.91 -18.05 18.25
CA PHE A 512 -37.91 -18.69 17.41
C PHE A 512 -38.30 -20.07 17.92
N GLN A 513 -38.07 -20.34 19.20
CA GLN A 513 -38.56 -21.59 19.77
C GLN A 513 -40.07 -21.55 19.98
N THR A 514 -40.59 -20.43 20.47
CA THR A 514 -42.03 -20.25 20.64
C THR A 514 -42.67 -19.58 19.43
N GLU A 515 -42.39 -20.10 18.24
CA GLU A 515 -42.94 -19.55 17.01
C GLU A 515 -43.35 -20.69 16.11
N ASP A 516 -44.24 -20.38 15.17
CA ASP A 516 -44.69 -21.38 14.20
C ASP A 516 -43.62 -21.55 13.14
N PRO A 517 -43.12 -22.78 12.90
CA PRO A 517 -42.04 -22.96 11.94
C PRO A 517 -42.45 -22.85 10.48
N ASN A 518 -43.75 -22.80 10.19
CA ASN A 518 -44.19 -22.73 8.80
C ASN A 518 -43.98 -21.33 8.22
N ASN A 519 -44.01 -20.30 9.07
CA ASN A 519 -43.87 -18.94 8.58
C ASN A 519 -42.41 -18.53 8.41
N LEU A 520 -41.56 -18.86 9.38
CA LEU A 520 -40.14 -18.56 9.27
C LEU A 520 -39.38 -19.77 9.83
N GLY A 521 -39.01 -20.69 8.94
CA GLY A 521 -38.42 -21.95 9.35
C GLY A 521 -36.91 -21.98 9.24
N GLU A 522 -36.28 -20.81 9.22
CA GLU A 522 -34.83 -20.75 9.11
C GLU A 522 -34.13 -21.09 10.42
N PHE A 523 -34.83 -21.05 11.54
CA PHE A 523 -34.27 -21.36 12.84
C PHE A 523 -35.16 -22.34 13.59
N SER A 524 -35.78 -23.28 12.87
CA SER A 524 -36.68 -24.24 13.51
C SER A 524 -35.89 -25.28 14.30
N ASP A 525 -34.83 -25.82 13.72
CA ASP A 525 -33.95 -26.75 14.41
C ASP A 525 -32.59 -26.12 14.62
N TYR A 526 -31.94 -26.51 15.72
CA TYR A 526 -30.63 -25.95 16.04
C TYR A 526 -29.52 -26.26 15.02
N PRO A 527 -29.40 -27.48 14.44
CA PRO A 527 -28.48 -27.60 13.30
C PRO A 527 -28.83 -26.73 12.11
N THR A 528 -30.13 -26.61 11.80
CA THR A 528 -30.55 -25.71 10.74
C THR A 528 -30.34 -24.25 11.12
N ALA A 529 -30.45 -23.92 12.42
CA ALA A 529 -30.15 -22.57 12.88
C ALA A 529 -28.66 -22.25 12.71
N LEU A 530 -27.80 -23.23 13.02
CA LEU A 530 -26.35 -23.05 12.81
C LEU A 530 -26.02 -22.86 11.34
N PHE A 531 -26.63 -23.66 10.47
CA PHE A 531 -26.37 -23.54 9.03
C PHE A 531 -26.91 -22.23 8.47
N SER A 532 -28.09 -21.81 8.90
CA SER A 532 -28.69 -20.58 8.42
C SER A 532 -27.91 -19.36 8.91
N THR A 533 -27.40 -19.40 10.14
CA THR A 533 -26.60 -18.29 10.63
C THR A 533 -25.22 -18.25 9.98
N PHE A 534 -24.66 -19.42 9.63
CA PHE A 534 -23.43 -19.43 8.85
C PHE A 534 -23.64 -18.82 7.48
N GLU A 535 -24.76 -19.13 6.84
CA GLU A 535 -25.10 -18.53 5.55
C GLU A 535 -25.32 -17.02 5.68
N LEU A 536 -25.98 -16.59 6.76
CA LEU A 536 -26.18 -15.16 7.00
C LEU A 536 -24.88 -14.45 7.34
N PHE A 537 -23.93 -15.16 7.96
CA PHE A 537 -22.58 -14.63 8.17
C PHE A 537 -21.91 -14.37 6.83
N LEU A 538 -22.01 -15.31 5.90
CA LEU A 538 -21.35 -15.12 4.62
C LEU A 538 -22.19 -14.32 3.62
N THR A 539 -23.38 -13.86 4.03
CA THR A 539 -24.31 -13.05 3.23
C THR A 539 -24.66 -13.72 1.90
N ILE A 540 -24.84 -15.05 1.94
CA ILE A 540 -25.23 -15.79 0.75
C ILE A 540 -26.72 -16.11 0.72
N ILE A 541 -27.44 -15.90 1.83
CA ILE A 541 -28.88 -15.95 1.83
C ILE A 541 -29.39 -14.61 2.35
N ASP A 542 -30.65 -14.33 2.06
CA ASP A 542 -31.27 -13.10 2.54
C ASP A 542 -31.56 -13.20 4.03
N GLY A 543 -31.75 -12.03 4.64
CA GLY A 543 -32.20 -11.96 6.01
C GLY A 543 -33.59 -12.53 6.15
N PRO A 544 -33.82 -13.30 7.22
CA PRO A 544 -35.14 -13.92 7.42
C PRO A 544 -36.22 -12.89 7.72
N ALA A 545 -37.10 -12.65 6.77
CA ALA A 545 -38.15 -11.67 6.94
C ALA A 545 -39.46 -12.22 6.40
N ASN A 546 -40.52 -12.05 7.17
CA ASN A 546 -41.87 -12.44 6.75
C ASN A 546 -42.79 -11.31 7.20
N TYR A 547 -43.00 -10.33 6.33
CA TYR A 547 -43.73 -9.13 6.68
C TYR A 547 -45.24 -9.34 6.76
N SER A 548 -45.74 -10.50 6.32
CA SER A 548 -47.15 -10.80 6.47
C SER A 548 -47.53 -11.14 7.90
N VAL A 549 -46.56 -11.55 8.72
CA VAL A 549 -46.81 -11.92 10.10
C VAL A 549 -45.94 -11.06 11.02
N ASP A 550 -46.21 -11.13 12.32
CA ASP A 550 -45.51 -10.34 13.31
C ASP A 550 -44.39 -11.19 13.91
N LEU A 551 -43.16 -10.90 13.51
CA LEU A 551 -42.00 -11.55 14.08
C LEU A 551 -41.79 -11.09 15.52
N PRO A 552 -41.14 -11.89 16.36
CA PRO A 552 -40.79 -11.43 17.71
C PRO A 552 -39.81 -10.27 17.66
N PHE A 553 -39.96 -9.35 18.62
CA PHE A 553 -39.18 -8.12 18.59
C PHE A 553 -37.72 -8.34 18.94
N MET A 554 -37.39 -9.43 19.62
CA MET A 554 -35.99 -9.70 19.95
C MET A 554 -35.19 -10.11 18.73
N TYR A 555 -35.86 -10.70 17.74
CA TYR A 555 -35.18 -11.11 16.51
C TYR A 555 -34.63 -9.91 15.76
N CYS A 556 -35.38 -8.80 15.73
CA CYS A 556 -34.92 -7.62 15.02
C CYS A 556 -33.68 -7.01 15.66
N ILE A 557 -33.64 -6.95 16.99
CA ILE A 557 -32.45 -6.41 17.67
C ILE A 557 -31.27 -7.35 17.52
N THR A 558 -31.52 -8.67 17.66
CA THR A 558 -30.44 -9.65 17.52
C THR A 558 -29.90 -9.68 16.10
N TYR A 559 -30.77 -9.53 15.10
CA TYR A 559 -30.29 -9.54 13.72
C TYR A 559 -29.64 -8.22 13.33
N ALA A 560 -30.05 -7.10 13.93
CA ALA A 560 -29.32 -5.86 13.72
C ALA A 560 -27.92 -5.94 14.31
N ALA A 561 -27.78 -6.55 15.49
CA ALA A 561 -26.47 -6.76 16.08
C ALA A 561 -25.64 -7.74 15.26
N PHE A 562 -26.29 -8.78 14.71
CA PHE A 562 -25.58 -9.73 13.86
C PHE A 562 -25.13 -9.09 12.56
N ALA A 563 -25.96 -8.23 11.98
CA ALA A 563 -25.60 -7.54 10.75
C ALA A 563 -24.48 -6.54 10.97
N ILE A 564 -24.48 -5.85 12.11
CA ILE A 564 -23.41 -4.91 12.43
C ILE A 564 -22.11 -5.66 12.70
N ILE A 565 -22.15 -6.66 13.58
CA ILE A 565 -20.93 -7.28 14.06
C ILE A 565 -20.40 -8.32 13.08
N ALA A 566 -21.26 -9.25 12.66
CA ALA A 566 -20.76 -10.43 11.96
C ALA A 566 -20.60 -10.17 10.47
N THR A 567 -21.67 -9.74 9.79
CA THR A 567 -21.63 -9.64 8.34
C THR A 567 -20.84 -8.43 7.86
N LEU A 568 -20.68 -7.40 8.69
CA LEU A 568 -20.03 -6.17 8.28
C LEU A 568 -18.60 -6.06 8.77
N LEU A 569 -18.36 -6.26 10.06
CA LEU A 569 -17.04 -6.06 10.62
C LEU A 569 -16.13 -7.27 10.36
N MET A 570 -16.55 -8.45 10.81
CA MET A 570 -15.67 -9.61 10.79
C MET A 570 -15.48 -10.18 9.40
N LEU A 571 -16.53 -10.18 8.57
CA LEU A 571 -16.42 -10.70 7.21
C LEU A 571 -15.46 -9.85 6.37
N ASN A 572 -15.57 -8.52 6.49
CA ASN A 572 -14.65 -7.68 5.75
C ASN A 572 -13.27 -7.60 6.39
N LEU A 573 -13.17 -7.90 7.69
CA LEU A 573 -11.86 -8.12 8.30
C LEU A 573 -11.17 -9.33 7.70
N PHE A 574 -11.93 -10.41 7.48
CA PHE A 574 -11.38 -11.59 6.80
C PHE A 574 -11.05 -11.30 5.35
N ILE A 575 -11.83 -10.43 4.70
CA ILE A 575 -11.53 -9.99 3.34
C ILE A 575 -10.20 -9.22 3.30
N ALA A 576 -9.96 -8.38 4.31
CA ALA A 576 -8.71 -7.63 4.36
C ALA A 576 -7.52 -8.54 4.68
N MET A 577 -7.75 -9.56 5.52
CA MET A 577 -6.69 -10.53 5.79
C MET A 577 -6.32 -11.33 4.54
N MET A 578 -7.32 -11.74 3.77
CA MET A 578 -7.04 -12.42 2.50
C MET A 578 -6.36 -11.50 1.50
N GLY A 579 -6.70 -10.20 1.52
CA GLY A 579 -6.00 -9.26 0.66
C GLY A 579 -4.54 -9.11 1.03
N ASP A 580 -4.24 -9.06 2.33
CA ASP A 580 -2.85 -8.98 2.76
C ASP A 580 -2.08 -10.26 2.46
N THR A 581 -2.73 -11.42 2.60
CA THR A 581 -2.09 -12.69 2.25
C THR A 581 -1.81 -12.79 0.75
N HIS A 582 -2.77 -12.34 -0.07
CA HIS A 582 -2.57 -12.31 -1.51
C HIS A 582 -1.45 -11.38 -1.90
N TRP A 583 -1.36 -10.22 -1.25
CA TRP A 583 -0.27 -9.29 -1.51
C TRP A 583 1.08 -9.89 -1.10
N ARG A 584 1.12 -10.59 0.03
CA ARG A 584 2.35 -11.20 0.51
C ARG A 584 2.85 -12.29 -0.45
N VAL A 585 1.94 -13.11 -0.97
CA VAL A 585 2.35 -14.11 -1.95
C VAL A 585 2.73 -13.47 -3.28
N ALA A 586 1.98 -12.44 -3.71
CA ALA A 586 2.25 -11.81 -4.99
C ALA A 586 3.53 -10.98 -5.00
N GLN A 587 4.06 -10.62 -3.83
CA GLN A 587 5.37 -9.99 -3.79
C GLN A 587 6.50 -10.97 -4.05
N GLU A 588 6.24 -12.27 -3.97
CA GLU A 588 7.25 -13.31 -4.20
C GLU A 588 6.68 -14.41 -5.10
N ARG A 589 6.05 -14.00 -6.20
CA ARG A 589 5.37 -14.96 -7.06
C ARG A 589 6.35 -15.79 -7.88
N ASP A 590 7.39 -15.15 -8.42
CA ASP A 590 8.28 -15.85 -9.35
C ASP A 590 9.18 -16.83 -8.62
N GLU A 591 9.61 -16.48 -7.40
CA GLU A 591 10.40 -17.39 -6.58
C GLU A 591 9.62 -18.65 -6.22
N LEU A 592 8.36 -18.48 -5.80
CA LEU A 592 7.53 -19.62 -5.44
C LEU A 592 7.18 -20.47 -6.65
N TRP A 593 6.94 -19.83 -7.80
CA TRP A 593 6.66 -20.58 -9.02
C TRP A 593 7.88 -21.36 -9.49
N ARG A 594 9.08 -20.77 -9.38
CA ARG A 594 10.28 -21.50 -9.74
C ARG A 594 10.54 -22.66 -8.79
N ALA A 595 10.23 -22.48 -7.50
CA ALA A 595 10.34 -23.59 -6.55
C ALA A 595 9.38 -24.72 -6.89
N GLN A 596 8.15 -24.37 -7.28
CA GLN A 596 7.20 -25.38 -7.72
C GLN A 596 7.65 -26.07 -9.01
N VAL A 597 8.31 -25.33 -9.90
CA VAL A 597 8.84 -25.91 -11.15
C VAL A 597 9.93 -26.92 -10.84
N VAL A 598 10.84 -26.60 -9.91
CA VAL A 598 11.89 -27.54 -9.55
C VAL A 598 11.32 -28.76 -8.83
N ALA A 599 10.30 -28.56 -7.99
CA ALA A 599 9.65 -29.69 -7.31
C ALA A 599 8.96 -30.62 -8.31
N THR A 600 8.25 -30.04 -9.29
CA THR A 600 7.59 -30.83 -10.32
C THR A 600 8.60 -31.56 -11.19
N THR A 601 9.71 -30.91 -11.53
CA THR A 601 10.73 -31.54 -12.36
C THR A 601 11.42 -32.69 -11.62
N VAL A 602 11.66 -32.52 -10.32
CA VAL A 602 12.25 -33.59 -9.52
C VAL A 602 11.29 -34.78 -9.42
N MET A 603 10.00 -34.51 -9.21
CA MET A 603 9.00 -35.57 -9.13
C MET A 603 8.88 -36.31 -10.47
N LEU A 604 8.92 -35.58 -11.58
CA LEU A 604 8.84 -36.22 -12.89
C LEU A 604 10.12 -36.97 -13.23
N GLU A 605 11.28 -36.51 -12.77
CA GLU A 605 12.51 -37.28 -12.99
C GLU A 605 12.50 -38.56 -12.16
N ARG A 606 11.94 -38.51 -10.96
CA ARG A 606 11.95 -39.68 -10.09
C ARG A 606 10.93 -40.72 -10.54
N LYS A 607 9.75 -40.29 -10.97
CA LYS A 607 8.66 -41.25 -11.17
C LYS A 607 8.53 -41.75 -12.60
N MET A 608 8.84 -40.92 -13.60
CA MET A 608 8.73 -41.36 -14.99
C MET A 608 9.89 -42.29 -15.35
N PRO A 609 9.74 -43.12 -16.38
CA PRO A 609 10.85 -43.99 -16.80
C PRO A 609 12.04 -43.20 -17.34
N ARG A 610 13.21 -43.85 -17.27
CA ARG A 610 14.47 -43.19 -17.60
C ARG A 610 14.60 -42.91 -19.09
N PHE A 611 13.97 -43.71 -19.94
CA PHE A 611 14.11 -43.50 -21.38
C PHE A 611 13.34 -42.27 -21.86
N LEU A 612 12.35 -41.81 -21.11
CA LEU A 612 11.68 -40.56 -21.42
C LEU A 612 12.39 -39.35 -20.83
N TRP A 613 13.37 -39.56 -19.94
CA TRP A 613 14.13 -38.48 -19.32
C TRP A 613 15.61 -38.72 -19.55
N PRO A 614 16.17 -38.24 -20.66
CA PRO A 614 17.61 -38.34 -20.88
C PRO A 614 18.38 -37.47 -19.90
N ARG A 615 19.65 -37.82 -19.71
CA ARG A 615 20.49 -37.12 -18.76
C ARG A 615 20.77 -35.69 -19.25
N SER A 616 20.63 -34.74 -18.34
CA SER A 616 20.68 -33.32 -18.70
C SER A 616 22.11 -32.83 -18.75
N GLY A 617 22.48 -32.21 -19.87
CA GLY A 617 23.77 -31.57 -20.01
C GLY A 617 24.59 -32.22 -21.10
N ILE A 618 25.76 -31.60 -21.33
CA ILE A 618 26.72 -32.10 -22.30
C ILE A 618 27.37 -33.37 -21.76
N CYS A 619 27.50 -34.39 -22.62
CA CYS A 619 27.99 -35.69 -22.20
C CYS A 619 29.45 -35.63 -21.72
N GLY A 620 30.30 -34.89 -22.41
CA GLY A 620 31.65 -34.66 -21.97
C GLY A 620 32.65 -35.74 -22.35
N TYR A 621 32.22 -37.01 -22.38
CA TYR A 621 33.14 -38.09 -22.71
C TYR A 621 33.52 -38.06 -24.19
N GLU A 622 32.60 -37.66 -25.05
CA GLU A 622 32.89 -37.55 -26.47
C GLU A 622 33.83 -36.40 -26.80
N TYR A 623 33.95 -35.42 -25.90
CA TYR A 623 34.88 -34.32 -26.06
C TYR A 623 36.14 -34.49 -25.20
N GLY A 624 36.37 -35.68 -24.66
CA GLY A 624 37.59 -35.96 -23.95
C GLY A 624 37.71 -35.35 -22.57
N LEU A 625 36.60 -34.98 -21.95
CA LEU A 625 36.61 -34.35 -20.63
C LEU A 625 36.25 -35.31 -19.51
N GLY A 626 36.37 -36.61 -19.73
CA GLY A 626 36.06 -37.59 -18.71
C GLY A 626 34.58 -37.92 -18.66
N ASP A 627 34.21 -38.64 -17.60
CA ASP A 627 32.85 -39.12 -17.45
C ASP A 627 31.89 -38.08 -16.89
N ARG A 628 32.39 -36.90 -16.52
CA ARG A 628 31.53 -35.87 -15.94
C ARG A 628 30.62 -35.25 -17.01
N TRP A 629 29.51 -34.70 -16.55
CA TRP A 629 28.53 -34.04 -17.41
C TRP A 629 28.45 -32.57 -17.08
N PHE A 630 28.41 -31.73 -18.10
CA PHE A 630 28.59 -30.29 -17.96
C PHE A 630 27.38 -29.52 -18.47
N LEU A 631 27.27 -28.29 -17.99
CA LEU A 631 26.27 -27.33 -18.46
C LEU A 631 26.99 -26.07 -18.90
N ARG A 632 26.81 -25.68 -20.15
CA ARG A 632 27.47 -24.50 -20.69
C ARG A 632 26.60 -23.27 -20.48
N VAL A 633 27.15 -22.24 -19.84
CA VAL A 633 26.43 -21.01 -19.56
C VAL A 633 27.17 -19.87 -20.24
N GLU A 634 26.47 -19.13 -21.08
CA GLU A 634 27.02 -17.98 -21.78
C GLU A 634 26.33 -16.73 -21.25
N ASN A 635 27.12 -15.80 -20.70
CA ASN A 635 26.57 -14.62 -20.05
C ASN A 635 27.19 -13.36 -20.63
N HIS A 636 26.51 -12.24 -20.41
CA HIS A 636 26.87 -10.94 -20.96
C HIS A 636 27.31 -10.04 -19.81
N HIS A 637 28.60 -10.09 -19.50
CA HIS A 637 29.16 -9.29 -18.43
C HIS A 637 29.65 -7.95 -18.96
N ASP A 638 29.67 -6.95 -18.05
CA ASP A 638 30.08 -5.57 -18.31
C ASP A 638 29.33 -4.91 -19.47
N ASP B 28 20.48 -19.68 -32.64
CA ASP B 28 19.76 -20.86 -33.08
C ASP B 28 19.39 -21.75 -31.89
N TRP B 29 19.49 -23.06 -32.09
CA TRP B 29 19.25 -24.00 -31.01
C TRP B 29 20.36 -23.93 -29.97
N GLU B 30 19.97 -24.04 -28.70
CA GLU B 30 20.96 -23.95 -27.63
C GLU B 30 21.85 -25.19 -27.59
N GLN B 31 21.28 -26.37 -27.85
CA GLN B 31 22.06 -27.60 -27.82
C GLN B 31 23.06 -27.66 -28.97
N TYR B 32 22.67 -27.15 -30.14
CA TYR B 32 23.58 -27.12 -31.28
C TYR B 32 24.75 -26.16 -31.04
N ARG B 33 24.47 -25.00 -30.44
CA ARG B 33 25.56 -24.07 -30.13
C ARG B 33 26.45 -24.60 -29.01
N ASP B 34 25.87 -25.33 -28.05
CA ASP B 34 26.68 -25.98 -27.02
C ASP B 34 27.59 -27.05 -27.62
N ARG B 35 27.06 -27.85 -28.55
CA ARG B 35 27.88 -28.85 -29.22
C ARG B 35 28.97 -28.20 -30.08
N VAL B 36 28.64 -27.07 -30.71
CA VAL B 36 29.61 -26.33 -31.52
C VAL B 36 30.75 -25.80 -30.65
N ASN B 37 30.42 -25.23 -29.48
CA ASN B 37 31.46 -24.72 -28.59
C ASN B 37 32.30 -25.84 -27.99
N MET B 38 31.68 -26.96 -27.63
CA MET B 38 32.43 -28.10 -27.10
C MET B 38 33.35 -28.70 -28.17
N LEU B 39 32.87 -28.79 -29.42
CA LEU B 39 33.71 -29.29 -30.50
C LEU B 39 34.84 -28.32 -30.83
N GLN B 40 34.59 -27.02 -30.72
CA GLN B 40 35.64 -26.03 -30.95
C GLN B 40 36.73 -26.12 -29.89
N GLN B 41 36.35 -26.27 -28.62
CA GLN B 41 37.34 -26.45 -27.57
C GLN B 41 38.06 -27.80 -27.70
N GLU B 42 37.36 -28.83 -28.17
CA GLU B 42 37.98 -30.12 -28.41
C GLU B 42 39.03 -30.06 -29.51
N ARG B 43 38.71 -29.37 -30.61
CA ARG B 43 39.67 -29.26 -31.70
C ARG B 43 40.81 -28.29 -31.35
N ILE B 44 40.57 -27.34 -30.46
CA ILE B 44 41.66 -26.51 -29.95
C ILE B 44 42.61 -27.34 -29.09
N ARG B 45 42.05 -28.15 -28.18
CA ARG B 45 42.88 -28.93 -27.27
C ARG B 45 43.58 -30.09 -27.97
N ASP B 46 42.99 -30.61 -29.06
CA ASP B 46 43.64 -31.70 -29.79
C ASP B 46 44.82 -31.20 -30.59
N SER B 47 44.68 -30.08 -31.28
CA SER B 47 45.75 -29.54 -32.11
C SER B 47 46.81 -28.88 -31.24
N PRO B 48 48.08 -29.25 -31.36
CA PRO B 48 49.12 -28.61 -30.54
C PRO B 48 49.40 -27.17 -30.94
N LEU B 49 49.27 -26.83 -32.21
CA LEU B 49 49.43 -25.44 -32.66
C LEU B 49 48.33 -24.56 -32.08
N LEU B 50 47.08 -25.03 -32.12
CA LEU B 50 45.97 -24.27 -31.56
C LEU B 50 46.04 -24.21 -30.04
N GLN B 51 46.52 -25.28 -29.39
CA GLN B 51 46.70 -25.26 -27.94
C GLN B 51 47.77 -24.26 -27.53
N ALA B 52 48.88 -24.20 -28.28
CA ALA B 52 49.91 -23.21 -28.00
C ALA B 52 49.45 -21.80 -28.30
N ALA B 53 48.59 -21.63 -29.31
CA ALA B 53 48.04 -20.31 -29.61
C ALA B 53 47.06 -19.86 -28.52
N LYS B 54 46.29 -20.80 -27.95
CA LYS B 54 45.37 -20.44 -26.88
C LYS B 54 46.10 -20.14 -25.57
N GLU B 55 47.07 -20.98 -25.20
CA GLU B 55 47.73 -20.84 -23.92
C GLU B 55 48.90 -19.86 -23.95
N ASN B 56 49.17 -19.25 -25.10
CA ASN B 56 50.27 -18.29 -25.30
C ASN B 56 51.62 -18.90 -24.94
N ASP B 57 51.81 -20.16 -25.30
CA ASP B 57 53.08 -20.85 -25.11
C ASP B 57 53.99 -20.44 -26.26
N LEU B 58 54.91 -19.51 -25.99
CA LEU B 58 55.73 -18.95 -27.05
C LEU B 58 56.77 -19.96 -27.55
N ARG B 59 57.30 -20.78 -26.65
CA ARG B 59 58.36 -21.72 -27.01
C ARG B 59 57.84 -22.81 -27.93
N LEU B 60 56.71 -23.42 -27.57
CA LEU B 60 56.13 -24.48 -28.40
C LEU B 60 55.62 -23.94 -29.73
N LEU B 61 55.07 -22.73 -29.72
CA LEU B 61 54.61 -22.10 -30.95
C LEU B 61 55.77 -21.78 -31.88
N LYS B 62 56.88 -21.28 -31.33
CA LYS B 62 58.05 -21.00 -32.16
C LYS B 62 58.70 -22.27 -32.68
N ILE B 63 58.67 -23.35 -31.89
CA ILE B 63 59.16 -24.64 -32.36
C ILE B 63 58.28 -25.17 -33.50
N LEU B 64 56.99 -24.91 -33.39
CA LEU B 64 56.08 -25.34 -34.47
C LEU B 64 56.35 -24.48 -35.72
N LEU B 65 56.23 -23.16 -35.60
CA LEU B 65 56.41 -22.25 -36.76
C LEU B 65 57.85 -22.26 -37.32
N LEU B 66 58.88 -22.16 -36.46
CA LEU B 66 60.28 -22.27 -36.95
C LEU B 66 60.45 -23.63 -37.59
N ASN B 67 59.78 -24.63 -37.05
CA ASN B 67 59.79 -25.95 -37.73
C ASN B 67 59.00 -25.77 -39.00
N GLN B 68 59.25 -26.58 -40.02
CA GLN B 68 58.40 -26.42 -41.22
C GLN B 68 57.85 -27.79 -41.57
N SER B 69 56.88 -28.29 -40.78
CA SER B 69 56.20 -29.55 -41.13
C SER B 69 55.30 -29.28 -42.34
N CYS B 70 55.30 -28.05 -42.85
CA CYS B 70 54.51 -27.69 -44.06
C CYS B 70 53.02 -27.54 -43.74
N ASP B 71 52.66 -27.44 -42.46
CA ASP B 71 51.24 -27.26 -42.05
C ASP B 71 51.09 -25.97 -41.25
N PHE B 72 50.15 -25.09 -41.64
CA PHE B 72 49.94 -23.81 -40.91
C PHE B 72 48.48 -23.35 -40.99
N GLN B 73 47.63 -24.10 -41.71
CA GLN B 73 46.24 -23.64 -41.91
C GLN B 73 45.27 -24.62 -41.24
N GLN B 74 45.76 -25.43 -40.31
CA GLN B 74 44.86 -26.34 -39.56
C GLN B 74 43.63 -25.56 -39.08
N ARG B 75 42.45 -25.95 -39.55
CA ARG B 75 41.22 -25.32 -39.12
C ARG B 75 40.61 -26.09 -37.94
N GLY B 76 39.88 -25.36 -37.10
CA GLY B 76 39.19 -25.96 -35.97
C GLY B 76 37.86 -26.56 -36.37
N ALA B 77 37.01 -26.77 -35.36
CA ALA B 77 35.68 -27.31 -35.62
C ALA B 77 34.78 -26.31 -36.33
N VAL B 78 34.99 -25.02 -36.07
CA VAL B 78 34.21 -23.97 -36.72
C VAL B 78 34.95 -23.38 -37.92
N GLY B 79 36.03 -24.02 -38.36
CA GLY B 79 36.83 -23.48 -39.44
C GLY B 79 37.73 -22.33 -39.04
N GLU B 80 37.91 -22.10 -37.75
CA GLU B 80 38.77 -21.01 -37.30
C GLU B 80 40.24 -21.38 -37.51
N THR B 81 41.03 -20.38 -37.88
CA THR B 81 42.47 -20.57 -38.00
C THR B 81 43.13 -20.46 -36.62
N ALA B 82 44.45 -20.67 -36.59
CA ALA B 82 45.18 -20.48 -35.35
C ALA B 82 45.25 -19.00 -34.97
N LEU B 83 45.17 -18.11 -35.95
CA LEU B 83 45.10 -16.68 -35.69
C LEU B 83 43.81 -16.30 -34.99
N HIS B 84 42.70 -16.98 -35.34
CA HIS B 84 41.43 -16.76 -34.64
C HIS B 84 41.51 -17.18 -33.18
N VAL B 85 42.20 -18.30 -32.91
CA VAL B 85 42.37 -18.75 -31.54
C VAL B 85 43.28 -17.80 -30.77
N ALA B 86 44.32 -17.28 -31.44
CA ALA B 86 45.22 -16.32 -30.80
C ALA B 86 44.50 -15.01 -30.48
N ALA B 87 43.63 -14.55 -31.39
CA ALA B 87 42.88 -13.33 -31.14
C ALA B 87 41.76 -13.53 -30.13
N LEU B 88 41.25 -14.76 -30.01
CA LEU B 88 40.11 -15.02 -29.14
C LEU B 88 40.48 -14.96 -27.67
N TYR B 89 41.69 -15.37 -27.31
CA TYR B 89 42.10 -15.47 -25.92
C TYR B 89 43.08 -14.37 -25.51
N ASP B 90 43.14 -13.28 -26.30
CA ASP B 90 44.01 -12.11 -26.07
C ASP B 90 45.48 -12.51 -25.97
N ASN B 91 45.97 -13.08 -27.07
CA ASN B 91 47.36 -13.52 -27.19
C ASN B 91 48.00 -12.72 -28.32
N LEU B 92 48.52 -11.54 -27.98
CA LEU B 92 49.10 -10.66 -28.98
C LEU B 92 50.43 -11.21 -29.50
N GLU B 93 51.25 -11.75 -28.60
CA GLU B 93 52.56 -12.28 -29.00
C GLU B 93 52.41 -13.52 -29.89
N ALA B 94 51.48 -14.41 -29.54
CA ALA B 94 51.23 -15.60 -30.35
C ALA B 94 50.62 -15.22 -31.70
N ALA B 95 49.79 -14.19 -31.73
CA ALA B 95 49.21 -13.74 -32.99
C ALA B 95 50.26 -13.10 -33.89
N THR B 96 51.19 -12.33 -33.32
CA THR B 96 52.27 -11.76 -34.12
C THR B 96 53.24 -12.85 -34.61
N LEU B 97 53.46 -13.90 -33.81
CA LEU B 97 54.24 -15.03 -34.27
C LEU B 97 53.54 -15.78 -35.40
N LEU B 98 52.23 -15.93 -35.30
CA LEU B 98 51.46 -16.58 -36.37
C LEU B 98 51.32 -15.71 -37.60
N MET B 99 51.50 -14.40 -37.47
CA MET B 99 51.45 -13.51 -38.63
C MET B 99 52.82 -13.29 -39.26
N GLU B 100 53.92 -13.52 -38.52
CA GLU B 100 55.25 -13.42 -39.12
C GLU B 100 55.48 -14.51 -40.15
N ALA B 101 55.07 -15.74 -39.83
CA ALA B 101 55.18 -16.86 -40.76
C ALA B 101 53.80 -17.18 -41.32
N ALA B 102 53.71 -17.21 -42.66
CA ALA B 102 52.48 -17.37 -43.44
C ALA B 102 51.42 -16.34 -43.03
N PRO B 103 51.56 -15.07 -43.43
CA PRO B 103 50.61 -14.04 -42.99
C PRO B 103 49.24 -14.11 -43.66
N GLU B 104 49.01 -15.06 -44.56
CA GLU B 104 47.73 -15.20 -45.25
C GLU B 104 46.58 -15.53 -44.32
N LEU B 105 46.87 -16.00 -43.10
CA LEU B 105 45.86 -16.18 -42.06
C LEU B 105 45.18 -14.87 -41.67
N ALA B 106 45.78 -13.72 -41.97
CA ALA B 106 45.10 -12.45 -41.76
C ALA B 106 43.93 -12.24 -42.72
N LYS B 107 43.84 -13.02 -43.79
CA LYS B 107 42.73 -12.92 -44.74
C LYS B 107 41.96 -14.23 -44.84
N GLU B 108 41.71 -14.88 -43.72
CA GLU B 108 41.01 -16.16 -43.69
C GLU B 108 39.80 -16.10 -42.78
N PRO B 109 38.58 -16.20 -43.31
CA PRO B 109 37.40 -16.30 -42.46
C PRO B 109 37.10 -17.75 -42.06
N ALA B 110 36.22 -17.89 -41.08
CA ALA B 110 35.79 -19.21 -40.66
C ALA B 110 34.84 -19.82 -41.69
N LEU B 111 34.80 -21.15 -41.71
CA LEU B 111 34.09 -21.90 -42.75
C LEU B 111 33.10 -22.87 -42.15
N CYS B 112 32.27 -22.39 -41.22
CA CYS B 112 31.23 -23.23 -40.63
C CYS B 112 30.07 -22.34 -40.22
N GLU B 113 28.95 -22.99 -39.89
CA GLU B 113 27.65 -22.31 -39.76
C GLU B 113 27.57 -21.23 -38.68
N PRO B 114 27.98 -21.43 -37.41
CA PRO B 114 27.74 -20.36 -36.43
C PRO B 114 28.71 -19.20 -36.51
N PHE B 115 29.74 -19.26 -37.35
CA PHE B 115 30.72 -18.17 -37.41
C PHE B 115 31.17 -17.89 -38.84
N VAL B 116 30.31 -18.08 -39.83
CA VAL B 116 30.72 -17.92 -41.22
C VAL B 116 30.90 -16.44 -41.54
N GLY B 117 32.08 -16.09 -42.03
CA GLY B 117 32.43 -14.73 -42.35
C GLY B 117 33.26 -14.02 -41.30
N GLN B 118 33.39 -14.60 -40.11
CA GLN B 118 34.15 -13.97 -39.04
C GLN B 118 35.65 -14.16 -39.29
N THR B 119 36.39 -13.07 -39.29
CA THR B 119 37.83 -13.10 -39.41
C THR B 119 38.47 -12.85 -38.04
N ALA B 120 39.80 -12.80 -38.02
CA ALA B 120 40.51 -12.44 -36.80
C ALA B 120 40.36 -10.96 -36.47
N LEU B 121 40.05 -10.14 -37.48
CA LEU B 121 39.84 -8.70 -37.25
C LEU B 121 38.61 -8.46 -36.40
N HIS B 122 37.55 -9.25 -36.59
CA HIS B 122 36.33 -9.10 -35.79
C HIS B 122 36.59 -9.40 -34.32
N ILE B 123 37.31 -10.49 -34.05
CA ILE B 123 37.59 -10.87 -32.66
C ILE B 123 38.58 -9.90 -32.03
N ALA B 124 39.55 -9.41 -32.81
CA ALA B 124 40.51 -8.43 -32.31
C ALA B 124 39.83 -7.10 -32.00
N VAL B 125 38.83 -6.73 -32.80
CA VAL B 125 38.08 -5.52 -32.52
C VAL B 125 37.20 -5.69 -31.29
N MET B 126 36.52 -6.85 -31.17
CA MET B 126 35.64 -7.10 -30.03
C MET B 126 36.39 -7.21 -28.72
N ASN B 127 37.63 -7.70 -28.75
CA ASN B 127 38.43 -7.79 -27.54
C ASN B 127 39.16 -6.49 -27.21
N GLN B 128 39.01 -5.46 -28.06
CA GLN B 128 39.63 -4.14 -27.88
C GLN B 128 41.15 -4.21 -27.79
N ASN B 129 41.74 -5.15 -28.52
CA ASN B 129 43.20 -5.29 -28.58
C ASN B 129 43.68 -4.40 -29.73
N LEU B 130 44.00 -3.15 -29.39
CA LEU B 130 44.30 -2.13 -30.39
C LEU B 130 45.59 -2.44 -31.15
N ASN B 131 46.60 -2.98 -30.47
CA ASN B 131 47.84 -3.36 -31.15
C ASN B 131 47.61 -4.54 -32.07
N LEU B 132 46.70 -5.45 -31.72
CA LEU B 132 46.38 -6.56 -32.59
C LEU B 132 45.64 -6.10 -33.85
N VAL B 133 44.75 -5.10 -33.70
CA VAL B 133 44.06 -4.54 -34.86
C VAL B 133 45.05 -3.79 -35.75
N ARG B 134 46.02 -3.08 -35.14
CA ARG B 134 47.07 -2.41 -35.91
C ARG B 134 47.92 -3.42 -36.67
N ALA B 135 48.27 -4.54 -36.02
CA ALA B 135 49.08 -5.56 -36.68
C ALA B 135 48.31 -6.27 -37.80
N LEU B 136 47.01 -6.52 -37.58
CA LEU B 136 46.20 -7.16 -38.61
C LEU B 136 45.99 -6.24 -39.81
N LEU B 137 45.78 -4.94 -39.56
CA LEU B 137 45.67 -4.01 -40.68
C LEU B 137 47.01 -3.77 -41.36
N ALA B 138 48.11 -3.96 -40.63
CA ALA B 138 49.43 -3.91 -41.26
C ALA B 138 49.65 -5.12 -42.16
N ARG B 139 49.18 -6.29 -41.73
CA ARG B 139 49.32 -7.49 -42.56
C ARG B 139 48.23 -7.63 -43.60
N GLY B 140 47.28 -6.70 -43.65
CA GLY B 140 46.28 -6.71 -44.70
C GLY B 140 45.01 -7.46 -44.35
N ALA B 141 44.40 -7.13 -43.22
CA ALA B 141 43.12 -7.72 -42.86
C ALA B 141 42.01 -7.12 -43.72
N SER B 142 40.99 -7.93 -43.97
CA SER B 142 39.83 -7.49 -44.76
C SER B 142 38.99 -6.55 -43.90
N VAL B 143 39.03 -5.25 -44.22
CA VAL B 143 38.32 -4.25 -43.42
C VAL B 143 36.82 -4.24 -43.70
N SER B 144 36.37 -4.89 -44.78
CA SER B 144 34.96 -4.97 -45.11
C SER B 144 34.49 -6.43 -45.06
N ALA B 145 34.95 -7.16 -44.05
CA ALA B 145 34.63 -8.58 -43.93
C ALA B 145 33.22 -8.72 -43.40
N ARG B 146 32.30 -9.12 -44.28
CA ARG B 146 30.89 -9.25 -43.93
C ARG B 146 30.67 -10.61 -43.27
N ALA B 147 30.49 -10.61 -41.96
CA ALA B 147 30.32 -11.84 -41.19
C ALA B 147 28.84 -12.20 -41.18
N THR B 148 28.44 -13.09 -42.09
CA THR B 148 27.05 -13.54 -42.17
C THR B 148 26.82 -14.79 -41.33
N GLY B 149 27.24 -14.76 -40.08
CA GLY B 149 27.14 -15.91 -39.22
C GLY B 149 25.77 -16.06 -38.58
N ALA B 150 25.55 -17.25 -38.01
CA ALA B 150 24.31 -17.46 -37.27
C ALA B 150 24.36 -16.79 -35.90
N ALA B 151 25.54 -16.60 -35.35
CA ALA B 151 25.68 -15.96 -34.05
C ALA B 151 25.77 -14.43 -34.15
N PHE B 152 25.87 -13.88 -35.35
CA PHE B 152 25.96 -12.43 -35.55
C PHE B 152 24.65 -11.82 -36.01
N ARG B 153 23.58 -12.60 -36.06
CA ARG B 153 22.28 -12.08 -36.46
C ARG B 153 21.53 -11.56 -35.25
N ARG B 154 20.66 -10.59 -35.48
CA ARG B 154 19.82 -10.05 -34.41
C ARG B 154 18.73 -11.05 -34.09
N SER B 155 18.80 -11.66 -32.92
CA SER B 155 17.87 -12.70 -32.52
C SER B 155 17.85 -12.78 -31.01
N PRO B 156 16.76 -13.28 -30.41
CA PRO B 156 16.79 -13.54 -28.96
C PRO B 156 17.74 -14.66 -28.55
N HIS B 157 18.18 -15.51 -29.48
CA HIS B 157 19.17 -16.52 -29.15
C HIS B 157 20.53 -15.89 -28.87
N ASN B 158 20.89 -14.86 -29.62
CA ASN B 158 22.16 -14.17 -29.40
C ASN B 158 22.01 -13.12 -28.32
N LEU B 159 23.00 -13.04 -27.43
CA LEU B 159 22.96 -12.06 -26.35
C LEU B 159 23.25 -10.65 -26.86
N ILE B 160 24.02 -10.52 -27.94
CA ILE B 160 24.38 -9.22 -28.48
C ILE B 160 24.10 -9.20 -29.98
N TYR B 161 23.93 -7.99 -30.51
CA TYR B 161 23.84 -7.74 -31.94
C TYR B 161 24.76 -6.55 -32.20
N TYR B 162 25.99 -6.83 -32.59
CA TYR B 162 26.96 -5.78 -32.84
C TYR B 162 27.10 -5.43 -34.31
N GLY B 163 26.58 -6.26 -35.21
CA GLY B 163 26.59 -5.95 -36.62
C GLY B 163 27.22 -7.07 -37.42
N GLU B 164 27.67 -6.73 -38.63
CA GLU B 164 28.34 -7.68 -39.50
C GLU B 164 29.65 -7.14 -40.06
N HIS B 165 30.11 -5.99 -39.59
CA HIS B 165 31.30 -5.34 -40.09
C HIS B 165 32.23 -4.99 -38.93
N PRO B 166 33.54 -4.92 -39.17
CA PRO B 166 34.46 -4.47 -38.10
C PRO B 166 34.21 -3.05 -37.63
N LEU B 167 33.77 -2.16 -38.52
CA LEU B 167 33.41 -0.81 -38.10
C LEU B 167 32.18 -0.81 -37.20
N SER B 168 31.19 -1.64 -37.54
CA SER B 168 30.00 -1.79 -36.69
C SER B 168 30.36 -2.40 -35.34
N PHE B 169 31.27 -3.38 -35.34
CA PHE B 169 31.72 -3.99 -34.09
C PHE B 169 32.45 -2.97 -33.21
N ALA B 170 33.33 -2.16 -33.82
CA ALA B 170 34.09 -1.18 -33.06
C ALA B 170 33.22 -0.04 -32.57
N ALA B 171 32.21 0.35 -33.34
CA ALA B 171 31.28 1.38 -32.88
C ALA B 171 30.39 0.87 -31.76
N CYS B 172 29.97 -0.40 -31.83
CA CYS B 172 29.09 -0.94 -30.81
C CYS B 172 29.81 -1.27 -29.51
N VAL B 173 31.09 -1.68 -29.59
CA VAL B 173 31.83 -2.00 -28.37
C VAL B 173 32.14 -0.73 -27.58
N GLY B 174 32.73 0.27 -28.22
CA GLY B 174 32.94 1.54 -27.55
C GLY B 174 34.33 2.13 -27.66
N SER B 175 35.22 1.48 -28.40
CA SER B 175 36.58 1.98 -28.57
C SER B 175 36.61 2.94 -29.76
N GLU B 176 36.71 4.24 -29.46
CA GLU B 176 36.71 5.25 -30.51
C GLU B 176 37.99 5.21 -31.33
N GLU B 177 39.11 4.84 -30.72
CA GLU B 177 40.38 4.81 -31.42
C GLU B 177 40.41 3.72 -32.49
N ILE B 178 39.78 2.57 -32.20
CA ILE B 178 39.67 1.53 -33.21
C ILE B 178 38.73 1.94 -34.34
N VAL B 179 37.69 2.74 -34.02
CA VAL B 179 36.81 3.28 -35.05
C VAL B 179 37.58 4.22 -35.98
N ARG B 180 38.39 5.10 -35.40
CA ARG B 180 39.22 6.01 -36.20
C ARG B 180 40.25 5.24 -37.02
N LEU B 181 40.83 4.19 -36.45
CA LEU B 181 41.81 3.37 -37.16
C LEU B 181 41.19 2.63 -38.33
N LEU B 182 39.97 2.10 -38.15
CA LEU B 182 39.31 1.38 -39.24
C LEU B 182 38.84 2.34 -40.32
N ILE B 183 38.40 3.54 -39.94
CA ILE B 183 37.97 4.53 -40.93
C ILE B 183 39.16 5.04 -41.73
N GLU B 184 40.30 5.25 -41.06
CA GLU B 184 41.52 5.68 -41.75
C GLU B 184 42.06 4.64 -42.72
N HIS B 185 41.76 3.36 -42.52
CA HIS B 185 42.17 2.32 -43.45
C HIS B 185 41.15 2.04 -44.54
N GLY B 186 39.97 2.67 -44.47
CA GLY B 186 39.04 2.60 -45.58
C GLY B 186 37.81 1.76 -45.37
N ALA B 187 37.35 1.64 -44.13
CA ALA B 187 36.10 0.94 -43.86
C ALA B 187 34.93 1.81 -44.28
N ASP B 188 34.01 1.24 -45.06
CA ASP B 188 32.87 1.99 -45.56
C ASP B 188 31.86 2.18 -44.44
N ILE B 189 31.52 3.44 -44.16
CA ILE B 189 30.52 3.72 -43.14
C ILE B 189 29.13 3.37 -43.63
N ARG B 190 28.89 3.46 -44.94
CA ARG B 190 27.58 3.19 -45.51
C ARG B 190 27.48 1.73 -45.96
N ALA B 191 27.66 0.83 -44.99
CA ALA B 191 27.58 -0.60 -45.22
C ALA B 191 26.45 -1.18 -44.37
N GLN B 192 25.69 -2.10 -44.95
CA GLN B 192 24.48 -2.61 -44.32
C GLN B 192 24.61 -4.09 -43.99
N ASP B 193 23.75 -4.54 -43.07
CA ASP B 193 23.74 -5.91 -42.62
C ASP B 193 22.75 -6.74 -43.46
N SER B 194 22.43 -7.94 -42.98
CA SER B 194 21.39 -8.74 -43.61
C SER B 194 20.01 -8.12 -43.40
N LEU B 195 19.83 -7.38 -42.32
CA LEU B 195 18.61 -6.62 -42.09
C LEU B 195 18.66 -5.22 -42.69
N GLY B 196 19.72 -4.89 -43.41
CA GLY B 196 19.87 -3.57 -44.00
C GLY B 196 20.36 -2.50 -43.06
N ASN B 197 20.69 -2.85 -41.82
CA ASN B 197 21.07 -1.86 -40.83
C ASN B 197 22.47 -1.33 -41.09
N THR B 198 22.60 -0.01 -41.16
CA THR B 198 23.91 0.62 -41.19
C THR B 198 24.46 0.71 -39.78
N VAL B 199 25.62 1.36 -39.63
CA VAL B 199 26.30 1.41 -38.35
C VAL B 199 25.53 2.28 -37.35
N LEU B 200 24.74 3.24 -37.84
CA LEU B 200 23.94 4.08 -36.95
C LEU B 200 22.79 3.29 -36.35
N HIS B 201 22.19 2.39 -37.13
CA HIS B 201 21.09 1.57 -36.63
C HIS B 201 21.55 0.64 -35.52
N ILE B 202 22.66 -0.08 -35.74
CA ILE B 202 23.18 -1.00 -34.74
C ILE B 202 23.74 -0.25 -33.55
N LEU B 203 24.23 0.98 -33.77
CA LEU B 203 24.68 1.80 -32.65
C LEU B 203 23.50 2.25 -31.79
N ILE B 204 22.35 2.52 -32.43
CA ILE B 204 21.14 2.87 -31.68
C ILE B 204 20.60 1.66 -30.93
N LEU B 205 20.73 0.46 -31.52
CA LEU B 205 20.18 -0.76 -30.94
C LEU B 205 20.91 -1.22 -29.69
N GLN B 206 22.05 -0.64 -29.34
CA GLN B 206 22.77 -1.06 -28.15
C GLN B 206 22.05 -0.61 -26.87
N PRO B 207 22.13 -1.40 -25.80
CA PRO B 207 21.46 -0.98 -24.56
C PRO B 207 22.17 0.15 -23.84
N ASN B 208 23.51 0.14 -23.78
CA ASN B 208 24.24 1.22 -23.14
C ASN B 208 24.24 2.44 -24.04
N LYS B 209 23.89 3.60 -23.48
CA LYS B 209 23.63 4.80 -24.26
C LYS B 209 24.50 5.98 -23.90
N THR B 210 25.43 5.84 -22.93
CA THR B 210 26.31 6.94 -22.58
C THR B 210 27.34 7.20 -23.69
N PHE B 211 28.00 6.15 -24.16
CA PHE B 211 28.99 6.29 -25.22
C PHE B 211 28.37 6.29 -26.61
N ALA B 212 27.09 5.92 -26.72
CA ALA B 212 26.46 5.79 -28.02
C ALA B 212 26.28 7.15 -28.69
N CYS B 213 26.00 8.19 -27.91
CA CYS B 213 25.87 9.54 -28.46
C CYS B 213 27.20 10.05 -28.99
N GLN B 214 28.29 9.80 -28.25
CA GLN B 214 29.61 10.23 -28.71
C GLN B 214 30.05 9.44 -29.94
N MET B 215 29.72 8.14 -29.99
CA MET B 215 30.06 7.35 -31.17
C MET B 215 29.23 7.76 -32.38
N TYR B 216 27.98 8.16 -32.15
CA TYR B 216 27.14 8.70 -33.21
C TYR B 216 27.70 10.02 -33.74
N ASN B 217 28.18 10.88 -32.83
CA ASN B 217 28.84 12.13 -33.24
C ASN B 217 30.11 11.86 -34.03
N LEU B 218 30.88 10.86 -33.62
CA LEU B 218 32.13 10.52 -34.32
C LEU B 218 31.84 9.97 -35.72
N LEU B 219 30.85 9.09 -35.84
CA LEU B 219 30.52 8.52 -37.14
C LEU B 219 29.86 9.53 -38.06
N LEU B 220 29.13 10.51 -37.51
CA LEU B 220 28.64 11.60 -38.35
C LEU B 220 29.76 12.55 -38.74
N SER B 221 30.75 12.76 -37.86
CA SER B 221 31.86 13.65 -38.17
C SER B 221 32.78 13.06 -39.24
N TYR B 222 32.90 11.73 -39.29
CA TYR B 222 33.73 11.11 -40.31
C TYR B 222 33.03 10.93 -41.65
N ASP B 223 31.79 11.42 -41.75
CA ASP B 223 31.01 11.30 -43.01
C ASP B 223 31.48 12.39 -43.99
N GLU B 224 32.78 12.44 -44.25
CA GLU B 224 33.34 13.46 -45.17
C GLU B 224 32.68 13.30 -46.55
N HIS B 225 32.23 12.09 -46.88
CA HIS B 225 31.52 11.86 -48.16
C HIS B 225 30.45 12.93 -48.34
N SER B 226 29.49 13.02 -47.41
CA SER B 226 28.46 14.09 -47.45
C SER B 226 28.13 14.42 -48.91
N ASP B 227 27.70 13.43 -49.69
CA ASP B 227 27.41 13.67 -51.14
C ASP B 227 25.90 13.68 -51.35
N LEU B 229 24.54 11.49 -53.12
CA LEU B 229 24.27 10.57 -52.01
C LEU B 229 23.43 11.29 -50.94
N GLN B 230 22.95 10.54 -49.96
CA GLN B 230 22.19 11.15 -48.84
C GLN B 230 22.97 10.88 -47.56
N SER B 231 22.69 11.63 -46.50
CA SER B 231 23.45 11.48 -45.24
C SER B 231 23.18 10.09 -44.68
N LEU B 232 24.10 9.57 -43.87
CA LEU B 232 23.92 8.19 -43.37
C LEU B 232 22.57 8.15 -42.66
N GLU B 233 22.21 9.22 -41.95
CA GLU B 233 20.94 9.28 -41.19
C GLU B 233 19.73 8.95 -42.07
N LEU B 234 19.70 9.37 -43.32
CA LEU B 234 18.58 9.17 -44.22
C LEU B 234 18.62 7.81 -44.92
N VAL B 235 19.53 6.93 -44.51
CA VAL B 235 19.68 5.62 -45.15
C VAL B 235 18.72 4.65 -44.44
N PRO B 236 17.74 4.10 -45.14
CA PRO B 236 16.82 3.15 -44.50
C PRO B 236 17.34 1.73 -44.54
N ASN B 237 16.85 0.93 -43.60
CA ASN B 237 17.17 -0.49 -43.56
C ASN B 237 16.16 -1.26 -44.40
N HIS B 238 16.16 -2.59 -44.29
CA HIS B 238 15.23 -3.40 -45.06
C HIS B 238 13.80 -3.31 -44.53
N GLN B 239 13.61 -2.90 -43.28
CA GLN B 239 12.28 -2.63 -42.77
C GLN B 239 11.78 -1.24 -43.12
N GLY B 240 12.61 -0.41 -43.75
CA GLY B 240 12.22 0.93 -44.12
C GLY B 240 12.31 1.96 -43.02
N LEU B 241 13.16 1.74 -42.02
CA LEU B 241 13.29 2.65 -40.90
C LEU B 241 14.59 3.43 -41.01
N THR B 242 14.48 4.75 -40.91
CA THR B 242 15.64 5.61 -40.71
C THR B 242 16.14 5.44 -39.27
N PRO B 243 17.38 5.86 -38.97
CA PRO B 243 17.84 5.85 -37.56
C PRO B 243 16.99 6.69 -36.62
N PHE B 244 16.39 7.78 -37.10
CA PHE B 244 15.44 8.51 -36.28
C PHE B 244 14.20 7.67 -35.99
N LYS B 245 13.67 6.99 -37.01
CA LYS B 245 12.52 6.11 -36.81
C LYS B 245 12.88 4.90 -35.97
N LEU B 246 14.10 4.39 -36.09
CA LEU B 246 14.51 3.26 -35.25
C LEU B 246 14.70 3.67 -33.80
N ALA B 247 15.19 4.90 -33.57
CA ALA B 247 15.25 5.41 -32.21
C ALA B 247 13.86 5.65 -31.64
N GLY B 248 12.91 6.03 -32.48
CA GLY B 248 11.53 6.15 -32.02
C GLY B 248 10.89 4.81 -31.70
N VAL B 249 11.12 3.80 -32.54
CA VAL B 249 10.44 2.51 -32.38
C VAL B 249 10.99 1.76 -31.16
N GLU B 250 12.31 1.72 -31.02
CA GLU B 250 12.92 0.94 -29.95
C GLU B 250 12.90 1.64 -28.60
N GLY B 251 12.37 2.86 -28.52
CA GLY B 251 12.29 3.55 -27.25
C GLY B 251 13.59 4.11 -26.75
N ASN B 252 14.57 4.29 -27.64
CA ASN B 252 15.87 4.85 -27.26
C ASN B 252 15.68 6.35 -27.06
N THR B 253 15.35 6.73 -25.82
CA THR B 253 15.05 8.12 -25.52
C THR B 253 16.29 9.00 -25.53
N VAL B 254 17.44 8.46 -25.11
CA VAL B 254 18.67 9.24 -25.07
C VAL B 254 19.15 9.55 -26.49
N MET B 255 19.09 8.55 -27.38
CA MET B 255 19.45 8.80 -28.77
C MET B 255 18.42 9.68 -29.46
N PHE B 256 17.15 9.62 -29.02
CA PHE B 256 16.14 10.54 -29.55
C PHE B 256 16.44 11.98 -29.15
N GLN B 257 16.83 12.20 -27.90
CA GLN B 257 17.22 13.55 -27.45
C GLN B 257 18.46 14.04 -28.18
N HIS B 258 19.44 13.15 -28.39
CA HIS B 258 20.64 13.54 -29.12
C HIS B 258 20.33 13.84 -30.58
N LEU B 259 19.37 13.14 -31.18
CA LEU B 259 18.99 13.41 -32.56
C LEU B 259 18.21 14.72 -32.67
N MET B 260 17.36 15.02 -31.68
CA MET B 260 16.63 16.29 -31.72
C MET B 260 17.48 17.48 -31.31
N GLN B 261 18.63 17.24 -30.66
CA GLN B 261 19.55 18.35 -30.41
C GLN B 261 20.17 18.86 -31.70
N LYS B 262 20.34 17.99 -32.69
CA LYS B 262 20.93 18.38 -33.96
C LYS B 262 19.93 18.96 -34.94
N ARG B 263 18.64 18.92 -34.63
CA ARG B 263 17.59 19.38 -35.54
C ARG B 263 16.78 20.51 -34.95
N LYS B 264 17.25 21.11 -33.86
CA LYS B 264 16.57 22.25 -33.24
C LYS B 264 17.37 23.52 -33.50
N HIS B 265 16.67 24.65 -33.45
CA HIS B 265 17.30 25.95 -33.62
C HIS B 265 16.74 26.89 -32.55
N VAL B 266 17.61 27.39 -31.69
CA VAL B 266 17.21 28.27 -30.60
C VAL B 266 16.95 29.66 -31.21
N GLN B 267 15.69 30.09 -31.18
CA GLN B 267 15.35 31.40 -31.73
C GLN B 267 15.89 32.52 -30.85
N TRP B 268 15.53 32.51 -29.57
CA TRP B 268 16.08 33.50 -28.66
C TRP B 268 16.05 32.98 -27.23
N THR B 269 16.79 33.68 -26.36
CA THR B 269 16.88 33.35 -24.94
C THR B 269 16.88 34.68 -24.19
N CYS B 270 15.73 35.04 -23.63
CA CYS B 270 15.56 36.28 -22.87
C CYS B 270 15.27 35.90 -21.43
N GLY B 271 16.22 36.18 -20.53
CA GLY B 271 16.09 35.84 -19.14
C GLY B 271 16.00 34.36 -18.92
N PRO B 272 14.89 33.91 -18.31
CA PRO B 272 14.63 32.48 -18.20
C PRO B 272 13.81 31.89 -19.34
N LEU B 273 13.37 32.70 -20.29
CA LEU B 273 12.51 32.23 -21.38
C LEU B 273 13.36 31.90 -22.60
N THR B 274 13.43 30.62 -22.94
CA THR B 274 14.14 30.17 -24.14
C THR B 274 13.12 29.70 -25.16
N SER B 275 13.09 30.35 -26.31
CA SER B 275 12.24 29.94 -27.41
C SER B 275 13.10 29.31 -28.49
N THR B 276 12.83 28.04 -28.79
CA THR B 276 13.51 27.25 -29.79
C THR B 276 12.51 26.84 -30.88
N LEU B 277 13.05 26.36 -31.99
CA LEU B 277 12.26 26.06 -33.19
C LEU B 277 12.63 24.68 -33.70
N TYR B 278 11.93 23.65 -33.21
CA TYR B 278 12.22 22.28 -33.63
C TYR B 278 11.74 22.04 -35.06
N ASP B 279 12.42 21.12 -35.74
CA ASP B 279 12.11 20.76 -37.11
C ASP B 279 11.24 19.50 -37.11
N LEU B 280 10.15 19.53 -37.89
CA LEU B 280 9.20 18.44 -37.94
C LEU B 280 9.22 17.72 -39.29
N THR B 281 10.39 17.63 -39.92
CA THR B 281 10.48 16.92 -41.19
C THR B 281 10.35 15.42 -40.99
N GLU B 282 10.90 14.90 -39.89
CA GLU B 282 10.86 13.47 -39.63
C GLU B 282 9.82 13.06 -38.61
N ILE B 283 9.52 13.93 -37.64
CA ILE B 283 8.53 13.60 -36.61
C ILE B 283 7.12 13.58 -37.19
N ASP B 284 6.77 14.59 -38.00
CA ASP B 284 5.42 14.66 -38.53
C ASP B 284 5.21 13.63 -39.65
N SER B 285 6.21 13.45 -40.51
CA SER B 285 6.22 12.50 -41.62
C SER B 285 5.05 12.75 -42.58
N TRP B 286 5.09 13.93 -43.21
CA TRP B 286 4.07 14.30 -44.18
C TRP B 286 4.24 13.48 -45.46
N GLY B 287 3.13 12.92 -45.94
CA GLY B 287 3.13 12.17 -47.17
C GLY B 287 3.91 10.87 -47.14
N GLU B 288 3.76 10.08 -46.08
CA GLU B 288 4.43 8.79 -45.96
C GLU B 288 3.41 7.72 -45.64
N GLU B 289 3.77 6.47 -45.97
CA GLU B 289 2.89 5.35 -45.70
C GLU B 289 2.77 5.08 -44.20
N LEU B 290 3.90 5.02 -43.50
CA LEU B 290 3.93 4.83 -42.07
C LEU B 290 4.60 6.05 -41.44
N SER B 291 3.83 6.83 -40.69
CA SER B 291 4.36 8.01 -40.03
C SER B 291 5.23 7.61 -38.84
N PHE B 292 5.97 8.58 -38.32
CA PHE B 292 6.82 8.33 -37.16
C PHE B 292 6.01 8.00 -35.92
N LEU B 293 4.91 8.72 -35.70
CA LEU B 293 4.10 8.51 -34.51
C LEU B 293 3.34 7.18 -34.57
N GLU B 294 2.94 6.75 -35.76
CA GLU B 294 2.33 5.43 -35.90
C GLU B 294 3.33 4.32 -35.59
N LEU B 295 4.58 4.49 -36.02
CA LEU B 295 5.61 3.50 -35.72
C LEU B 295 5.97 3.51 -34.24
N VAL B 296 5.93 4.67 -33.59
CA VAL B 296 6.23 4.75 -32.17
C VAL B 296 5.13 4.08 -31.35
N VAL B 297 3.87 4.38 -31.66
CA VAL B 297 2.75 3.83 -30.90
C VAL B 297 2.60 2.34 -31.15
N SER B 298 2.63 1.92 -32.41
CA SER B 298 2.50 0.50 -32.75
C SER B 298 3.88 -0.17 -32.68
N SER B 299 4.36 -0.30 -31.45
CA SER B 299 5.66 -0.90 -31.18
C SER B 299 5.51 -1.90 -30.04
N LYS B 300 6.19 -3.05 -30.19
CA LYS B 300 6.07 -4.11 -29.19
C LYS B 300 6.81 -3.79 -27.91
N LYS B 301 7.81 -2.91 -27.98
CA LYS B 301 8.58 -2.55 -26.80
C LYS B 301 7.76 -1.64 -25.88
N ARG B 302 7.94 -1.85 -24.56
CA ARG B 302 7.25 -1.00 -23.60
C ARG B 302 7.90 0.37 -23.49
N GLU B 303 9.20 0.46 -23.79
CA GLU B 303 9.92 1.72 -23.68
C GLU B 303 9.62 2.70 -24.81
N ALA B 304 8.87 2.28 -25.83
CA ALA B 304 8.54 3.17 -26.93
C ALA B 304 7.51 4.23 -26.53
N ARG B 305 6.78 4.02 -25.44
CA ARG B 305 5.81 5.00 -24.98
C ARG B 305 6.46 6.21 -24.32
N GLN B 306 7.75 6.15 -24.01
CA GLN B 306 8.44 7.31 -23.45
C GLN B 306 8.89 8.30 -24.52
N ILE B 307 8.84 7.91 -25.80
CA ILE B 307 9.15 8.83 -26.88
C ILE B 307 8.08 9.92 -26.97
N LEU B 308 6.83 9.56 -26.66
CA LEU B 308 5.74 10.53 -26.68
C LEU B 308 5.86 11.56 -25.56
N GLU B 309 6.66 11.30 -24.54
CA GLU B 309 6.91 12.25 -23.47
C GLU B 309 8.02 13.24 -23.80
N GLN B 310 8.73 13.04 -24.91
CA GLN B 310 9.87 13.89 -25.23
C GLN B 310 9.39 15.26 -25.72
N THR B 311 10.37 16.17 -25.88
CA THR B 311 10.05 17.60 -25.99
C THR B 311 9.28 18.00 -27.24
N PRO B 312 9.68 17.61 -28.51
CA PRO B 312 8.85 18.07 -29.63
C PRO B 312 7.57 17.28 -29.80
N VAL B 313 7.64 15.97 -29.49
CA VAL B 313 6.54 15.06 -29.75
C VAL B 313 5.35 15.36 -28.84
N LYS B 314 5.62 15.67 -27.57
CA LYS B 314 4.55 15.97 -26.61
C LYS B 314 3.78 17.23 -27.00
N GLU B 315 4.50 18.29 -27.36
CA GLU B 315 3.84 19.51 -27.81
C GLU B 315 3.13 19.33 -29.14
N LEU B 316 3.69 18.51 -30.03
CA LEU B 316 3.05 18.27 -31.32
C LEU B 316 1.74 17.50 -31.17
N VAL B 317 1.74 16.43 -30.38
CA VAL B 317 0.52 15.66 -30.24
C VAL B 317 -0.49 16.40 -29.34
N SER B 318 -0.01 17.26 -28.43
CA SER B 318 -0.94 18.07 -27.65
C SER B 318 -1.62 19.11 -28.51
N PHE B 319 -0.87 19.74 -29.42
CA PHE B 319 -1.46 20.70 -30.36
C PHE B 319 -2.44 20.01 -31.31
N LYS B 320 -2.07 18.84 -31.83
CA LYS B 320 -2.94 18.10 -32.72
C LYS B 320 -4.21 17.64 -32.02
N TRP B 321 -4.09 17.18 -30.77
CA TRP B 321 -5.24 16.68 -30.06
C TRP B 321 -6.15 17.80 -29.59
N LYS B 322 -5.58 18.93 -29.15
CA LYS B 322 -6.41 20.02 -28.65
C LYS B 322 -7.09 20.77 -29.79
N LYS B 323 -6.41 20.95 -30.93
CA LYS B 323 -7.03 21.73 -31.99
C LYS B 323 -7.99 20.88 -32.82
N TYR B 324 -7.55 19.72 -33.27
CA TYR B 324 -8.34 18.93 -34.21
C TYR B 324 -8.84 17.60 -33.65
N GLY B 325 -8.04 16.93 -32.81
CA GLY B 325 -8.38 15.57 -32.41
C GLY B 325 -9.59 15.50 -31.49
N ARG B 326 -9.62 16.36 -30.47
CA ARG B 326 -10.72 16.32 -29.51
C ARG B 326 -12.09 16.72 -30.10
N PRO B 327 -12.25 17.80 -30.89
CA PRO B 327 -13.58 18.07 -31.45
C PRO B 327 -14.06 17.02 -32.44
N TYR B 328 -13.16 16.50 -33.29
CA TYR B 328 -13.56 15.47 -34.24
C TYR B 328 -13.91 14.17 -33.52
N PHE B 329 -13.17 13.83 -32.47
CA PHE B 329 -13.47 12.63 -31.70
C PHE B 329 -14.78 12.77 -30.94
N CYS B 330 -15.09 13.97 -30.43
CA CYS B 330 -16.36 14.18 -29.75
C CYS B 330 -17.53 14.15 -30.72
N VAL B 331 -17.34 14.69 -31.93
CA VAL B 331 -18.38 14.61 -32.96
C VAL B 331 -18.64 13.16 -33.38
N LEU B 332 -17.58 12.38 -33.56
CA LEU B 332 -17.74 10.97 -33.89
C LEU B 332 -18.38 10.17 -32.76
N ALA B 333 -18.04 10.51 -31.51
CA ALA B 333 -18.66 9.87 -30.37
C ALA B 333 -20.15 10.19 -30.27
N SER B 334 -20.52 11.44 -30.53
CA SER B 334 -21.94 11.81 -30.52
C SER B 334 -22.72 11.13 -31.63
N LEU B 335 -22.12 11.04 -32.83
CA LEU B 335 -22.76 10.34 -33.93
C LEU B 335 -22.92 8.85 -33.65
N TYR B 336 -21.91 8.23 -33.03
CA TYR B 336 -22.02 6.81 -32.68
C TYR B 336 -23.04 6.58 -31.57
N ILE B 337 -23.16 7.51 -30.63
CA ILE B 337 -24.16 7.37 -29.58
C ILE B 337 -25.57 7.50 -30.14
N LEU B 338 -25.79 8.47 -31.05
CA LEU B 338 -27.11 8.59 -31.68
C LEU B 338 -27.41 7.39 -32.58
N TYR B 339 -26.38 6.85 -33.24
CA TYR B 339 -26.56 5.64 -34.05
C TYR B 339 -26.94 4.44 -33.19
N MET B 340 -26.31 4.30 -32.02
CA MET B 340 -26.69 3.20 -31.13
C MET B 340 -28.06 3.42 -30.50
N ILE B 341 -28.46 4.69 -30.30
CA ILE B 341 -29.82 4.97 -29.84
C ILE B 341 -30.83 4.54 -30.90
N CYS B 342 -30.55 4.82 -32.17
CA CYS B 342 -31.43 4.38 -33.26
C CYS B 342 -31.49 2.87 -33.36
N PHE B 343 -30.35 2.19 -33.21
CA PHE B 343 -30.34 0.73 -33.24
C PHE B 343 -31.09 0.13 -32.06
N THR B 344 -30.93 0.71 -30.87
CA THR B 344 -31.65 0.24 -29.68
C THR B 344 -33.15 0.45 -29.83
N THR B 345 -33.56 1.59 -30.39
CA THR B 345 -34.97 1.85 -30.61
C THR B 345 -35.57 0.93 -31.67
N CYS B 346 -34.76 0.53 -32.66
CA CYS B 346 -35.24 -0.47 -33.61
C CYS B 346 -35.30 -1.86 -32.98
N CYS B 347 -34.47 -2.12 -31.97
CA CYS B 347 -34.55 -3.40 -31.27
C CYS B 347 -35.77 -3.47 -30.35
N ILE B 348 -36.11 -2.34 -29.71
CA ILE B 348 -37.22 -2.33 -28.77
C ILE B 348 -38.54 -2.48 -29.50
N TYR B 349 -38.70 -1.77 -30.62
CA TYR B 349 -39.94 -1.78 -31.39
C TYR B 349 -39.95 -2.85 -32.47
N ARG B 350 -39.27 -3.96 -32.23
CA ARG B 350 -39.19 -5.06 -33.19
C ARG B 350 -40.58 -5.65 -33.44
N PRO B 351 -40.93 -5.96 -34.69
CA PRO B 351 -42.30 -6.42 -34.99
C PRO B 351 -42.55 -7.81 -34.43
N LEU B 352 -43.52 -7.90 -33.52
CA LEU B 352 -43.89 -9.14 -32.86
C LEU B 352 -45.40 -9.30 -32.89
N LYS B 353 -45.85 -10.54 -33.08
CA LYS B 353 -47.26 -10.88 -33.12
C LYS B 353 -47.55 -11.95 -32.08
N LEU B 354 -48.84 -12.18 -31.85
CA LEU B 354 -49.28 -13.22 -30.93
C LEU B 354 -48.96 -14.60 -31.49
N ARG B 355 -48.72 -15.55 -30.58
CA ARG B 355 -48.35 -16.89 -30.98
C ARG B 355 -49.55 -17.62 -31.57
N ASP B 356 -49.33 -18.28 -32.71
CA ASP B 356 -50.43 -18.97 -33.38
C ASP B 356 -50.82 -20.24 -32.65
N ASP B 357 -49.85 -21.05 -32.24
CA ASP B 357 -50.15 -22.33 -31.64
C ASP B 357 -50.48 -22.16 -30.15
N ASN B 358 -50.87 -23.26 -29.52
CA ASN B 358 -51.28 -23.26 -28.12
C ASN B 358 -50.15 -23.78 -27.25
N ARG B 359 -50.01 -23.19 -26.06
CA ARG B 359 -48.96 -23.56 -25.10
C ARG B 359 -49.38 -24.86 -24.43
N THR B 360 -49.05 -25.98 -25.09
CA THR B 360 -49.37 -27.29 -24.54
C THR B 360 -48.47 -27.63 -23.36
N ASP B 361 -47.19 -27.31 -23.47
CA ASP B 361 -46.26 -27.58 -22.37
C ASP B 361 -46.49 -26.57 -21.24
N PRO B 362 -46.64 -27.01 -20.00
CA PRO B 362 -46.86 -26.06 -18.90
C PRO B 362 -45.64 -25.25 -18.53
N ARG B 363 -44.44 -25.67 -18.91
CA ARG B 363 -43.22 -24.94 -18.62
C ARG B 363 -42.82 -23.99 -19.73
N ASP B 364 -43.61 -23.87 -20.79
CA ASP B 364 -43.32 -22.98 -21.90
C ASP B 364 -44.06 -21.66 -21.69
N ILE B 365 -43.33 -20.55 -21.74
CA ILE B 365 -43.88 -19.24 -21.46
C ILE B 365 -43.74 -18.29 -22.64
N THR B 366 -43.65 -18.83 -23.85
CA THR B 366 -43.52 -18.01 -25.04
C THR B 366 -44.91 -17.67 -25.56
N ILE B 367 -45.26 -16.38 -25.57
CA ILE B 367 -46.58 -15.94 -26.01
C ILE B 367 -46.53 -15.13 -27.29
N LEU B 368 -45.37 -14.68 -27.73
CA LEU B 368 -45.23 -13.90 -28.96
C LEU B 368 -44.22 -14.57 -29.89
N GLN B 369 -44.24 -14.12 -31.13
CA GLN B 369 -43.26 -14.59 -32.12
C GLN B 369 -43.02 -13.46 -33.11
N GLN B 370 -42.08 -13.70 -34.02
CA GLN B 370 -41.72 -12.68 -34.99
C GLN B 370 -42.72 -12.67 -36.15
N LYS B 371 -43.13 -11.47 -36.55
CA LYS B 371 -44.01 -11.33 -37.69
C LYS B 371 -43.24 -11.63 -38.98
N LEU B 372 -43.99 -12.00 -40.01
CA LEU B 372 -43.38 -12.26 -41.31
C LEU B 372 -43.00 -10.94 -41.97
N LEU B 373 -42.23 -11.05 -43.06
CA LEU B 373 -41.82 -9.87 -43.80
C LEU B 373 -43.00 -9.19 -44.49
N GLN B 374 -44.01 -9.96 -44.89
CA GLN B 374 -45.23 -9.37 -45.41
C GLN B 374 -46.09 -8.77 -44.32
N GLU B 375 -46.12 -9.40 -43.13
CA GLU B 375 -46.94 -8.89 -42.03
C GLU B 375 -46.34 -7.62 -41.45
N ALA B 376 -45.02 -7.53 -41.39
CA ALA B 376 -44.37 -6.31 -40.94
C ALA B 376 -44.37 -5.28 -42.07
N TYR B 377 -43.96 -4.05 -41.71
CA TYR B 377 -43.87 -2.90 -42.61
C TYR B 377 -45.22 -2.59 -43.26
N VAL B 378 -46.20 -2.28 -42.41
CA VAL B 378 -47.55 -1.96 -42.82
C VAL B 378 -47.99 -0.59 -42.32
N THR B 379 -47.89 -0.37 -41.01
CA THR B 379 -48.37 0.87 -40.42
C THR B 379 -47.33 1.98 -40.58
N HIS B 380 -47.64 3.15 -40.00
CA HIS B 380 -46.72 4.29 -40.08
C HIS B 380 -45.52 4.09 -39.17
N GLN B 381 -45.76 3.56 -37.96
CA GLN B 381 -44.68 3.28 -37.02
C GLN B 381 -43.74 2.20 -37.55
N ASP B 382 -44.27 1.24 -38.30
CA ASP B 382 -43.43 0.26 -38.98
C ASP B 382 -42.57 0.91 -40.06
N ASN B 383 -43.06 1.97 -40.72
CA ASN B 383 -42.24 2.65 -41.70
C ASN B 383 -41.15 3.49 -41.02
N ILE B 384 -41.44 4.05 -39.85
CA ILE B 384 -40.41 4.73 -39.05
C ILE B 384 -39.35 3.73 -38.62
N ARG B 385 -39.77 2.52 -38.22
CA ARG B 385 -38.83 1.45 -37.90
C ARG B 385 -38.01 1.04 -39.12
N LEU B 386 -38.63 1.04 -40.31
CA LEU B 386 -37.90 0.72 -41.54
C LEU B 386 -36.83 1.76 -41.84
N VAL B 387 -37.16 3.04 -41.62
CA VAL B 387 -36.17 4.12 -41.79
C VAL B 387 -35.01 3.94 -40.82
N GLY B 388 -35.32 3.62 -39.56
CA GLY B 388 -34.26 3.39 -38.59
C GLY B 388 -33.41 2.16 -38.90
N GLU B 389 -34.03 1.11 -39.44
CA GLU B 389 -33.28 -0.09 -39.80
C GLU B 389 -32.39 0.16 -41.02
N LEU B 390 -32.85 0.98 -41.97
CA LEU B 390 -31.99 1.38 -43.08
C LEU B 390 -30.80 2.21 -42.59
N VAL B 391 -31.04 3.08 -41.60
CA VAL B 391 -29.97 3.83 -40.97
C VAL B 391 -28.96 2.90 -40.30
N THR B 392 -29.46 1.86 -39.62
CA THR B 392 -28.61 0.90 -38.94
C THR B 392 -27.77 0.08 -39.92
N VAL B 393 -28.39 -0.40 -41.00
CA VAL B 393 -27.66 -1.19 -42.00
C VAL B 393 -26.62 -0.33 -42.72
N THR B 394 -26.97 0.92 -43.04
CA THR B 394 -26.02 1.83 -43.67
C THR B 394 -24.85 2.14 -42.73
N GLY B 395 -25.13 2.30 -41.44
CA GLY B 395 -24.07 2.54 -40.48
C GLY B 395 -23.15 1.33 -40.32
N ALA B 396 -23.71 0.13 -40.36
CA ALA B 396 -22.88 -1.07 -40.27
C ALA B 396 -22.03 -1.26 -41.52
N VAL B 397 -22.57 -0.91 -42.70
CA VAL B 397 -21.79 -0.96 -43.94
C VAL B 397 -20.66 0.07 -43.91
N ILE B 398 -20.95 1.27 -43.40
CA ILE B 398 -19.91 2.30 -43.25
C ILE B 398 -18.83 1.85 -42.27
N ILE B 399 -19.25 1.18 -41.19
CA ILE B 399 -18.32 0.64 -40.20
C ILE B 399 -17.40 -0.41 -40.83
N LEU B 400 -17.98 -1.32 -41.64
CA LEU B 400 -17.17 -2.34 -42.29
C LEU B 400 -16.23 -1.74 -43.32
N LEU B 401 -16.68 -0.72 -44.06
CA LEU B 401 -15.83 -0.07 -45.04
C LEU B 401 -14.70 0.71 -44.38
N LEU B 402 -14.92 1.21 -43.16
CA LEU B 402 -13.85 1.88 -42.44
C LEU B 402 -12.87 0.89 -41.81
N GLU B 403 -13.34 -0.28 -41.37
CA GLU B 403 -12.49 -1.17 -40.58
C GLU B 403 -11.81 -2.27 -41.39
N ILE B 404 -12.41 -2.75 -42.47
CA ILE B 404 -11.85 -3.85 -43.27
C ILE B 404 -10.50 -3.53 -43.92
N PRO B 405 -10.26 -2.40 -44.59
CA PRO B 405 -8.90 -2.19 -45.16
C PRO B 405 -7.81 -1.95 -44.13
N ASP B 406 -8.16 -1.65 -42.87
CA ASP B 406 -7.13 -1.55 -41.84
C ASP B 406 -6.57 -2.92 -41.44
N ILE B 407 -7.33 -3.99 -41.68
CA ILE B 407 -6.82 -5.34 -41.42
C ILE B 407 -5.83 -5.78 -42.50
N PHE B 408 -5.86 -5.16 -43.68
CA PHE B 408 -4.93 -5.51 -44.74
C PHE B 408 -3.82 -4.47 -44.90
N ARG B 409 -4.00 -3.26 -44.40
CA ARG B 409 -2.93 -2.26 -44.47
C ARG B 409 -1.78 -2.62 -43.56
N VAL B 410 -2.09 -3.12 -42.36
CA VAL B 410 -1.08 -3.67 -41.45
C VAL B 410 -1.41 -5.14 -41.25
N GLY B 411 -0.64 -5.82 -40.41
CA GLY B 411 -0.93 -7.20 -40.11
C GLY B 411 -2.22 -7.36 -39.32
N ALA B 412 -2.88 -8.50 -39.50
CA ALA B 412 -4.13 -8.77 -38.79
C ALA B 412 -3.88 -8.95 -37.30
N SER B 413 -2.81 -9.66 -36.94
CA SER B 413 -2.47 -9.86 -35.54
C SER B 413 -1.98 -8.57 -34.89
N ARG B 414 -1.33 -7.70 -35.66
CA ARG B 414 -0.90 -6.41 -35.12
C ARG B 414 -2.09 -5.48 -34.93
N TYR B 415 -3.05 -5.51 -35.85
CA TYR B 415 -4.22 -4.64 -35.76
C TYR B 415 -5.19 -5.12 -34.69
N PHE B 416 -5.35 -6.42 -34.51
CA PHE B 416 -6.28 -6.96 -33.54
C PHE B 416 -5.65 -7.22 -32.18
N GLY B 417 -4.35 -6.97 -32.01
CA GLY B 417 -3.68 -7.42 -30.81
C GLY B 417 -2.89 -6.38 -30.03
N GLN B 418 -3.23 -5.11 -30.18
CA GLN B 418 -2.56 -4.03 -29.45
C GLN B 418 -3.57 -3.24 -28.65
N THR B 419 -3.25 -2.98 -27.38
CA THR B 419 -4.15 -2.26 -26.50
C THR B 419 -4.30 -0.79 -26.91
N ILE B 420 -3.19 -0.16 -27.30
CA ILE B 420 -3.17 1.29 -27.49
C ILE B 420 -3.97 1.69 -28.72
N LEU B 421 -3.78 1.00 -29.84
CA LEU B 421 -4.44 1.35 -31.09
C LEU B 421 -5.80 0.66 -31.20
N GLY B 422 -6.67 0.94 -30.24
CA GLY B 422 -7.93 0.25 -30.19
C GLY B 422 -7.73 -1.20 -29.79
N GLY B 423 -7.85 -2.10 -30.77
CA GLY B 423 -7.57 -3.50 -30.55
C GLY B 423 -8.84 -4.32 -30.43
N PRO B 424 -9.20 -4.69 -29.20
CA PRO B 424 -10.48 -5.40 -28.99
C PRO B 424 -11.70 -4.58 -29.35
N PHE B 425 -11.61 -3.26 -29.30
CA PHE B 425 -12.72 -2.42 -29.75
C PHE B 425 -12.99 -2.59 -31.24
N HIS B 426 -11.93 -2.74 -32.03
CA HIS B 426 -12.09 -3.00 -33.46
C HIS B 426 -12.72 -4.36 -33.70
N VAL B 427 -12.35 -5.36 -32.90
CA VAL B 427 -12.92 -6.70 -33.05
C VAL B 427 -14.40 -6.69 -32.72
N ILE B 428 -14.79 -6.02 -31.62
CA ILE B 428 -16.20 -6.02 -31.26
C ILE B 428 -17.00 -5.09 -32.17
N ILE B 429 -16.36 -4.08 -32.78
CA ILE B 429 -17.06 -3.22 -33.73
C ILE B 429 -17.32 -3.97 -35.04
N ILE B 430 -16.35 -4.74 -35.51
CA ILE B 430 -16.55 -5.56 -36.71
C ILE B 430 -17.56 -6.66 -36.44
N THR B 431 -17.52 -7.25 -35.23
CA THR B 431 -18.51 -8.25 -34.86
C THR B 431 -19.92 -7.65 -34.78
N TYR B 432 -20.03 -6.42 -34.27
CA TYR B 432 -21.32 -5.73 -34.23
C TYR B 432 -21.88 -5.48 -35.62
N ALA B 433 -21.02 -5.03 -36.55
CA ALA B 433 -21.47 -4.82 -37.93
C ALA B 433 -21.87 -6.11 -38.60
N SER B 434 -21.11 -7.18 -38.36
CA SER B 434 -21.42 -8.49 -38.94
C SER B 434 -22.75 -9.04 -38.39
N LEU B 435 -23.00 -8.85 -37.09
CA LEU B 435 -24.25 -9.33 -36.51
C LEU B 435 -25.44 -8.49 -36.95
N VAL B 436 -25.26 -7.18 -37.17
CA VAL B 436 -26.32 -6.36 -37.71
C VAL B 436 -26.66 -6.79 -39.14
N LEU B 437 -25.64 -7.06 -39.96
CA LEU B 437 -25.90 -7.54 -41.32
C LEU B 437 -26.52 -8.93 -41.33
N LEU B 438 -26.13 -9.79 -40.39
CA LEU B 438 -26.74 -11.11 -40.27
C LEU B 438 -28.20 -11.01 -39.84
N THR B 439 -28.51 -10.06 -38.95
CA THR B 439 -29.90 -9.81 -38.57
C THR B 439 -30.71 -9.30 -39.75
N MET B 440 -30.12 -8.45 -40.59
CA MET B 440 -30.79 -7.99 -41.79
C MET B 440 -31.06 -9.14 -42.76
N VAL B 441 -30.08 -10.05 -42.90
CA VAL B 441 -30.26 -11.23 -43.76
C VAL B 441 -31.37 -12.13 -43.23
N MET B 442 -31.40 -12.35 -41.91
CA MET B 442 -32.46 -13.17 -41.31
C MET B 442 -33.82 -12.49 -41.37
N ARG B 443 -33.84 -11.16 -41.39
CA ARG B 443 -35.09 -10.44 -41.53
C ARG B 443 -35.63 -10.53 -42.95
N LEU B 444 -34.75 -10.44 -43.94
CA LEU B 444 -35.21 -10.51 -45.33
C LEU B 444 -35.60 -11.92 -45.74
N THR B 445 -35.00 -12.94 -45.11
CA THR B 445 -35.26 -14.33 -45.48
C THR B 445 -36.32 -15.00 -44.63
N ASN B 446 -36.98 -14.24 -43.73
CA ASN B 446 -38.02 -14.73 -42.82
C ASN B 446 -37.52 -15.89 -41.94
N MET B 447 -36.27 -15.82 -41.52
CA MET B 447 -35.68 -16.85 -40.69
C MET B 447 -35.91 -16.50 -39.21
N ASN B 448 -36.43 -17.46 -38.46
CA ASN B 448 -36.70 -17.24 -37.05
C ASN B 448 -35.42 -17.25 -36.24
N GLY B 449 -35.40 -16.44 -35.17
CA GLY B 449 -34.28 -16.42 -34.27
C GLY B 449 -33.40 -15.20 -34.38
N GLU B 450 -34.00 -14.03 -34.60
CA GLU B 450 -33.25 -12.77 -34.62
C GLU B 450 -32.87 -12.30 -33.23
N VAL B 451 -33.39 -12.94 -32.18
CA VAL B 451 -33.11 -12.54 -30.81
C VAL B 451 -31.64 -12.79 -30.47
N VAL B 452 -31.07 -13.88 -30.98
CA VAL B 452 -29.64 -14.17 -30.72
C VAL B 452 -28.71 -13.14 -31.34
N PRO B 453 -28.77 -12.82 -32.65
CA PRO B 453 -27.85 -11.78 -33.14
C PRO B 453 -28.23 -10.39 -32.68
N LEU B 454 -29.51 -10.13 -32.40
CA LEU B 454 -29.88 -8.80 -31.90
C LEU B 454 -29.38 -8.58 -30.48
N SER B 455 -29.43 -9.62 -29.64
CA SER B 455 -28.89 -9.50 -28.28
C SER B 455 -27.38 -9.38 -28.31
N PHE B 456 -26.72 -10.15 -29.19
CA PHE B 456 -25.27 -10.05 -29.36
C PHE B 456 -24.86 -8.65 -29.83
N ALA B 457 -25.61 -8.10 -30.79
CA ALA B 457 -25.28 -6.78 -31.31
C ALA B 457 -25.62 -5.67 -30.33
N LEU B 458 -26.64 -5.87 -29.49
CA LEU B 458 -26.95 -4.87 -28.48
C LEU B 458 -25.91 -4.86 -27.37
N VAL B 459 -25.40 -6.03 -26.99
CA VAL B 459 -24.35 -6.07 -25.98
C VAL B 459 -23.04 -5.52 -26.53
N LEU B 460 -22.66 -5.94 -27.73
CA LEU B 460 -21.35 -5.55 -28.27
C LEU B 460 -21.33 -4.11 -28.77
N GLY B 461 -22.44 -3.66 -29.36
CA GLY B 461 -22.47 -2.32 -29.91
C GLY B 461 -22.44 -1.23 -28.86
N TRP B 462 -23.13 -1.44 -27.74
CA TRP B 462 -23.11 -0.43 -26.68
C TRP B 462 -21.80 -0.48 -25.92
N CYS B 463 -21.20 -1.65 -25.77
CA CYS B 463 -19.91 -1.74 -25.09
C CYS B 463 -18.77 -1.16 -25.91
N SER B 464 -18.96 -0.96 -27.21
CA SER B 464 -17.94 -0.32 -28.03
C SER B 464 -17.88 1.18 -27.84
N VAL B 465 -18.92 1.79 -27.24
CA VAL B 465 -18.94 3.22 -26.95
C VAL B 465 -17.86 3.58 -25.93
N MET B 466 -17.44 2.62 -25.10
CA MET B 466 -16.31 2.83 -24.18
C MET B 466 -15.00 3.08 -24.92
N TYR B 467 -14.91 2.71 -26.21
CA TYR B 467 -13.80 3.13 -27.06
C TYR B 467 -13.67 4.65 -27.06
N PHE B 468 -14.80 5.35 -27.20
CA PHE B 468 -14.81 6.81 -27.15
C PHE B 468 -14.55 7.36 -25.75
N ALA B 469 -14.39 6.49 -24.74
CA ALA B 469 -13.88 6.92 -23.44
C ALA B 469 -12.38 7.21 -23.48
N ARG B 470 -11.68 6.85 -24.55
CA ARG B 470 -10.24 7.15 -24.59
C ARG B 470 -9.96 8.60 -24.96
N GLY B 471 -10.96 9.37 -25.38
CA GLY B 471 -10.78 10.76 -25.69
C GLY B 471 -10.86 11.73 -24.54
N PHE B 472 -11.10 11.22 -23.33
CA PHE B 472 -11.23 12.07 -22.15
C PHE B 472 -10.26 11.60 -21.09
N GLN B 473 -9.61 12.51 -20.39
CA GLN B 473 -8.53 12.07 -19.49
C GLN B 473 -9.10 11.31 -18.33
N MET B 474 -10.15 11.82 -17.75
CA MET B 474 -10.62 11.16 -16.53
C MET B 474 -11.07 9.73 -16.83
N LEU B 475 -11.83 9.51 -17.90
CA LEU B 475 -12.40 8.15 -18.12
C LEU B 475 -11.49 7.25 -18.95
N GLY B 476 -10.49 7.78 -19.62
CA GLY B 476 -9.67 6.98 -20.53
C GLY B 476 -8.86 5.86 -19.91
N PRO B 477 -8.18 6.04 -18.77
CA PRO B 477 -7.39 4.97 -18.21
C PRO B 477 -8.26 3.93 -17.50
N PHE B 478 -9.59 3.97 -17.64
CA PHE B 478 -10.51 3.00 -17.06
C PHE B 478 -10.76 1.84 -18.02
N THR B 479 -10.84 2.12 -19.32
CA THR B 479 -10.96 1.06 -20.31
C THR B 479 -9.70 0.21 -20.36
N ILE B 480 -8.54 0.83 -20.10
CA ILE B 480 -7.30 0.06 -20.00
C ILE B 480 -7.30 -0.82 -18.76
N MET B 481 -7.88 -0.34 -17.65
CA MET B 481 -8.04 -1.17 -16.46
C MET B 481 -8.94 -2.37 -16.73
N ILE B 482 -10.05 -2.15 -17.43
CA ILE B 482 -10.96 -3.26 -17.74
C ILE B 482 -10.32 -4.23 -18.72
N GLN B 483 -9.54 -3.72 -19.68
CA GLN B 483 -8.86 -4.59 -20.63
C GLN B 483 -7.78 -5.43 -19.95
N LYS B 484 -7.01 -4.83 -19.05
CA LYS B 484 -6.00 -5.59 -18.34
C LYS B 484 -6.57 -6.40 -17.18
N MET B 485 -7.85 -6.25 -16.87
CA MET B 485 -8.52 -7.19 -15.97
C MET B 485 -9.13 -8.37 -16.70
N ILE B 486 -9.67 -8.16 -17.90
CA ILE B 486 -10.30 -9.25 -18.63
C ILE B 486 -9.27 -10.18 -19.24
N PHE B 487 -8.38 -9.62 -20.07
CA PHE B 487 -7.37 -10.46 -20.70
C PHE B 487 -6.17 -10.68 -19.81
N GLY B 488 -5.98 -9.83 -18.80
CA GLY B 488 -4.87 -10.00 -17.88
C GLY B 488 -5.15 -10.97 -16.76
N ASP B 489 -6.16 -10.69 -15.94
CA ASP B 489 -6.42 -11.46 -14.74
C ASP B 489 -7.57 -12.46 -14.87
N LEU B 490 -8.63 -12.10 -15.60
CA LEU B 490 -9.79 -12.96 -15.71
C LEU B 490 -9.48 -14.21 -16.52
N MET B 491 -8.66 -14.09 -17.57
CA MET B 491 -8.30 -15.25 -18.37
C MET B 491 -7.36 -16.20 -17.65
N ARG B 492 -6.71 -15.75 -16.58
CA ARG B 492 -5.90 -16.64 -15.75
C ARG B 492 -6.71 -17.25 -14.62
N PHE B 493 -7.59 -16.47 -13.99
CA PHE B 493 -8.34 -16.98 -12.85
C PHE B 493 -9.52 -17.86 -13.26
N CYS B 494 -9.98 -17.78 -14.51
CA CYS B 494 -11.17 -18.50 -14.91
C CYS B 494 -10.97 -20.01 -14.96
N TRP B 495 -9.73 -20.48 -15.03
CA TRP B 495 -9.50 -21.92 -15.06
C TRP B 495 -9.73 -22.54 -13.68
N LEU B 496 -9.22 -21.89 -12.63
CA LEU B 496 -9.44 -22.37 -11.26
C LEU B 496 -10.92 -22.24 -10.88
N MET B 497 -11.54 -21.13 -11.28
CA MET B 497 -12.96 -20.92 -11.02
C MET B 497 -13.81 -21.95 -11.76
N ALA B 498 -13.45 -22.26 -13.01
CA ALA B 498 -14.17 -23.28 -13.77
C ALA B 498 -13.95 -24.67 -13.20
N VAL B 499 -12.78 -24.92 -12.62
CA VAL B 499 -12.52 -26.19 -11.94
C VAL B 499 -13.42 -26.34 -10.71
N VAL B 500 -13.58 -25.27 -9.93
CA VAL B 500 -14.43 -25.33 -8.75
C VAL B 500 -15.90 -25.44 -9.15
N ILE B 501 -16.29 -24.74 -10.21
CA ILE B 501 -17.66 -24.83 -10.74
C ILE B 501 -17.97 -26.23 -11.24
N LEU B 502 -17.04 -26.84 -11.99
CA LEU B 502 -17.26 -28.18 -12.52
C LEU B 502 -17.25 -29.23 -11.42
N GLY B 503 -16.55 -28.99 -10.32
CA GLY B 503 -16.65 -29.91 -9.20
C GLY B 503 -17.96 -29.80 -8.46
N PHE B 504 -18.28 -28.58 -8.01
CA PHE B 504 -19.43 -28.42 -7.13
C PHE B 504 -20.76 -28.50 -7.88
N ALA B 505 -20.79 -28.19 -9.18
CA ALA B 505 -22.02 -28.37 -9.94
C ALA B 505 -22.35 -29.84 -10.10
N SER B 506 -21.35 -30.67 -10.36
CA SER B 506 -21.56 -32.11 -10.43
C SER B 506 -21.96 -32.69 -9.08
N ALA B 507 -21.34 -32.19 -8.00
CA ALA B 507 -21.71 -32.63 -6.66
C ALA B 507 -23.15 -32.24 -6.32
N PHE B 508 -23.53 -31.00 -6.63
CA PHE B 508 -24.89 -30.53 -6.36
C PHE B 508 -25.91 -31.21 -7.25
N HIS B 509 -25.53 -31.60 -8.46
CA HIS B 509 -26.46 -32.30 -9.33
C HIS B 509 -26.68 -33.73 -8.87
N ILE B 510 -25.62 -34.42 -8.45
CA ILE B 510 -25.82 -35.80 -7.99
C ILE B 510 -26.42 -35.86 -6.60
N THR B 511 -26.33 -34.80 -5.80
CA THR B 511 -27.07 -34.83 -4.53
C THR B 511 -28.56 -34.61 -4.76
N PHE B 512 -28.94 -33.91 -5.82
CA PHE B 512 -30.34 -33.63 -6.13
C PHE B 512 -30.84 -34.45 -7.32
N GLN B 513 -30.16 -35.55 -7.65
CA GLN B 513 -30.68 -36.43 -8.69
C GLN B 513 -31.88 -37.22 -8.19
N THR B 514 -31.81 -37.72 -6.96
CA THR B 514 -32.93 -38.44 -6.35
C THR B 514 -33.81 -37.52 -5.52
N GLU B 515 -34.23 -36.40 -6.10
CA GLU B 515 -35.07 -35.43 -5.41
C GLU B 515 -36.13 -34.94 -6.38
N ASP B 516 -37.21 -34.41 -5.82
CA ASP B 516 -38.28 -33.85 -6.63
C ASP B 516 -37.86 -32.47 -7.14
N PRO B 517 -37.88 -32.23 -8.45
CA PRO B 517 -37.40 -30.93 -8.97
C PRO B 517 -38.36 -29.78 -8.73
N ASN B 518 -39.59 -30.04 -8.31
CA ASN B 518 -40.53 -28.94 -8.09
C ASN B 518 -40.22 -28.15 -6.83
N ASN B 519 -39.59 -28.79 -5.85
CA ASN B 519 -39.31 -28.11 -4.59
C ASN B 519 -38.02 -27.31 -4.66
N LEU B 520 -36.96 -27.89 -5.22
CA LEU B 520 -35.70 -27.17 -5.38
C LEU B 520 -35.14 -27.52 -6.75
N GLY B 521 -35.46 -26.70 -7.75
CA GLY B 521 -35.12 -27.00 -9.12
C GLY B 521 -33.87 -26.30 -9.61
N GLU B 522 -33.02 -25.86 -8.68
CA GLU B 522 -31.81 -25.16 -9.07
C GLU B 522 -30.73 -26.10 -9.60
N PHE B 523 -30.85 -27.40 -9.34
CA PHE B 523 -29.89 -28.40 -9.81
C PHE B 523 -30.61 -29.56 -10.47
N SER B 524 -31.71 -29.28 -11.17
CA SER B 524 -32.46 -30.35 -11.81
C SER B 524 -31.74 -30.90 -13.03
N ASP B 525 -31.21 -30.01 -13.88
CA ASP B 525 -30.42 -30.40 -15.03
C ASP B 525 -28.99 -29.95 -14.84
N TYR B 526 -28.06 -30.73 -15.41
CA TYR B 526 -26.64 -30.42 -15.27
C TYR B 526 -26.21 -29.09 -15.92
N PRO B 527 -26.68 -28.68 -17.11
CA PRO B 527 -26.41 -27.29 -17.52
C PRO B 527 -27.00 -26.24 -16.58
N THR B 528 -28.20 -26.48 -16.07
CA THR B 528 -28.78 -25.56 -15.09
C THR B 528 -28.02 -25.63 -13.77
N ALA B 529 -27.49 -26.80 -13.42
CA ALA B 529 -26.65 -26.91 -12.23
C ALA B 529 -25.35 -26.12 -12.37
N LEU B 530 -24.74 -26.17 -13.56
CA LEU B 530 -23.55 -25.38 -13.84
C LEU B 530 -23.83 -23.88 -13.76
N PHE B 531 -24.95 -23.46 -14.34
CA PHE B 531 -25.32 -22.04 -14.33
C PHE B 531 -25.66 -21.57 -12.91
N SER B 532 -26.38 -22.39 -12.15
CA SER B 532 -26.75 -22.01 -10.79
C SER B 532 -25.54 -21.98 -9.87
N THR B 533 -24.59 -22.90 -10.06
CA THR B 533 -23.39 -22.86 -9.23
C THR B 533 -22.46 -21.72 -9.63
N PHE B 534 -22.45 -21.32 -10.91
CA PHE B 534 -21.72 -20.13 -11.30
C PHE B 534 -22.33 -18.87 -10.66
N GLU B 535 -23.66 -18.79 -10.62
CA GLU B 535 -24.33 -17.70 -9.95
C GLU B 535 -24.05 -17.70 -8.44
N LEU B 536 -24.04 -18.89 -7.83
CA LEU B 536 -23.71 -18.99 -6.41
C LEU B 536 -22.25 -18.67 -6.13
N PHE B 537 -21.37 -18.94 -7.09
CA PHE B 537 -19.98 -18.51 -7.00
C PHE B 537 -19.89 -17.00 -6.95
N LEU B 538 -20.64 -16.32 -7.83
CA LEU B 538 -20.57 -14.87 -7.85
C LEU B 538 -21.49 -14.20 -6.85
N THR B 539 -22.22 -15.00 -6.05
CA THR B 539 -23.14 -14.53 -4.99
C THR B 539 -24.20 -13.58 -5.53
N ILE B 540 -24.70 -13.85 -6.73
CA ILE B 540 -25.75 -13.04 -7.32
C ILE B 540 -27.12 -13.67 -7.17
N ILE B 541 -27.21 -14.93 -6.76
CA ILE B 541 -28.47 -15.52 -6.35
C ILE B 541 -28.32 -16.02 -4.92
N ASP B 542 -29.45 -16.23 -4.26
CA ASP B 542 -29.44 -16.75 -2.91
C ASP B 542 -29.09 -18.23 -2.90
N GLY B 543 -28.67 -18.69 -1.73
CA GLY B 543 -28.45 -20.11 -1.51
C GLY B 543 -29.75 -20.88 -1.65
N PRO B 544 -29.69 -22.04 -2.29
CA PRO B 544 -30.91 -22.84 -2.48
C PRO B 544 -31.43 -23.41 -1.18
N ALA B 545 -32.54 -22.87 -0.68
CA ALA B 545 -33.10 -23.33 0.58
C ALA B 545 -34.60 -23.44 0.46
N ASN B 546 -35.15 -24.55 0.95
CA ASN B 546 -36.60 -24.78 0.98
C ASN B 546 -36.89 -25.40 2.34
N TYR B 547 -37.16 -24.56 3.32
CA TYR B 547 -37.32 -25.01 4.70
C TYR B 547 -38.64 -25.72 4.95
N SER B 548 -39.58 -25.69 4.00
CA SER B 548 -40.82 -26.44 4.16
C SER B 548 -40.62 -27.93 3.95
N VAL B 549 -39.55 -28.33 3.27
CA VAL B 549 -39.26 -29.73 2.99
C VAL B 549 -37.89 -30.09 3.56
N ASP B 550 -37.60 -31.38 3.57
CA ASP B 550 -36.34 -31.90 4.11
C ASP B 550 -35.35 -32.10 2.98
N LEU B 551 -34.39 -31.20 2.87
CA LEU B 551 -33.32 -31.32 1.89
C LEU B 551 -32.40 -32.48 2.29
N PRO B 552 -31.70 -33.09 1.32
CA PRO B 552 -30.70 -34.10 1.66
C PRO B 552 -29.55 -33.50 2.47
N PHE B 553 -29.02 -34.30 3.39
CA PHE B 553 -28.02 -33.80 4.33
C PHE B 553 -26.68 -33.54 3.67
N MET B 554 -26.40 -34.18 2.53
CA MET B 554 -25.14 -33.95 1.85
C MET B 554 -25.08 -32.58 1.21
N TYR B 555 -26.24 -32.02 0.84
CA TYR B 555 -26.29 -30.69 0.24
C TYR B 555 -25.82 -29.63 1.22
N CYS B 556 -26.16 -29.77 2.50
CA CYS B 556 -25.75 -28.77 3.49
C CYS B 556 -24.23 -28.76 3.69
N ILE B 557 -23.61 -29.94 3.75
CA ILE B 557 -22.16 -30.00 3.90
C ILE B 557 -21.46 -29.53 2.63
N THR B 558 -21.97 -29.92 1.46
CA THR B 558 -21.38 -29.49 0.20
C THR B 558 -21.52 -27.98 0.00
N TYR B 559 -22.66 -27.41 0.39
CA TYR B 559 -22.84 -25.98 0.24
C TYR B 559 -22.08 -25.18 1.29
N ALA B 560 -21.87 -25.73 2.48
CA ALA B 560 -20.99 -25.09 3.44
C ALA B 560 -19.55 -25.06 2.94
N ALA B 561 -19.11 -26.17 2.33
CA ALA B 561 -17.77 -26.18 1.72
C ALA B 561 -17.69 -25.24 0.53
N PHE B 562 -18.76 -25.14 -0.26
CA PHE B 562 -18.79 -24.21 -1.39
C PHE B 562 -18.78 -22.76 -0.92
N ALA B 563 -19.49 -22.46 0.16
CA ALA B 563 -19.52 -21.11 0.68
C ALA B 563 -18.19 -20.72 1.31
N ILE B 564 -17.51 -21.68 1.96
CA ILE B 564 -16.20 -21.39 2.52
C ILE B 564 -15.16 -21.21 1.43
N ILE B 565 -15.11 -22.15 0.48
CA ILE B 565 -14.01 -22.18 -0.48
C ILE B 565 -14.26 -21.21 -1.63
N ALA B 566 -15.43 -21.31 -2.25
CA ALA B 566 -15.63 -20.63 -3.53
C ALA B 566 -16.06 -19.18 -3.35
N THR B 567 -17.15 -18.95 -2.62
CA THR B 567 -17.71 -17.60 -2.54
C THR B 567 -16.91 -16.68 -1.63
N LEU B 568 -16.14 -17.23 -0.69
CA LEU B 568 -15.42 -16.43 0.28
C LEU B 568 -13.93 -16.29 -0.05
N LEU B 569 -13.24 -17.39 -0.31
CA LEU B 569 -11.80 -17.32 -0.53
C LEU B 569 -11.46 -16.88 -1.95
N MET B 570 -11.95 -17.62 -2.94
CA MET B 570 -11.52 -17.40 -4.32
C MET B 570 -12.11 -16.13 -4.93
N LEU B 571 -13.37 -15.82 -4.61
CA LEU B 571 -13.99 -14.61 -5.14
C LEU B 571 -13.30 -13.36 -4.62
N ASN B 572 -12.98 -13.33 -3.34
CA ASN B 572 -12.27 -12.16 -2.80
C ASN B 572 -10.78 -12.18 -3.15
N LEU B 573 -10.23 -13.35 -3.47
CA LEU B 573 -8.89 -13.39 -4.07
C LEU B 573 -8.90 -12.74 -5.45
N PHE B 574 -9.94 -12.99 -6.24
CA PHE B 574 -10.07 -12.32 -7.52
C PHE B 574 -10.33 -10.82 -7.36
N ILE B 575 -11.04 -10.44 -6.30
CA ILE B 575 -11.24 -9.04 -5.97
C ILE B 575 -9.92 -8.36 -5.65
N ALA B 576 -9.04 -9.05 -4.92
CA ALA B 576 -7.73 -8.49 -4.58
C ALA B 576 -6.83 -8.43 -5.81
N MET B 577 -6.94 -9.41 -6.72
CA MET B 577 -6.18 -9.36 -7.97
C MET B 577 -6.61 -8.20 -8.84
N MET B 578 -7.92 -7.95 -8.93
CA MET B 578 -8.41 -6.79 -9.66
C MET B 578 -8.00 -5.49 -9.00
N GLY B 579 -7.94 -5.46 -7.67
CA GLY B 579 -7.44 -4.28 -6.99
C GLY B 579 -5.98 -3.99 -7.29
N ASP B 580 -5.14 -5.03 -7.33
CA ASP B 580 -3.74 -4.85 -7.66
C ASP B 580 -3.56 -4.44 -9.12
N THR B 581 -4.38 -4.99 -10.02
CA THR B 581 -4.32 -4.58 -11.44
C THR B 581 -4.76 -3.14 -11.62
N HIS B 582 -5.81 -2.71 -10.91
CA HIS B 582 -6.26 -1.32 -10.95
C HIS B 582 -5.19 -0.39 -10.39
N TRP B 583 -4.51 -0.79 -9.31
CA TRP B 583 -3.43 0.02 -8.78
C TRP B 583 -2.25 0.11 -9.75
N ARG B 584 -1.93 -0.99 -10.42
CA ARG B 584 -0.84 -1.00 -11.39
C ARG B 584 -1.11 -0.08 -12.58
N VAL B 585 -2.36 -0.09 -13.08
CA VAL B 585 -2.69 0.83 -14.17
C VAL B 585 -2.75 2.27 -13.67
N ALA B 586 -3.30 2.49 -12.47
CA ALA B 586 -3.44 3.85 -11.95
C ALA B 586 -2.11 4.47 -11.56
N GLN B 587 -1.06 3.69 -11.36
CA GLN B 587 0.26 4.27 -11.16
C GLN B 587 0.86 4.84 -12.45
N GLU B 588 0.30 4.48 -13.61
CA GLU B 588 0.79 4.95 -14.90
C GLU B 588 -0.39 5.39 -15.78
N ARG B 589 -1.29 6.18 -15.21
CA ARG B 589 -2.51 6.55 -15.93
C ARG B 589 -2.25 7.59 -17.02
N ASP B 590 -1.41 8.58 -16.73
CA ASP B 590 -1.22 9.69 -17.66
C ASP B 590 -0.40 9.26 -18.87
N GLU B 591 0.58 8.37 -18.66
CA GLU B 591 1.37 7.83 -19.77
C GLU B 591 0.51 7.02 -20.73
N LEU B 592 -0.36 6.16 -20.19
CA LEU B 592 -1.22 5.34 -21.02
C LEU B 592 -2.28 6.18 -21.71
N TRP B 593 -2.80 7.21 -21.03
CA TRP B 593 -3.78 8.09 -21.68
C TRP B 593 -3.14 8.92 -22.79
N ARG B 594 -1.90 9.37 -22.59
CA ARG B 594 -1.22 10.09 -23.67
C ARG B 594 -0.90 9.18 -24.84
N ALA B 595 -0.56 7.91 -24.57
CA ALA B 595 -0.37 6.95 -25.65
C ALA B 595 -1.65 6.72 -26.43
N GLN B 596 -2.78 6.62 -25.73
CA GLN B 596 -4.08 6.50 -26.41
C GLN B 596 -4.42 7.75 -27.20
N VAL B 597 -4.04 8.93 -26.70
CA VAL B 597 -4.27 10.18 -27.42
C VAL B 597 -3.47 10.21 -28.72
N VAL B 598 -2.21 9.78 -28.68
CA VAL B 598 -1.40 9.76 -29.90
C VAL B 598 -1.93 8.72 -30.88
N ALA B 599 -2.40 7.56 -30.38
CA ALA B 599 -2.96 6.54 -31.26
C ALA B 599 -4.25 7.04 -31.93
N THR B 600 -5.11 7.71 -31.17
CA THR B 600 -6.34 8.27 -31.72
C THR B 600 -6.05 9.36 -32.74
N THR B 601 -5.06 10.21 -32.45
CA THR B 601 -4.70 11.29 -33.36
C THR B 601 -4.11 10.75 -34.66
N VAL B 602 -3.30 9.69 -34.57
CA VAL B 602 -2.75 9.07 -35.78
C VAL B 602 -3.85 8.43 -36.61
N MET B 603 -4.80 7.74 -35.95
CA MET B 603 -5.92 7.14 -36.67
C MET B 603 -6.79 8.19 -37.34
N LEU B 604 -7.05 9.31 -36.66
CA LEU B 604 -7.84 10.37 -37.25
C LEU B 604 -7.10 11.10 -38.36
N GLU B 605 -5.78 11.21 -38.27
CA GLU B 605 -5.02 11.80 -39.38
C GLU B 605 -5.02 10.88 -40.60
N ARG B 606 -4.97 9.57 -40.36
CA ARG B 606 -4.92 8.64 -41.48
C ARG B 606 -6.27 8.50 -42.17
N LYS B 607 -7.36 8.44 -41.40
CA LYS B 607 -8.64 8.06 -41.97
C LYS B 607 -9.50 9.24 -42.42
N MET B 608 -9.44 10.38 -41.73
CA MET B 608 -10.24 11.53 -42.12
C MET B 608 -9.65 12.20 -43.36
N PRO B 609 -10.45 12.96 -44.12
CA PRO B 609 -9.92 13.67 -45.27
C PRO B 609 -8.91 14.76 -44.89
N ARG B 610 -8.05 15.08 -45.87
CA ARG B 610 -6.92 15.97 -45.62
C ARG B 610 -7.37 17.42 -45.42
N PHE B 611 -8.50 17.82 -45.99
CA PHE B 611 -8.94 19.20 -45.84
C PHE B 611 -9.46 19.49 -44.44
N LEU B 612 -9.87 18.48 -43.69
CA LEU B 612 -10.23 18.66 -42.29
C LEU B 612 -9.04 18.57 -41.35
N TRP B 613 -7.88 18.13 -41.84
CA TRP B 613 -6.66 18.03 -41.04
C TRP B 613 -5.55 18.80 -41.73
N PRO B 614 -5.41 20.10 -41.44
CA PRO B 614 -4.28 20.86 -41.99
C PRO B 614 -2.97 20.41 -41.39
N ARG B 615 -1.89 20.71 -42.11
CA ARG B 615 -0.56 20.28 -41.69
C ARG B 615 -0.15 21.02 -40.43
N SER B 616 0.39 20.29 -39.47
CA SER B 616 0.66 20.81 -38.14
C SER B 616 2.01 21.52 -38.10
N GLY B 617 2.01 22.74 -37.63
CA GLY B 617 3.24 23.49 -37.42
C GLY B 617 3.31 24.73 -38.30
N ILE B 618 4.38 25.49 -38.06
CA ILE B 618 4.66 26.70 -38.83
C ILE B 618 5.10 26.30 -40.23
N CYS B 619 4.57 26.99 -41.24
CA CYS B 619 4.82 26.64 -42.64
C CYS B 619 6.29 26.79 -43.02
N GLY B 620 6.94 27.86 -42.58
CA GLY B 620 8.35 28.06 -42.78
C GLY B 620 8.75 28.65 -44.12
N TYR B 621 8.02 28.34 -45.19
CA TYR B 621 8.37 28.87 -46.50
C TYR B 621 8.08 30.36 -46.60
N GLU B 622 7.02 30.82 -45.94
CA GLU B 622 6.69 32.24 -45.93
C GLU B 622 7.68 33.06 -45.12
N TYR B 623 8.44 32.43 -44.23
CA TYR B 623 9.48 33.10 -43.46
C TYR B 623 10.88 32.82 -44.00
N GLY B 624 10.98 32.25 -45.20
CA GLY B 624 12.26 32.07 -45.84
C GLY B 624 13.12 30.97 -45.28
N LEU B 625 12.53 29.99 -44.59
CA LEU B 625 13.28 28.90 -43.99
C LEU B 625 13.18 27.61 -44.79
N GLY B 626 12.84 27.68 -46.07
CA GLY B 626 12.74 26.51 -46.90
C GLY B 626 11.40 25.81 -46.75
N ASP B 627 11.33 24.61 -47.33
CA ASP B 627 10.09 23.86 -47.36
C ASP B 627 9.79 23.10 -46.08
N ARG B 628 10.70 23.13 -45.10
CA ARG B 628 10.49 22.40 -43.86
C ARG B 628 9.42 23.06 -43.01
N TRP B 629 8.81 22.28 -42.13
CA TRP B 629 7.78 22.75 -41.22
C TRP B 629 8.27 22.61 -39.78
N PHE B 630 8.02 23.64 -38.98
CA PHE B 630 8.62 23.78 -37.67
C PHE B 630 7.58 23.85 -36.57
N LEU B 631 8.03 23.53 -35.35
CA LEU B 631 7.22 23.69 -34.14
C LEU B 631 8.00 24.54 -33.16
N ARG B 632 7.42 25.65 -32.73
CA ARG B 632 8.09 26.56 -31.82
C ARG B 632 7.76 26.18 -30.37
N VAL B 633 8.78 25.98 -29.57
CA VAL B 633 8.63 25.59 -28.16
C VAL B 633 9.29 26.66 -27.31
N GLU B 634 8.52 27.23 -26.40
CA GLU B 634 9.02 28.25 -25.47
C GLU B 634 8.99 27.66 -24.07
N ASN B 635 10.16 27.60 -23.42
CA ASN B 635 10.29 26.96 -22.13
C ASN B 635 10.93 27.90 -21.13
N HIS B 636 10.74 27.57 -19.85
CA HIS B 636 11.17 28.39 -18.73
C HIS B 636 12.29 27.65 -18.01
N HIS B 637 13.52 27.90 -18.44
CA HIS B 637 14.68 27.25 -17.84
C HIS B 637 15.24 28.11 -16.71
N ASP B 638 15.92 27.44 -15.78
CA ASP B 638 16.54 28.03 -14.57
C ASP B 638 15.58 28.86 -13.73
N ASP C 28 -1.73 35.17 -25.14
CA ASP C 28 -2.86 35.13 -26.05
C ASP C 28 -2.91 33.78 -26.78
N TRP C 29 -3.27 33.82 -28.06
CA TRP C 29 -3.28 32.62 -28.88
C TRP C 29 -1.86 32.14 -29.14
N GLU C 30 -1.67 30.82 -29.12
CA GLU C 30 -0.34 30.26 -29.33
C GLU C 30 0.10 30.42 -30.78
N GLN C 31 -0.83 30.26 -31.74
CA GLN C 31 -0.48 30.39 -33.14
C GLN C 31 -0.12 31.83 -33.51
N TYR C 32 -0.82 32.80 -32.91
CA TYR C 32 -0.51 34.19 -33.17
C TYR C 32 0.86 34.58 -32.61
N ARG C 33 1.19 34.09 -31.42
CA ARG C 33 2.51 34.37 -30.86
C ARG C 33 3.61 33.65 -31.63
N ASP C 34 3.32 32.46 -32.15
CA ASP C 34 4.28 31.77 -33.00
C ASP C 34 4.52 32.53 -34.30
N ARG C 35 3.45 33.05 -34.91
CA ARG C 35 3.59 33.86 -36.12
C ARG C 35 4.34 35.15 -35.83
N VAL C 36 4.10 35.75 -34.66
CA VAL C 36 4.79 36.97 -34.26
C VAL C 36 6.29 36.72 -34.10
N ASN C 37 6.66 35.61 -33.44
CA ASN C 37 8.08 35.30 -33.27
C ASN C 37 8.75 34.95 -34.59
N MET C 38 8.06 34.22 -35.47
CA MET C 38 8.63 33.89 -36.78
C MET C 38 8.78 35.14 -37.64
N LEU C 39 7.82 36.06 -37.59
CA LEU C 39 7.94 37.32 -38.32
C LEU C 39 9.05 38.20 -37.75
N GLN C 40 9.23 38.18 -36.43
CA GLN C 40 10.30 38.95 -35.81
C GLN C 40 11.67 38.42 -36.23
N GLN C 41 11.85 37.10 -36.25
CA GLN C 41 13.09 36.53 -36.72
C GLN C 41 13.30 36.75 -38.21
N GLU C 42 12.21 36.76 -38.99
CA GLU C 42 12.28 37.04 -40.42
C GLU C 42 12.73 38.48 -40.67
N ARG C 43 12.18 39.44 -39.93
CA ARG C 43 12.57 40.84 -40.12
C ARG C 43 13.96 41.11 -39.56
N ILE C 44 14.41 40.33 -38.57
CA ILE C 44 15.79 40.43 -38.10
C ILE C 44 16.75 39.91 -39.18
N ARG C 45 16.43 38.76 -39.77
CA ARG C 45 17.32 38.17 -40.77
C ARG C 45 17.30 38.94 -42.09
N ASP C 46 16.19 39.61 -42.41
CA ASP C 46 16.14 40.38 -43.65
C ASP C 46 16.95 41.67 -43.55
N SER C 47 16.84 42.37 -42.43
CA SER C 47 17.56 43.63 -42.25
C SER C 47 19.02 43.36 -41.94
N PRO C 48 19.96 43.95 -42.69
CA PRO C 48 21.38 43.71 -42.39
C PRO C 48 21.85 44.37 -41.10
N LEU C 49 21.28 45.52 -40.74
CA LEU C 49 21.62 46.16 -39.47
C LEU C 49 21.15 45.33 -38.29
N LEU C 50 19.94 44.79 -38.36
CA LEU C 50 19.43 43.93 -37.29
C LEU C 50 20.15 42.60 -37.25
N GLN C 51 20.54 42.06 -38.41
CA GLN C 51 21.33 40.83 -38.45
C GLN C 51 22.70 41.03 -37.82
N ALA C 52 23.35 42.16 -38.10
CA ALA C 52 24.63 42.46 -37.48
C ALA C 52 24.49 42.74 -35.99
N ALA C 53 23.37 43.32 -35.57
CA ALA C 53 23.13 43.54 -34.14
C ALA C 53 22.87 42.22 -33.42
N LYS C 54 22.20 41.26 -34.07
CA LYS C 54 21.95 39.97 -33.44
C LYS C 54 23.23 39.14 -33.38
N GLU C 55 23.99 39.08 -34.47
CA GLU C 55 25.15 38.21 -34.53
C GLU C 55 26.42 38.83 -33.96
N ASN C 56 26.32 40.08 -33.46
CA ASN C 56 27.45 40.83 -32.88
C ASN C 56 28.60 40.97 -33.88
N ASP C 57 28.26 41.20 -35.14
CA ASP C 57 29.25 41.45 -36.18
C ASP C 57 29.65 42.91 -36.07
N LEU C 58 30.81 43.17 -35.46
CA LEU C 58 31.22 44.54 -35.19
C LEU C 58 31.63 45.27 -36.47
N ARG C 59 32.25 44.56 -37.42
CA ARG C 59 32.75 45.20 -38.63
C ARG C 59 31.60 45.67 -39.52
N LEU C 60 30.61 44.81 -39.75
CA LEU C 60 29.47 45.18 -40.59
C LEU C 60 28.61 46.25 -39.92
N LEU C 61 28.47 46.17 -38.59
CA LEU C 61 27.72 47.19 -37.87
C LEU C 61 28.41 48.54 -37.91
N LYS C 62 29.74 48.57 -37.78
CA LYS C 62 30.47 49.83 -37.87
C LYS C 62 30.45 50.38 -39.28
N ILE C 63 30.46 49.51 -40.31
CA ILE C 63 30.34 49.96 -41.69
C ILE C 63 28.95 50.58 -41.93
N LEU C 64 27.95 49.98 -41.28
CA LEU C 64 26.59 50.53 -41.41
C LEU C 64 26.53 51.88 -40.68
N LEU C 65 26.84 51.90 -39.39
CA LEU C 65 26.74 53.15 -38.58
C LEU C 65 27.73 54.23 -39.04
N LEU C 66 29.02 53.90 -39.25
CA LEU C 66 29.99 54.89 -39.78
C LEU C 66 29.49 55.36 -41.14
N ASN C 67 28.87 54.46 -41.89
CA ASN C 67 28.23 54.89 -43.15
C ASN C 67 27.05 55.76 -42.74
N GLN C 68 26.61 56.67 -43.60
CA GLN C 68 25.41 57.42 -43.19
C GLN C 68 24.41 57.33 -44.33
N SER C 69 23.78 56.15 -44.49
CA SER C 69 22.69 56.04 -45.50
C SER C 69 21.46 56.79 -44.96
N CYS C 70 21.59 57.43 -43.80
CA CYS C 70 20.49 58.24 -43.21
C CYS C 70 19.38 57.36 -42.62
N ASP C 71 19.66 56.07 -42.41
CA ASP C 71 18.65 55.15 -41.80
C ASP C 71 19.22 54.53 -40.52
N PHE C 72 18.49 54.62 -39.40
CA PHE C 72 18.97 54.06 -38.11
C PHE C 72 17.80 53.61 -37.23
N GLN C 73 16.57 53.80 -37.69
CA GLN C 73 15.40 53.48 -36.83
C GLN C 73 14.58 52.35 -37.46
N GLN C 74 15.18 51.59 -38.37
CA GLN C 74 14.47 50.43 -38.96
C GLN C 74 13.83 49.61 -37.85
N ARG C 75 12.51 49.51 -37.86
CA ARG C 75 11.81 48.68 -36.88
C ARG C 75 11.58 47.28 -37.41
N GLY C 76 11.50 46.32 -36.50
CA GLY C 76 11.23 44.94 -36.85
C GLY C 76 9.76 44.68 -37.01
N ALA C 77 9.40 43.39 -36.95
CA ALA C 77 7.99 43.02 -37.06
C ALA C 77 7.19 43.43 -35.83
N VAL C 78 7.83 43.45 -34.67
CA VAL C 78 7.17 43.86 -33.44
C VAL C 78 7.45 45.33 -33.12
N GLY C 79 8.02 46.08 -34.05
CA GLY C 79 8.40 47.45 -33.78
C GLY C 79 9.66 47.61 -32.96
N GLU C 80 10.43 46.55 -32.79
CA GLU C 80 11.67 46.63 -32.03
C GLU C 80 12.74 47.37 -32.82
N THR C 81 13.54 48.17 -32.11
CA THR C 81 14.67 48.84 -32.72
C THR C 81 15.85 47.87 -32.83
N ALA C 82 16.95 48.35 -33.43
CA ALA C 82 18.17 47.54 -33.46
C ALA C 82 18.79 47.43 -32.08
N LEU C 83 18.55 48.41 -31.21
CA LEU C 83 19.00 48.34 -29.83
C LEU C 83 18.27 47.23 -29.06
N HIS C 84 16.99 47.00 -29.38
CA HIS C 84 16.26 45.89 -28.77
C HIS C 84 16.84 44.55 -29.20
N VAL C 85 17.24 44.43 -30.46
CA VAL C 85 17.84 43.19 -30.94
C VAL C 85 19.22 43.00 -30.31
N ALA C 86 19.96 44.09 -30.13
CA ALA C 86 21.28 44.01 -29.50
C ALA C 86 21.17 43.61 -28.03
N ALA C 87 20.16 44.13 -27.32
CA ALA C 87 19.95 43.77 -25.93
C ALA C 87 19.35 42.38 -25.78
N LEU C 88 18.63 41.90 -26.80
CA LEU C 88 17.95 40.61 -26.68
C LEU C 88 18.92 39.45 -26.73
N TYR C 89 20.01 39.55 -27.49
CA TYR C 89 20.92 38.45 -27.70
C TYR C 89 22.24 38.63 -26.96
N ASP C 90 22.25 39.51 -25.94
CA ASP C 90 23.42 39.81 -25.09
C ASP C 90 24.61 40.27 -25.92
N ASN C 91 24.41 41.38 -26.61
CA ASN C 91 25.44 41.99 -27.46
C ASN C 91 25.72 43.38 -26.90
N LEU C 92 26.64 43.44 -25.94
CA LEU C 92 26.96 44.71 -25.29
C LEU C 92 27.73 45.64 -26.22
N GLU C 93 28.68 45.09 -26.98
CA GLU C 93 29.48 45.91 -27.89
C GLU C 93 28.64 46.48 -29.02
N ALA C 94 27.74 45.67 -29.58
CA ALA C 94 26.85 46.14 -30.64
C ALA C 94 25.86 47.17 -30.11
N ALA C 95 25.41 47.00 -28.87
CA ALA C 95 24.49 47.97 -28.26
C ALA C 95 25.19 49.29 -27.98
N THR C 96 26.45 49.25 -27.53
CA THR C 96 27.19 50.49 -27.33
C THR C 96 27.50 51.18 -28.65
N LEU C 97 27.76 50.40 -29.71
CA LEU C 97 27.93 50.99 -31.04
C LEU C 97 26.63 51.62 -31.54
N LEU C 98 25.49 50.98 -31.28
CA LEU C 98 24.21 51.55 -31.67
C LEU C 98 23.80 52.72 -30.81
N MET C 99 24.36 52.85 -29.61
CA MET C 99 24.07 54.00 -28.76
C MET C 99 25.04 55.16 -28.97
N GLU C 100 26.24 54.90 -29.52
CA GLU C 100 27.16 55.99 -29.83
C GLU C 100 26.62 56.87 -30.95
N ALA C 101 26.06 56.26 -31.99
CA ALA C 101 25.45 56.99 -33.10
C ALA C 101 23.94 56.89 -32.97
N ALA C 102 23.27 58.06 -32.98
CA ALA C 102 21.84 58.24 -32.76
C ALA C 102 21.38 57.59 -31.46
N PRO C 103 21.68 58.17 -30.30
CA PRO C 103 21.34 57.53 -29.02
C PRO C 103 19.86 57.57 -28.67
N GLU C 104 19.00 58.16 -29.52
CA GLU C 104 17.57 58.25 -29.26
C GLU C 104 16.88 56.89 -29.23
N LEU C 105 17.53 55.84 -29.75
CA LEU C 105 17.05 54.47 -29.61
C LEU C 105 16.99 54.01 -28.15
N ALA C 106 17.70 54.68 -27.23
CA ALA C 106 17.56 54.39 -25.82
C ALA C 106 16.19 54.81 -25.26
N LYS C 107 15.43 55.63 -25.98
CA LYS C 107 14.11 56.06 -25.55
C LYS C 107 13.04 55.66 -26.57
N GLU C 108 13.13 54.46 -27.10
CA GLU C 108 12.18 53.97 -28.11
C GLU C 108 11.55 52.66 -27.68
N PRO C 109 10.25 52.64 -27.41
CA PRO C 109 9.57 51.38 -27.14
C PRO C 109 9.08 50.70 -28.42
N ALA C 110 8.70 49.43 -28.28
CA ALA C 110 8.15 48.70 -29.42
C ALA C 110 6.73 49.17 -29.70
N LEU C 111 6.31 48.99 -30.95
CA LEU C 111 5.06 49.55 -31.45
C LEU C 111 4.19 48.46 -32.08
N CYS C 112 4.01 47.35 -31.36
CA CYS C 112 3.14 46.28 -31.83
C CYS C 112 2.56 45.55 -30.63
N GLU C 113 1.55 44.71 -30.91
CA GLU C 113 0.68 44.17 -29.87
C GLU C 113 1.37 43.30 -28.81
N PRO C 114 2.20 42.29 -29.12
CA PRO C 114 2.72 41.46 -28.02
C PRO C 114 3.84 42.08 -27.21
N PHE C 115 4.35 43.25 -27.59
CA PHE C 115 5.46 43.85 -26.85
C PHE C 115 5.32 45.36 -26.73
N VAL C 116 4.10 45.88 -26.66
CA VAL C 116 3.90 47.33 -26.63
C VAL C 116 4.33 47.88 -25.28
N GLY C 117 5.22 48.86 -25.31
CA GLY C 117 5.76 49.47 -24.12
C GLY C 117 7.12 48.95 -23.69
N GLN C 118 7.59 47.85 -24.28
CA GLN C 118 8.87 47.28 -23.91
C GLN C 118 10.00 48.07 -24.56
N THR C 119 10.94 48.53 -23.74
CA THR C 119 12.12 49.23 -24.22
C THR C 119 13.32 48.28 -24.15
N ALA C 120 14.50 48.82 -24.52
CA ALA C 120 15.73 48.04 -24.39
C ALA C 120 16.14 47.89 -22.93
N LEU C 121 15.67 48.78 -22.05
CA LEU C 121 15.99 48.69 -20.63
C LEU C 121 15.35 47.44 -20.01
N HIS C 122 14.15 47.08 -20.44
CA HIS C 122 13.48 45.88 -19.92
C HIS C 122 14.24 44.62 -20.29
N ILE C 123 14.69 44.52 -21.53
CA ILE C 123 15.42 43.33 -21.98
C ILE C 123 16.80 43.29 -21.35
N ALA C 124 17.44 44.45 -21.20
CA ALA C 124 18.75 44.52 -20.55
C ALA C 124 18.66 44.14 -19.07
N VAL C 125 17.56 44.51 -18.42
CA VAL C 125 17.36 44.12 -17.03
C VAL C 125 17.08 42.62 -16.92
N MET C 126 16.24 42.09 -17.82
CA MET C 126 15.89 40.67 -17.78
C MET C 126 17.07 39.77 -18.11
N ASN C 127 17.99 40.24 -18.96
CA ASN C 127 19.17 39.45 -19.28
C ASN C 127 20.30 39.63 -18.27
N GLN C 128 20.09 40.48 -17.25
CA GLN C 128 21.05 40.76 -16.17
C GLN C 128 22.39 41.27 -16.71
N ASN C 129 22.33 42.04 -17.79
CA ASN C 129 23.53 42.67 -18.36
C ASN C 129 23.69 44.02 -17.66
N LEU C 130 24.45 44.01 -16.57
CA LEU C 130 24.56 45.18 -15.70
C LEU C 130 25.26 46.35 -16.40
N ASN C 131 26.28 46.07 -17.20
CA ASN C 131 26.95 47.13 -17.95
C ASN C 131 26.03 47.73 -19.02
N LEU C 132 25.15 46.90 -19.59
CA LEU C 132 24.19 47.42 -20.57
C LEU C 132 23.14 48.31 -19.90
N VAL C 133 22.72 47.95 -18.69
CA VAL C 133 21.78 48.80 -17.95
C VAL C 133 22.46 50.10 -17.53
N ARG C 134 23.74 50.04 -17.14
CA ARG C 134 24.50 51.25 -16.85
C ARG C 134 24.64 52.15 -18.06
N ALA C 135 24.91 51.56 -19.23
CA ALA C 135 25.04 52.34 -20.45
C ALA C 135 23.71 52.94 -20.89
N LEU C 136 22.61 52.19 -20.74
CA LEU C 136 21.30 52.69 -21.10
C LEU C 136 20.85 53.82 -20.17
N LEU C 137 21.14 53.69 -18.88
CA LEU C 137 20.82 54.78 -17.94
C LEU C 137 21.75 55.97 -18.13
N ALA C 138 22.96 55.73 -18.65
CA ALA C 138 23.84 56.85 -19.01
C ALA C 138 23.31 57.59 -20.23
N ARG C 139 22.76 56.86 -21.20
CA ARG C 139 22.21 57.49 -22.39
C ARG C 139 20.79 57.98 -22.19
N GLY C 140 20.20 57.75 -21.02
CA GLY C 140 18.88 58.30 -20.72
C GLY C 140 17.73 57.37 -21.05
N ALA C 141 17.79 56.14 -20.55
CA ALA C 141 16.68 55.21 -20.71
C ALA C 141 15.51 55.62 -19.81
N SER C 142 14.30 55.33 -20.28
CA SER C 142 13.10 55.62 -19.50
C SER C 142 13.00 54.64 -18.35
N VAL C 143 13.24 55.11 -17.12
CA VAL C 143 13.25 54.24 -15.96
C VAL C 143 11.84 53.88 -15.48
N SER C 144 10.82 54.59 -15.96
CA SER C 144 9.43 54.31 -15.62
C SER C 144 8.66 53.87 -16.86
N ALA C 145 9.29 53.05 -17.70
CA ALA C 145 8.67 52.62 -18.95
C ALA C 145 7.63 51.55 -18.64
N ARG C 146 6.36 51.91 -18.74
CA ARG C 146 5.26 51.01 -18.44
C ARG C 146 4.99 50.14 -19.66
N ALA C 147 5.39 48.88 -19.60
CA ALA C 147 5.24 47.95 -20.72
C ALA C 147 3.86 47.29 -20.61
N THR C 148 2.89 47.83 -21.33
CA THR C 148 1.54 47.27 -21.34
C THR C 148 1.35 46.26 -22.46
N GLY C 149 2.26 45.30 -22.55
CA GLY C 149 2.23 44.33 -23.61
C GLY C 149 1.28 43.18 -23.34
N ALA C 150 1.00 42.42 -24.39
CA ALA C 150 0.19 41.21 -24.23
C ALA C 150 1.01 40.08 -23.59
N ALA C 151 2.32 40.10 -23.77
CA ALA C 151 3.17 39.06 -23.19
C ALA C 151 3.61 39.38 -21.76
N PHE C 152 3.35 40.59 -21.28
CA PHE C 152 3.73 41.00 -19.94
C PHE C 152 2.58 40.97 -18.95
N ARG C 153 1.41 40.48 -19.37
CA ARG C 153 0.27 40.38 -18.48
C ARG C 153 0.29 39.05 -17.74
N ARG C 154 -0.30 39.03 -16.55
CA ARG C 154 -0.41 37.80 -15.78
C ARG C 154 -1.50 36.94 -16.40
N SER C 155 -1.10 35.83 -17.00
CA SER C 155 -2.03 34.94 -17.71
C SER C 155 -1.41 33.56 -17.76
N PRO C 156 -2.22 32.51 -17.91
CA PRO C 156 -1.66 31.17 -18.15
C PRO C 156 -0.97 31.03 -19.51
N HIS C 157 -1.23 31.94 -20.45
CA HIS C 157 -0.50 31.91 -21.72
C HIS C 157 0.97 32.29 -21.53
N ASN C 158 1.24 33.26 -20.66
CA ASN C 158 2.62 33.66 -20.39
C ASN C 158 3.24 32.77 -19.34
N LEU C 159 4.50 32.38 -19.57
CA LEU C 159 5.19 31.52 -18.61
C LEU C 159 5.60 32.29 -17.36
N ILE C 160 5.84 33.59 -17.47
CA ILE C 160 6.28 34.40 -16.35
C ILE C 160 5.41 35.65 -16.26
N TYR C 161 5.36 36.22 -15.06
CA TYR C 161 4.74 37.51 -14.79
C TYR C 161 5.74 38.28 -13.94
N TYR C 162 6.56 39.10 -14.59
CA TYR C 162 7.58 39.86 -13.90
C TYR C 162 7.17 41.29 -13.60
N GLY C 163 6.10 41.78 -14.24
CA GLY C 163 5.59 43.10 -13.95
C GLY C 163 5.49 43.92 -15.21
N GLU C 164 5.46 45.25 -15.03
CA GLU C 164 5.39 46.19 -16.15
C GLU C 164 6.44 47.29 -16.04
N HIS C 165 7.34 47.20 -15.08
CA HIS C 165 8.34 48.23 -14.84
C HIS C 165 9.72 47.61 -14.77
N PRO C 166 10.77 48.36 -15.10
CA PRO C 166 12.15 47.83 -14.96
C PRO C 166 12.51 47.49 -13.52
N LEU C 167 12.01 48.24 -12.54
CA LEU C 167 12.25 47.90 -11.14
C LEU C 167 11.57 46.59 -10.77
N SER C 168 10.35 46.38 -11.26
CA SER C 168 9.65 45.11 -11.03
C SER C 168 10.37 43.96 -11.71
N PHE C 169 10.88 44.18 -12.92
CA PHE C 169 11.64 43.16 -13.64
C PHE C 169 12.92 42.80 -12.89
N ALA C 170 13.64 43.82 -12.39
CA ALA C 170 14.88 43.57 -11.68
C ALA C 170 14.65 42.92 -10.33
N ALA C 171 13.56 43.26 -9.65
CA ALA C 171 13.25 42.61 -8.39
C ALA C 171 12.82 41.16 -8.60
N CYS C 172 12.08 40.89 -9.67
CA CYS C 172 11.61 39.53 -9.91
C CYS C 172 12.70 38.62 -10.45
N VAL C 173 13.66 39.15 -11.22
CA VAL C 173 14.73 38.30 -11.75
C VAL C 173 15.68 37.88 -10.65
N GLY C 174 16.18 38.84 -9.87
CA GLY C 174 17.00 38.49 -8.72
C GLY C 174 18.31 39.23 -8.58
N SER C 175 18.59 40.18 -9.47
CA SER C 175 19.82 40.95 -9.43
C SER C 175 19.60 42.16 -8.52
N GLU C 176 20.17 42.10 -7.31
CA GLU C 176 19.99 43.20 -6.35
C GLU C 176 20.73 44.46 -6.78
N GLU C 177 21.87 44.30 -7.47
CA GLU C 177 22.65 45.46 -7.90
C GLU C 177 21.91 46.28 -8.94
N ILE C 178 21.18 45.62 -9.84
CA ILE C 178 20.37 46.34 -10.81
C ILE C 178 19.19 47.03 -10.14
N VAL C 179 18.65 46.43 -9.07
CA VAL C 179 17.60 47.07 -8.28
C VAL C 179 18.12 48.36 -7.63
N ARG C 180 19.32 48.28 -7.04
CA ARG C 180 19.94 49.46 -6.43
C ARG C 180 20.25 50.52 -7.47
N LEU C 181 20.71 50.09 -8.65
CA LEU C 181 21.03 51.02 -9.73
C LEU C 181 19.79 51.74 -10.24
N LEU C 182 18.67 51.01 -10.39
CA LEU C 182 17.44 51.62 -10.87
C LEU C 182 16.82 52.53 -9.82
N ILE C 183 16.95 52.17 -8.54
CA ILE C 183 16.43 53.02 -7.46
C ILE C 183 17.24 54.30 -7.36
N GLU C 184 18.57 54.20 -7.50
CA GLU C 184 19.44 55.37 -7.46
C GLU C 184 19.20 56.32 -8.63
N HIS C 185 18.69 55.85 -9.76
CA HIS C 185 18.36 56.71 -10.87
C HIS C 185 16.94 57.24 -10.82
N GLY C 186 16.12 56.79 -9.87
CA GLY C 186 14.83 57.41 -9.66
C GLY C 186 13.63 56.61 -10.08
N ALA C 187 13.73 55.27 -10.05
CA ALA C 187 12.58 54.43 -10.33
C ALA C 187 11.63 54.45 -9.14
N ASP C 188 10.35 54.71 -9.41
CA ASP C 188 9.36 54.80 -8.36
C ASP C 188 9.01 53.40 -7.86
N ILE C 189 9.19 53.18 -6.55
CA ILE C 189 8.85 51.89 -5.97
C ILE C 189 7.34 51.72 -5.88
N ARG C 190 6.60 52.82 -5.74
CA ARG C 190 5.15 52.77 -5.60
C ARG C 190 4.48 52.94 -6.96
N ALA C 191 4.80 52.01 -7.86
CA ALA C 191 4.23 51.99 -9.20
C ALA C 191 3.47 50.69 -9.40
N GLN C 192 2.31 50.78 -10.05
CA GLN C 192 1.40 49.66 -10.17
C GLN C 192 1.25 49.21 -11.61
N ASP C 193 0.78 47.97 -11.77
CA ASP C 193 0.57 47.37 -13.08
C ASP C 193 -0.85 47.61 -13.56
N SER C 194 -1.25 46.89 -14.60
CA SER C 194 -2.65 46.92 -15.05
C SER C 194 -3.57 46.26 -14.05
N LEU C 195 -3.06 45.31 -13.27
CA LEU C 195 -3.81 44.70 -12.17
C LEU C 195 -3.63 45.46 -10.86
N GLY C 196 -2.93 46.59 -10.87
CA GLY C 196 -2.70 47.36 -9.67
C GLY C 196 -1.58 46.86 -8.79
N ASN C 197 -0.86 45.82 -9.22
CA ASN C 197 0.16 45.21 -8.39
C ASN C 197 1.41 46.09 -8.32
N THR C 198 1.85 46.38 -7.10
CA THR C 198 3.13 47.02 -6.89
C THR C 198 4.24 45.99 -6.97
N VAL C 199 5.47 46.41 -6.71
CA VAL C 199 6.63 45.53 -6.86
C VAL C 199 6.63 44.44 -5.79
N LEU C 200 6.01 44.69 -4.63
CA LEU C 200 5.92 43.68 -3.60
C LEU C 200 4.97 42.55 -3.99
N HIS C 201 3.87 42.89 -4.67
CA HIS C 201 2.91 41.88 -5.11
C HIS C 201 3.53 40.94 -6.14
N ILE C 202 4.19 41.49 -7.16
CA ILE C 202 4.82 40.68 -8.20
C ILE C 202 6.02 39.93 -7.64
N LEU C 203 6.69 40.49 -6.62
CA LEU C 203 7.77 39.78 -5.97
C LEU C 203 7.25 38.59 -5.17
N ILE C 204 6.06 38.72 -4.57
CA ILE C 204 5.44 37.61 -3.86
C ILE C 204 4.96 36.56 -4.86
N LEU C 205 4.49 36.98 -6.03
CA LEU C 205 3.93 36.06 -7.03
C LEU C 205 4.97 35.16 -7.68
N GLN C 206 6.26 35.39 -7.48
CA GLN C 206 7.27 34.55 -8.10
C GLN C 206 7.32 33.17 -7.44
N PRO C 207 7.63 32.12 -8.22
CA PRO C 207 7.71 30.78 -7.60
C PRO C 207 8.93 30.58 -6.73
N ASN C 208 10.11 31.06 -7.15
CA ASN C 208 11.31 30.93 -6.35
C ASN C 208 11.26 31.91 -5.19
N LYS C 209 11.51 31.41 -3.97
CA LYS C 209 11.28 32.17 -2.76
C LYS C 209 12.52 32.36 -1.90
N THR C 210 13.68 31.85 -2.32
CA THR C 210 14.90 32.04 -1.53
C THR C 210 15.38 33.48 -1.60
N PHE C 211 15.47 34.03 -2.80
CA PHE C 211 15.90 35.42 -2.98
C PHE C 211 14.77 36.42 -2.80
N ALA C 212 13.52 35.95 -2.77
CA ALA C 212 12.38 36.86 -2.69
C ALA C 212 12.31 37.57 -1.35
N CYS C 213 12.69 36.88 -0.26
CA CYS C 213 12.72 37.51 1.05
C CYS C 213 13.78 38.60 1.13
N GLN C 214 14.96 38.35 0.57
CA GLN C 214 16.02 39.35 0.56
C GLN C 214 15.66 40.54 -0.33
N MET C 215 14.99 40.27 -1.46
CA MET C 215 14.57 41.37 -2.32
C MET C 215 13.45 42.18 -1.68
N TYR C 216 12.58 41.52 -0.93
CA TYR C 216 11.55 42.21 -0.15
C TYR C 216 12.17 43.10 0.92
N ASN C 217 13.21 42.59 1.60
CA ASN C 217 13.94 43.39 2.58
C ASN C 217 14.62 44.59 1.94
N LEU C 218 15.19 44.39 0.75
CA LEU C 218 15.86 45.49 0.05
C LEU C 218 14.87 46.56 -0.39
N LEU C 219 13.72 46.15 -0.92
CA LEU C 219 12.73 47.12 -1.38
C LEU C 219 12.04 47.83 -0.22
N LEU C 220 11.92 47.15 0.93
CA LEU C 220 11.44 47.86 2.12
C LEU C 220 12.50 48.80 2.68
N SER C 221 13.78 48.43 2.59
CA SER C 221 14.85 49.28 3.08
C SER C 221 15.02 50.54 2.24
N TYR C 222 14.72 50.46 0.95
CA TYR C 222 14.85 51.63 0.09
C TYR C 222 13.62 52.54 0.14
N ASP C 223 12.64 52.19 0.98
CA ASP C 223 11.40 52.99 1.10
C ASP C 223 11.69 54.21 1.99
N GLU C 224 12.71 54.99 1.63
CA GLU C 224 13.07 56.19 2.43
C GLU C 224 11.87 57.15 2.47
N HIS C 225 11.01 57.08 1.46
CA HIS C 225 9.79 57.94 1.45
C HIS C 225 9.09 57.80 2.80
N SER C 226 8.68 56.58 3.17
CA SER C 226 8.07 56.35 4.50
C SER C 226 7.25 57.58 4.93
N ASP C 227 6.27 57.99 4.11
CA ASP C 227 5.47 59.19 4.41
C ASP C 227 4.08 58.78 4.89
N LEU C 229 1.56 59.53 3.21
CA LEU C 229 1.55 58.28 2.42
C LEU C 229 1.48 57.08 3.36
N GLN C 230 1.28 55.89 2.81
CA GLN C 230 1.27 54.65 3.62
C GLN C 230 2.41 53.78 3.13
N SER C 231 2.83 52.81 3.94
CA SER C 231 3.98 51.96 3.56
C SER C 231 3.61 51.16 2.33
N LEU C 232 4.60 50.73 1.55
CA LEU C 232 4.28 50.02 0.29
C LEU C 232 3.42 48.82 0.68
N GLU C 233 3.71 48.18 1.80
CA GLU C 233 2.95 46.98 2.25
C GLU C 233 1.45 47.24 2.30
N LEU C 234 1.00 48.42 2.72
CA LEU C 234 -0.41 48.75 2.85
C LEU C 234 -1.04 49.22 1.55
N VAL C 235 -0.33 49.10 0.43
CA VAL C 235 -0.84 49.55 -0.86
C VAL C 235 -1.62 48.40 -1.49
N PRO C 236 -2.92 48.55 -1.71
CA PRO C 236 -3.70 47.48 -2.33
C PRO C 236 -3.65 47.54 -3.86
N ASN C 237 -3.89 46.38 -4.46
CA ASN C 237 -3.99 46.30 -5.91
C ASN C 237 -5.43 46.53 -6.33
N HIS C 238 -5.74 46.24 -7.60
CA HIS C 238 -7.09 46.45 -8.09
C HIS C 238 -8.08 45.41 -7.57
N GLN C 239 -7.59 44.26 -7.11
CA GLN C 239 -8.45 43.29 -6.45
C GLN C 239 -8.64 43.60 -4.97
N GLY C 240 -7.97 44.61 -4.45
CA GLY C 240 -8.10 44.96 -3.04
C GLY C 240 -7.27 44.15 -2.09
N LEU C 241 -6.17 43.56 -2.55
CA LEU C 241 -5.33 42.72 -1.72
C LEU C 241 -4.04 43.45 -1.37
N THR C 242 -3.73 43.49 -0.08
CA THR C 242 -2.41 43.90 0.38
C THR C 242 -1.41 42.78 0.08
N PRO C 243 -0.10 43.07 0.09
CA PRO C 243 0.89 42.00 -0.05
C PRO C 243 0.80 40.90 1.00
N PHE C 244 0.37 41.24 2.23
CA PHE C 244 0.11 40.21 3.23
C PHE C 244 -1.07 39.33 2.80
N LYS C 245 -2.15 39.95 2.32
CA LYS C 245 -3.29 39.18 1.84
C LYS C 245 -2.95 38.40 0.58
N LEU C 246 -2.09 38.93 -0.29
CA LEU C 246 -1.70 38.19 -1.48
C LEU C 246 -0.80 37.01 -1.14
N ALA C 247 0.06 37.17 -0.13
CA ALA C 247 0.84 36.04 0.35
C ALA C 247 -0.05 34.99 1.00
N GLY C 248 -1.13 35.41 1.66
CA GLY C 248 -2.08 34.46 2.18
C GLY C 248 -2.87 33.72 1.11
N VAL C 249 -3.31 34.45 0.08
CA VAL C 249 -4.17 33.85 -0.94
C VAL C 249 -3.39 32.86 -1.81
N GLU C 250 -2.20 33.26 -2.26
CA GLU C 250 -1.43 32.44 -3.19
C GLU C 250 -0.68 31.31 -2.51
N GLY C 251 -0.77 31.19 -1.19
CA GLY C 251 -0.11 30.10 -0.50
C GLY C 251 1.38 30.26 -0.36
N ASN C 252 1.90 31.48 -0.48
CA ASN C 252 3.33 31.73 -0.35
C ASN C 252 3.67 31.68 1.14
N THR C 253 4.02 30.47 1.61
CA THR C 253 4.27 30.27 3.02
C THR C 253 5.57 30.91 3.47
N VAL C 254 6.59 30.92 2.61
CA VAL C 254 7.88 31.49 2.99
C VAL C 254 7.78 33.01 3.12
N MET C 255 7.07 33.65 2.19
CA MET C 255 6.85 35.09 2.31
C MET C 255 5.91 35.41 3.46
N PHE C 256 4.99 34.49 3.79
CA PHE C 256 4.15 34.68 4.97
C PHE C 256 4.97 34.65 6.26
N GLN C 257 5.91 33.69 6.35
CA GLN C 257 6.80 33.63 7.51
C GLN C 257 7.69 34.86 7.60
N HIS C 258 8.20 35.32 6.45
CA HIS C 258 9.03 36.53 6.45
C HIS C 258 8.22 37.77 6.82
N LEU C 259 6.94 37.82 6.45
CA LEU C 259 6.11 38.94 6.83
C LEU C 259 5.75 38.90 8.31
N MET C 260 5.51 37.71 8.86
CA MET C 260 5.22 37.62 10.28
C MET C 260 6.45 37.75 11.16
N GLN C 261 7.65 37.60 10.60
CA GLN C 261 8.86 37.90 11.36
C GLN C 261 8.98 39.39 11.66
N LYS C 262 8.46 40.24 10.77
CA LYS C 262 8.53 41.68 10.95
C LYS C 262 7.41 42.24 11.82
N ARG C 263 6.42 41.42 12.16
CA ARG C 263 5.26 41.88 12.91
C ARG C 263 5.12 41.17 14.26
N LYS C 264 6.15 40.46 14.69
CA LYS C 264 6.15 39.77 15.97
C LYS C 264 7.08 40.50 16.93
N HIS C 265 6.81 40.33 18.22
CA HIS C 265 7.64 40.90 19.28
C HIS C 265 7.86 39.84 20.34
N VAL C 266 9.12 39.48 20.55
CA VAL C 266 9.48 38.46 21.53
C VAL C 266 9.38 39.08 22.92
N GLN C 267 8.42 38.61 23.72
CA GLN C 267 8.26 39.14 25.07
C GLN C 267 9.40 38.72 25.97
N TRP C 268 9.64 37.41 26.08
CA TRP C 268 10.77 36.94 26.87
C TRP C 268 11.22 35.57 26.37
N THR C 269 12.42 35.19 26.82
CA THR C 269 13.01 33.89 26.49
C THR C 269 13.70 33.39 27.75
N CYS C 270 13.05 32.46 28.46
CA CYS C 270 13.58 31.88 29.68
C CYS C 270 13.83 30.40 29.42
N GLY C 271 15.11 30.03 29.40
CA GLY C 271 15.50 28.66 29.13
C GLY C 271 15.11 28.23 27.74
N PRO C 272 14.29 27.17 27.66
CA PRO C 272 13.72 26.76 26.37
C PRO C 272 12.37 27.39 26.05
N LEU C 273 11.80 28.18 26.96
CA LEU C 273 10.46 28.74 26.78
C LEU C 273 10.59 30.14 26.19
N THR C 274 10.14 30.32 24.95
CA THR C 274 10.13 31.62 24.30
C THR C 274 8.68 32.06 24.15
N SER C 275 8.34 33.19 24.77
CA SER C 275 7.02 33.77 24.65
C SER C 275 7.13 35.02 23.78
N THR C 276 6.42 35.00 22.66
CA THR C 276 6.36 36.09 21.68
C THR C 276 4.93 36.60 21.60
N LEU C 277 4.78 37.76 20.96
CA LEU C 277 3.51 38.48 20.92
C LEU C 277 3.23 38.91 19.48
N TYR C 278 2.55 38.06 18.72
CA TYR C 278 2.25 38.37 17.34
C TYR C 278 1.16 39.42 17.24
N ASP C 279 1.20 40.19 16.16
CA ASP C 279 0.24 41.25 15.90
C ASP C 279 -0.85 40.74 14.97
N LEU C 280 -2.11 40.99 15.33
CA LEU C 280 -3.25 40.51 14.58
C LEU C 280 -4.01 41.64 13.89
N THR C 281 -3.29 42.67 13.44
CA THR C 281 -3.96 43.77 12.73
C THR C 281 -4.39 43.32 11.34
N GLU C 282 -3.60 42.49 10.68
CA GLU C 282 -3.91 42.05 9.32
C GLU C 282 -4.48 40.64 9.27
N ILE C 283 -4.09 39.76 10.19
CA ILE C 283 -4.59 38.39 10.17
C ILE C 283 -6.06 38.34 10.59
N ASP C 284 -6.43 39.06 11.65
CA ASP C 284 -7.80 39.00 12.13
C ASP C 284 -8.74 39.78 11.22
N SER C 285 -8.29 40.94 10.73
CA SER C 285 -9.03 41.83 9.81
C SER C 285 -10.37 42.26 10.40
N TRP C 286 -10.28 43.00 11.51
CA TRP C 286 -11.48 43.51 12.18
C TRP C 286 -12.11 44.62 11.34
N GLY C 287 -13.41 44.53 11.15
CA GLY C 287 -14.15 45.55 10.41
C GLY C 287 -13.83 45.67 8.94
N GLU C 288 -13.71 44.53 8.24
CA GLU C 288 -13.44 44.52 6.82
C GLU C 288 -14.47 43.67 6.10
N GLU C 289 -14.65 43.95 4.81
CA GLU C 289 -15.61 43.19 4.00
C GLU C 289 -15.14 41.76 3.80
N LEU C 290 -13.88 41.58 3.39
CA LEU C 290 -13.29 40.27 3.21
C LEU C 290 -12.11 40.14 4.17
N SER C 291 -12.24 39.26 5.15
CA SER C 291 -11.17 39.03 6.11
C SER C 291 -10.03 38.25 5.48
N PHE C 292 -8.90 38.21 6.18
CA PHE C 292 -7.74 37.49 5.68
C PHE C 292 -8.01 35.98 5.62
N LEU C 293 -8.66 35.44 6.65
CA LEU C 293 -8.90 34.00 6.70
C LEU C 293 -9.94 33.56 5.67
N GLU C 294 -10.92 34.42 5.37
CA GLU C 294 -11.87 34.13 4.30
C GLU C 294 -11.18 34.10 2.94
N LEU C 295 -10.24 35.02 2.72
CA LEU C 295 -9.49 35.03 1.47
C LEU C 295 -8.55 33.84 1.37
N VAL C 296 -7.98 33.40 2.50
CA VAL C 296 -7.09 32.24 2.48
C VAL C 296 -7.88 30.96 2.18
N VAL C 297 -9.02 30.78 2.84
CA VAL C 297 -9.80 29.56 2.67
C VAL C 297 -10.45 29.52 1.29
N SER C 298 -11.08 30.62 0.89
CA SER C 298 -11.72 30.68 -0.43
C SER C 298 -10.69 31.09 -1.49
N SER C 299 -9.78 30.16 -1.75
CA SER C 299 -8.72 30.36 -2.73
C SER C 299 -8.63 29.14 -3.64
N LYS C 300 -8.43 29.39 -4.93
CA LYS C 300 -8.39 28.30 -5.90
C LYS C 300 -7.12 27.49 -5.80
N LYS C 301 -6.04 28.07 -5.28
CA LYS C 301 -4.78 27.36 -5.17
C LYS C 301 -4.84 26.32 -4.06
N ARG C 302 -4.18 25.18 -4.29
CA ARG C 302 -4.13 24.14 -3.27
C ARG C 302 -3.15 24.50 -2.16
N GLU C 303 -2.14 25.31 -2.48
CA GLU C 303 -1.12 25.66 -1.50
C GLU C 303 -1.59 26.70 -0.48
N ALA C 304 -2.79 27.27 -0.65
CA ALA C 304 -3.30 28.23 0.29
C ALA C 304 -3.73 27.60 1.61
N ARG C 305 -3.94 26.29 1.64
CA ARG C 305 -4.31 25.61 2.88
C ARG C 305 -3.14 25.43 3.83
N GLN C 306 -1.91 25.68 3.39
CA GLN C 306 -0.76 25.61 4.28
C GLN C 306 -0.56 26.89 5.07
N ILE C 307 -1.25 27.97 4.72
CA ILE C 307 -1.20 29.21 5.50
C ILE C 307 -1.86 29.00 6.85
N LEU C 308 -2.91 28.17 6.90
CA LEU C 308 -3.59 27.86 8.15
C LEU C 308 -2.73 27.04 9.11
N GLU C 309 -1.66 26.40 8.62
CA GLU C 309 -0.73 25.66 9.45
C GLU C 309 0.36 26.54 10.05
N GLN C 310 0.44 27.81 9.64
CA GLN C 310 1.51 28.68 10.10
C GLN C 310 1.28 29.12 11.54
N THR C 311 2.29 29.78 12.10
CA THR C 311 2.37 29.94 13.56
C THR C 311 1.27 30.82 14.18
N PRO C 312 0.97 32.06 13.69
CA PRO C 312 -0.10 32.81 14.37
C PRO C 312 -1.49 32.33 14.00
N VAL C 313 -1.66 31.91 12.75
CA VAL C 313 -2.97 31.57 12.21
C VAL C 313 -3.52 30.31 12.86
N LYS C 314 -2.66 29.31 13.09
CA LYS C 314 -3.08 28.05 13.70
C LYS C 314 -3.57 28.26 15.13
N GLU C 315 -2.82 29.02 15.93
CA GLU C 315 -3.24 29.32 17.29
C GLU C 315 -4.47 30.20 17.32
N LEU C 316 -4.60 31.13 16.36
CA LEU C 316 -5.76 32.02 16.32
C LEU C 316 -7.04 31.24 15.99
N VAL C 317 -6.99 30.38 14.97
CA VAL C 317 -8.20 29.64 14.62
C VAL C 317 -8.48 28.53 15.62
N SER C 318 -7.44 28.02 16.31
CA SER C 318 -7.69 27.04 17.36
C SER C 318 -8.35 27.68 18.57
N PHE C 319 -7.93 28.90 18.94
CA PHE C 319 -8.57 29.63 20.02
C PHE C 319 -10.01 30.00 19.67
N LYS C 320 -10.24 30.46 18.43
CA LYS C 320 -11.57 30.82 17.99
C LYS C 320 -12.49 29.60 17.93
N TRP C 321 -11.98 28.47 17.48
CA TRP C 321 -12.80 27.28 17.35
C TRP C 321 -13.08 26.64 18.70
N LYS C 322 -12.09 26.62 19.59
CA LYS C 322 -12.28 25.99 20.89
C LYS C 322 -13.15 26.84 21.81
N LYS C 323 -13.00 28.17 21.77
CA LYS C 323 -13.78 28.98 22.69
C LYS C 323 -15.20 29.22 22.18
N TYR C 324 -15.33 29.65 20.93
CA TYR C 324 -16.63 30.07 20.42
C TYR C 324 -17.18 29.19 19.31
N GLY C 325 -16.32 28.67 18.44
CA GLY C 325 -16.81 27.99 17.25
C GLY C 325 -17.48 26.65 17.54
N ARG C 326 -16.84 25.84 18.39
CA ARG C 326 -17.39 24.51 18.69
C ARG C 326 -18.70 24.54 19.48
N PRO C 327 -18.87 25.34 20.56
CA PRO C 327 -20.20 25.33 21.21
C PRO C 327 -21.32 25.90 20.36
N TYR C 328 -21.05 26.96 19.59
CA TYR C 328 -22.09 27.51 18.72
C TYR C 328 -22.44 26.55 17.60
N PHE C 329 -21.44 25.85 17.06
CA PHE C 329 -21.70 24.88 16.01
C PHE C 329 -22.46 23.68 16.54
N CYS C 330 -22.18 23.26 17.78
CA CYS C 330 -22.93 22.15 18.37
C CYS C 330 -24.36 22.55 18.70
N VAL C 331 -24.57 23.80 19.14
CA VAL C 331 -25.93 24.30 19.38
C VAL C 331 -26.72 24.36 18.08
N LEU C 332 -26.10 24.85 17.01
CA LEU C 332 -26.77 24.90 15.70
C LEU C 332 -27.05 23.51 15.16
N ALA C 333 -26.13 22.56 15.39
CA ALA C 333 -26.36 21.19 14.97
C ALA C 333 -27.51 20.54 15.73
N SER C 334 -27.60 20.80 17.04
CA SER C 334 -28.71 20.26 17.82
C SER C 334 -30.04 20.86 17.39
N LEU C 335 -30.07 22.17 17.12
CA LEU C 335 -31.28 22.82 16.65
C LEU C 335 -31.71 22.29 15.28
N TYR C 336 -30.74 22.06 14.38
CA TYR C 336 -31.08 21.51 13.07
C TYR C 336 -31.55 20.07 13.16
N ILE C 337 -31.00 19.29 14.08
CA ILE C 337 -31.43 17.91 14.27
C ILE C 337 -32.86 17.87 14.82
N LEU C 338 -33.17 18.73 15.80
CA LEU C 338 -34.54 18.78 16.31
C LEU C 338 -35.52 19.31 15.27
N TYR C 339 -35.06 20.24 14.43
CA TYR C 339 -35.89 20.74 13.34
C TYR C 339 -36.18 19.65 12.31
N MET C 340 -35.18 18.83 11.99
CA MET C 340 -35.42 17.72 11.07
C MET C 340 -36.27 16.63 11.70
N ILE C 341 -36.19 16.46 13.03
CA ILE C 341 -37.09 15.54 13.72
C ILE C 341 -38.53 16.02 13.61
N CYS C 342 -38.75 17.32 13.77
CA CYS C 342 -40.10 17.88 13.63
C CYS C 342 -40.61 17.75 12.20
N PHE C 343 -39.75 17.97 11.21
CA PHE C 343 -40.15 17.81 9.82
C PHE C 343 -40.46 16.36 9.48
N THR C 344 -39.64 15.43 9.99
CA THR C 344 -39.89 14.01 9.76
C THR C 344 -41.19 13.56 10.42
N THR C 345 -41.47 14.05 11.64
CA THR C 345 -42.71 13.71 12.32
C THR C 345 -43.92 14.30 11.62
N CYS C 346 -43.76 15.47 10.99
CA CYS C 346 -44.86 16.00 10.17
C CYS C 346 -45.02 15.22 8.87
N CYS C 347 -43.94 14.60 8.37
CA CYS C 347 -44.07 13.77 7.18
C CYS C 347 -44.74 12.43 7.49
N ILE C 348 -44.45 11.86 8.67
CA ILE C 348 -45.00 10.56 9.03
C ILE C 348 -46.49 10.67 9.29
N TYR C 349 -46.92 11.72 10.01
CA TYR C 349 -48.31 11.91 10.37
C TYR C 349 -49.08 12.73 9.35
N ARG C 350 -48.70 12.64 8.08
CA ARG C 350 -49.34 13.40 7.01
C ARG C 350 -50.80 12.97 6.87
N PRO C 351 -51.72 13.92 6.68
CA PRO C 351 -53.16 13.58 6.65
C PRO C 351 -53.52 12.78 5.41
N LEU C 352 -53.99 11.56 5.63
CA LEU C 352 -54.37 10.64 4.56
C LEU C 352 -55.72 10.03 4.87
N LYS C 353 -56.53 9.85 3.83
CA LYS C 353 -57.85 9.26 3.95
C LYS C 353 -57.95 8.07 3.01
N LEU C 354 -59.03 7.30 3.19
CA LEU C 354 -59.30 6.15 2.34
C LEU C 354 -59.64 6.61 0.92
N ARG C 355 -59.31 5.75 -0.05
CA ARG C 355 -59.52 6.08 -1.45
C ARG C 355 -61.01 6.03 -1.78
N ASP C 356 -61.50 7.07 -2.48
CA ASP C 356 -62.91 7.13 -2.80
C ASP C 356 -63.28 6.13 -3.90
N ASP C 357 -62.50 6.06 -4.96
CA ASP C 357 -62.85 5.21 -6.09
C ASP C 357 -62.45 3.75 -5.80
N ASN C 358 -62.82 2.88 -6.74
CA ASN C 358 -62.58 1.45 -6.61
C ASN C 358 -61.37 1.05 -7.44
N ARG C 359 -60.58 0.11 -6.91
CA ARG C 359 -59.37 -0.37 -7.58
C ARG C 359 -59.80 -1.32 -8.69
N THR C 360 -60.10 -0.74 -9.86
CA THR C 360 -60.51 -1.55 -11.01
C THR C 360 -59.32 -2.29 -11.60
N ASP C 361 -58.17 -1.64 -11.70
CA ASP C 361 -56.98 -2.29 -12.23
C ASP C 361 -56.41 -3.26 -11.19
N PRO C 362 -56.13 -4.51 -11.56
CA PRO C 362 -55.60 -5.46 -10.58
C PRO C 362 -54.16 -5.19 -10.17
N ARG C 363 -53.41 -4.42 -10.95
CA ARG C 363 -52.03 -4.08 -10.62
C ARG C 363 -51.89 -2.78 -9.84
N ASP C 364 -53.00 -2.14 -9.50
CA ASP C 364 -52.98 -0.90 -8.73
C ASP C 364 -53.17 -1.21 -7.26
N ILE C 365 -52.26 -0.71 -6.43
CA ILE C 365 -52.25 -1.03 -5.01
C ILE C 365 -52.37 0.23 -4.15
N THR C 366 -52.96 1.29 -4.69
CA THR C 366 -53.14 2.53 -3.96
C THR C 366 -54.46 2.48 -3.21
N ILE C 367 -54.40 2.53 -1.88
CA ILE C 367 -55.60 2.44 -1.06
C ILE C 367 -55.90 3.73 -0.31
N LEU C 368 -54.96 4.66 -0.24
CA LEU C 368 -55.16 5.92 0.45
C LEU C 368 -54.87 7.09 -0.49
N GLN C 369 -55.29 8.27 -0.07
CA GLN C 369 -55.00 9.49 -0.81
C GLN C 369 -54.91 10.64 0.18
N GLN C 370 -54.55 11.81 -0.33
CA GLN C 370 -54.38 12.97 0.53
C GLN C 370 -55.73 13.62 0.83
N LYS C 371 -55.93 13.97 2.10
CA LYS C 371 -57.14 14.67 2.49
C LYS C 371 -57.11 16.10 1.97
N LEU C 372 -58.30 16.68 1.84
CA LEU C 372 -58.40 18.07 1.40
C LEU C 372 -57.99 19.00 2.54
N LEU C 373 -57.83 20.28 2.19
CA LEU C 373 -57.46 21.28 3.19
C LEU C 373 -58.58 21.51 4.19
N GLN C 374 -59.84 21.35 3.76
CA GLN C 374 -60.95 21.41 4.69
C GLN C 374 -61.06 20.15 5.54
N GLU C 375 -60.75 18.98 4.95
CA GLU C 375 -60.85 17.72 5.69
C GLU C 375 -59.73 17.61 6.72
N ALA C 376 -58.55 18.10 6.40
CA ALA C 376 -57.46 18.13 7.37
C ALA C 376 -57.66 19.29 8.35
N TYR C 377 -56.82 19.30 9.39
CA TYR C 377 -56.81 20.30 10.46
C TYR C 377 -58.16 20.38 11.16
N VAL C 378 -58.56 19.26 11.76
CA VAL C 378 -59.81 19.12 12.47
C VAL C 378 -59.60 18.67 13.91
N THR C 379 -58.89 17.56 14.11
CA THR C 379 -58.71 17.00 15.43
C THR C 379 -57.58 17.71 16.17
N HIS C 380 -57.28 17.23 17.38
CA HIS C 380 -56.20 17.82 18.18
C HIS C 380 -54.84 17.46 17.63
N GLN C 381 -54.67 16.19 17.20
CA GLN C 381 -53.42 15.75 16.61
C GLN C 381 -53.14 16.47 15.30
N ASP C 382 -54.17 16.80 14.54
CA ASP C 382 -54.00 17.62 13.35
C ASP C 382 -53.55 19.04 13.70
N ASN C 383 -53.97 19.57 14.84
CA ASN C 383 -53.49 20.88 15.25
C ASN C 383 -52.03 20.83 15.71
N ILE C 384 -51.63 19.72 16.34
CA ILE C 384 -50.21 19.51 16.68
C ILE C 384 -49.39 19.42 15.40
N ARG C 385 -49.91 18.73 14.38
CA ARG C 385 -49.26 18.68 13.08
C ARG C 385 -49.19 20.06 12.43
N LEU C 386 -50.23 20.88 12.60
CA LEU C 386 -50.21 22.25 12.08
C LEU C 386 -49.14 23.09 12.75
N VAL C 387 -48.98 22.94 14.07
CA VAL C 387 -47.90 23.63 14.79
C VAL C 387 -46.53 23.20 14.27
N GLY C 388 -46.35 21.90 14.06
CA GLY C 388 -45.09 21.42 13.52
C GLY C 388 -44.82 21.87 12.10
N GLU C 389 -45.88 21.98 11.28
CA GLU C 389 -45.72 22.44 9.90
C GLU C 389 -45.40 23.93 9.87
N LEU C 390 -45.98 24.72 10.79
CA LEU C 390 -45.60 26.12 10.90
C LEU C 390 -44.15 26.28 11.33
N VAL C 391 -43.69 25.40 12.24
CA VAL C 391 -42.28 25.37 12.63
C VAL C 391 -41.39 25.05 11.43
N THR C 392 -41.82 24.09 10.60
CA THR C 392 -41.05 23.70 9.42
C THR C 392 -40.97 24.81 8.38
N VAL C 393 -42.10 25.47 8.11
CA VAL C 393 -42.12 26.56 7.14
C VAL C 393 -41.30 27.75 7.63
N THR C 394 -41.39 28.06 8.92
CA THR C 394 -40.59 29.14 9.50
C THR C 394 -39.10 28.82 9.45
N GLY C 395 -38.75 27.55 9.69
CA GLY C 395 -37.35 27.15 9.58
C GLY C 395 -36.82 27.21 8.17
N ALA C 396 -37.65 26.86 7.18
CA ALA C 396 -37.23 26.96 5.79
C ALA C 396 -37.08 28.41 5.35
N VAL C 397 -37.96 29.30 5.85
CA VAL C 397 -37.83 30.73 5.55
C VAL C 397 -36.56 31.30 6.18
N ILE C 398 -36.26 30.89 7.42
CA ILE C 398 -35.02 31.31 8.09
C ILE C 398 -33.80 30.81 7.33
N ILE C 399 -33.87 29.56 6.82
CA ILE C 399 -32.80 28.98 6.02
C ILE C 399 -32.58 29.78 4.74
N LEU C 400 -33.66 30.15 4.06
CA LEU C 400 -33.53 30.93 2.83
C LEU C 400 -32.99 32.33 3.11
N LEU C 401 -33.42 32.95 4.21
CA LEU C 401 -32.92 34.27 4.56
C LEU C 401 -31.46 34.23 4.97
N LEU C 402 -30.99 33.11 5.53
CA LEU C 402 -29.57 32.98 5.84
C LEU C 402 -28.73 32.68 4.60
N GLU C 403 -29.27 31.94 3.63
CA GLU C 403 -28.44 31.45 2.53
C GLU C 403 -28.50 32.30 1.27
N ILE C 404 -29.61 32.98 0.98
CA ILE C 404 -29.79 33.77 -0.23
C ILE C 404 -28.81 34.95 -0.35
N PRO C 405 -28.58 35.82 0.65
CA PRO C 405 -27.59 36.90 0.44
C PRO C 405 -26.14 36.45 0.34
N ASP C 406 -25.82 35.21 0.73
CA ASP C 406 -24.47 34.71 0.51
C ASP C 406 -24.20 34.38 -0.95
N ILE C 407 -25.24 34.16 -1.75
CA ILE C 407 -25.06 33.95 -3.18
C ILE C 407 -24.79 35.26 -3.91
N PHE C 408 -25.16 36.39 -3.33
CA PHE C 408 -24.90 37.69 -3.93
C PHE C 408 -23.73 38.44 -3.30
N ARG C 409 -23.34 38.07 -2.07
CA ARG C 409 -22.18 38.70 -1.46
C ARG C 409 -20.89 38.29 -2.14
N VAL C 410 -20.78 37.02 -2.52
CA VAL C 410 -19.68 36.53 -3.34
C VAL C 410 -20.28 36.01 -4.64
N GLY C 411 -19.44 35.49 -5.53
CA GLY C 411 -19.95 34.90 -6.76
C GLY C 411 -20.76 33.64 -6.50
N ALA C 412 -21.71 33.39 -7.38
CA ALA C 412 -22.56 32.21 -7.26
C ALA C 412 -21.76 30.93 -7.50
N SER C 413 -20.87 30.95 -8.51
CA SER C 413 -20.04 29.79 -8.78
C SER C 413 -18.99 29.58 -7.71
N ARG C 414 -18.52 30.65 -7.09
CA ARG C 414 -17.56 30.52 -5.99
C ARG C 414 -18.25 29.98 -4.73
N TYR C 415 -19.49 30.42 -4.47
CA TYR C 415 -20.20 29.98 -3.29
C TYR C 415 -20.72 28.56 -3.44
N PHE C 416 -21.13 28.16 -4.64
CA PHE C 416 -21.67 26.83 -4.86
C PHE C 416 -20.62 25.82 -5.29
N GLY C 417 -19.36 26.22 -5.45
CA GLY C 417 -18.39 25.35 -6.08
C GLY C 417 -17.09 25.11 -5.33
N GLN C 418 -17.10 25.28 -4.01
CA GLN C 418 -15.91 25.04 -3.20
C GLN C 418 -16.23 24.01 -2.12
N THR C 419 -15.33 23.03 -1.97
CA THR C 419 -15.53 21.96 -1.00
C THR C 419 -15.43 22.47 0.43
N ILE C 420 -14.47 23.35 0.70
CA ILE C 420 -14.14 23.73 2.08
C ILE C 420 -15.24 24.58 2.70
N LEU C 421 -15.75 25.57 1.97
CA LEU C 421 -16.76 26.49 2.51
C LEU C 421 -18.16 25.94 2.27
N GLY C 422 -18.43 24.75 2.80
CA GLY C 422 -19.68 24.10 2.53
C GLY C 422 -19.73 23.63 1.08
N GLY C 423 -20.50 24.34 0.26
CA GLY C 423 -20.55 24.07 -1.15
C GLY C 423 -21.82 23.33 -1.55
N PRO C 424 -21.71 22.03 -1.79
CA PRO C 424 -22.91 21.22 -2.07
C PRO C 424 -23.89 21.16 -0.92
N PHE C 425 -23.43 21.33 0.32
CA PHE C 425 -24.35 21.39 1.46
C PHE C 425 -25.26 22.60 1.37
N HIS C 426 -24.73 23.73 0.90
CA HIS C 426 -25.55 24.92 0.70
C HIS C 426 -26.57 24.71 -0.41
N VAL C 427 -26.18 24.00 -1.47
CA VAL C 427 -27.10 23.72 -2.58
C VAL C 427 -28.24 22.82 -2.11
N ILE C 428 -27.91 21.77 -1.36
CA ILE C 428 -28.98 20.86 -0.92
C ILE C 428 -29.80 21.49 0.20
N ILE C 429 -29.24 22.43 0.97
CA ILE C 429 -30.00 23.12 2.00
C ILE C 429 -31.00 24.10 1.36
N ILE C 430 -30.58 24.82 0.33
CA ILE C 430 -31.48 25.71 -0.40
C ILE C 430 -32.55 24.91 -1.15
N THR C 431 -32.16 23.75 -1.70
CA THR C 431 -33.12 22.87 -2.35
C THR C 431 -34.13 22.31 -1.36
N TYR C 432 -33.68 21.97 -0.14
CA TYR C 432 -34.58 21.51 0.91
C TYR C 432 -35.59 22.57 1.31
N ALA C 433 -35.12 23.82 1.47
CA ALA C 433 -36.04 24.91 1.81
C ALA C 433 -37.03 25.18 0.69
N SER C 434 -36.56 25.13 -0.57
CA SER C 434 -37.44 25.35 -1.71
C SER C 434 -38.49 24.24 -1.82
N LEU C 435 -38.10 22.99 -1.56
CA LEU C 435 -39.07 21.89 -1.64
C LEU C 435 -40.05 21.91 -0.48
N VAL C 436 -39.63 22.37 0.71
CA VAL C 436 -40.55 22.53 1.82
C VAL C 436 -41.57 23.63 1.51
N LEU C 437 -41.12 24.75 0.94
CA LEU C 437 -42.05 25.81 0.56
C LEU C 437 -42.98 25.38 -0.58
N LEU C 438 -42.47 24.57 -1.52
CA LEU C 438 -43.31 24.04 -2.59
C LEU C 438 -44.35 23.07 -2.05
N THR C 439 -43.98 22.27 -1.04
CA THR C 439 -44.94 21.40 -0.38
C THR C 439 -46.01 22.20 0.35
N MET C 440 -45.62 23.31 0.97
CA MET C 440 -46.59 24.19 1.62
C MET C 440 -47.55 24.80 0.60
N VAL C 441 -47.03 25.20 -0.57
CA VAL C 441 -47.86 25.74 -1.64
C VAL C 441 -48.84 24.69 -2.15
N MET C 442 -48.36 23.45 -2.35
CA MET C 442 -49.24 22.38 -2.81
C MET C 442 -50.25 21.97 -1.74
N ARG C 443 -49.91 22.16 -0.46
CA ARG C 443 -50.85 21.87 0.60
C ARG C 443 -51.95 22.92 0.67
N LEU C 444 -51.59 24.20 0.48
CA LEU C 444 -52.60 25.25 0.55
C LEU C 444 -53.50 25.28 -0.68
N THR C 445 -53.01 24.81 -1.82
CA THR C 445 -53.76 24.85 -3.07
C THR C 445 -54.49 23.56 -3.38
N ASN C 446 -54.46 22.58 -2.46
CA ASN C 446 -55.11 21.27 -2.60
C ASN C 446 -54.62 20.53 -3.86
N MET C 447 -53.34 20.67 -4.17
CA MET C 447 -52.76 20.00 -5.32
C MET C 447 -52.23 18.63 -4.91
N ASN C 448 -52.62 17.61 -5.67
CA ASN C 448 -52.19 16.25 -5.37
C ASN C 448 -50.74 16.04 -5.76
N GLY C 449 -50.05 15.20 -5.00
CA GLY C 449 -48.69 14.84 -5.32
C GLY C 449 -47.64 15.46 -4.42
N GLU C 450 -47.93 15.57 -3.12
CA GLU C 450 -46.95 16.05 -2.16
C GLU C 450 -45.90 15.02 -1.82
N VAL C 451 -46.07 13.78 -2.26
CA VAL C 451 -45.13 12.71 -1.96
C VAL C 451 -43.79 12.96 -2.65
N VAL C 452 -43.82 13.51 -3.86
CA VAL C 452 -42.56 13.81 -4.57
C VAL C 452 -41.73 14.90 -3.88
N PRO C 453 -42.26 16.10 -3.56
CA PRO C 453 -41.40 17.06 -2.85
C PRO C 453 -41.15 16.67 -1.41
N LEU C 454 -42.05 15.93 -0.77
CA LEU C 454 -41.80 15.51 0.61
C LEU C 454 -40.70 14.46 0.68
N SER C 455 -40.67 13.54 -0.29
CA SER C 455 -39.58 12.55 -0.34
C SER C 455 -38.26 13.20 -0.70
N PHE C 456 -38.29 14.17 -1.64
CA PHE C 456 -37.08 14.91 -1.97
C PHE C 456 -36.55 15.70 -0.77
N ALA C 457 -37.45 16.34 -0.03
CA ALA C 457 -37.03 17.12 1.13
C ALA C 457 -36.60 16.25 2.29
N LEU C 458 -37.17 15.05 2.42
CA LEU C 458 -36.73 14.13 3.47
C LEU C 458 -35.36 13.56 3.17
N VAL C 459 -35.08 13.27 1.90
CA VAL C 459 -33.75 12.77 1.54
C VAL C 459 -32.71 13.89 1.67
N LEU C 460 -33.00 15.07 1.14
CA LEU C 460 -32.01 16.13 1.11
C LEU C 460 -31.81 16.79 2.47
N GLY C 461 -32.89 16.93 3.25
CA GLY C 461 -32.78 17.59 4.53
C GLY C 461 -32.01 16.80 5.56
N TRP C 462 -32.18 15.48 5.58
CA TRP C 462 -31.44 14.67 6.53
C TRP C 462 -29.99 14.51 6.09
N CYS C 463 -29.73 14.46 4.79
CA CYS C 463 -28.36 14.35 4.31
C CYS C 463 -27.57 15.63 4.52
N SER C 464 -28.24 16.76 4.76
CA SER C 464 -27.53 18.01 5.05
C SER C 464 -26.98 18.05 6.46
N VAL C 465 -27.46 17.18 7.35
CA VAL C 465 -26.96 17.09 8.73
C VAL C 465 -25.50 16.66 8.76
N MET C 466 -25.03 15.95 7.71
CA MET C 466 -23.62 15.62 7.58
C MET C 466 -22.74 16.85 7.41
N TYR C 467 -23.31 17.99 7.03
CA TYR C 467 -22.60 19.27 7.08
C TYR C 467 -22.08 19.54 8.49
N PHE C 468 -22.91 19.29 9.49
CA PHE C 468 -22.50 19.44 10.89
C PHE C 468 -21.53 18.35 11.33
N ALA C 469 -21.19 17.38 10.47
CA ALA C 469 -20.08 16.49 10.73
C ALA C 469 -18.73 17.16 10.55
N ARG C 470 -18.67 18.37 9.98
CA ARG C 470 -17.38 19.04 9.84
C ARG C 470 -16.90 19.68 11.12
N GLY C 471 -17.73 19.74 12.16
CA GLY C 471 -17.33 20.30 13.42
C GLY C 471 -16.63 19.35 14.37
N PHE C 472 -16.46 18.09 13.98
CA PHE C 472 -15.84 17.08 14.83
C PHE C 472 -14.67 16.46 14.09
N GLN C 473 -13.57 16.22 14.76
CA GLN C 473 -12.38 15.78 14.01
C GLN C 473 -12.57 14.39 13.47
N MET C 474 -13.09 13.51 14.27
CA MET C 474 -13.16 12.14 13.80
C MET C 474 -14.07 12.03 12.58
N LEU C 475 -15.24 12.65 12.59
CA LEU C 475 -16.20 12.44 11.47
C LEU C 475 -16.02 13.44 10.33
N GLY C 476 -15.28 14.52 10.53
CA GLY C 476 -15.19 15.57 9.50
C GLY C 476 -14.54 15.18 8.20
N PRO C 477 -13.42 14.46 8.17
CA PRO C 477 -12.79 14.14 6.91
C PRO C 477 -13.52 12.99 6.19
N PHE C 478 -14.71 12.58 6.63
CA PHE C 478 -15.53 11.55 5.99
C PHE C 478 -16.48 12.16 4.96
N THR C 479 -17.02 13.34 5.25
CA THR C 479 -17.84 14.04 4.27
C THR C 479 -17.00 14.49 3.07
N ILE C 480 -15.72 14.81 3.30
CA ILE C 480 -14.82 15.12 2.20
C ILE C 480 -14.54 13.88 1.37
N MET C 481 -14.43 12.70 2.01
CA MET C 481 -14.29 11.46 1.28
C MET C 481 -15.50 11.17 0.40
N ILE C 482 -16.70 11.38 0.94
CA ILE C 482 -17.92 11.14 0.17
C ILE C 482 -18.06 12.16 -0.96
N GLN C 483 -17.65 13.41 -0.72
CA GLN C 483 -17.71 14.43 -1.76
C GLN C 483 -16.73 14.14 -2.88
N LYS C 484 -15.51 13.72 -2.54
CA LYS C 484 -14.55 13.39 -3.57
C LYS C 484 -14.76 12.00 -4.17
N MET C 485 -15.70 11.22 -3.63
CA MET C 485 -16.14 10.00 -4.31
C MET C 485 -17.30 10.26 -5.25
N ILE C 486 -18.22 11.15 -4.89
CA ILE C 486 -19.38 11.41 -5.74
C ILE C 486 -19.00 12.26 -6.94
N PHE C 487 -18.45 13.44 -6.69
CA PHE C 487 -18.08 14.31 -7.80
C PHE C 487 -16.71 13.96 -8.37
N GLY C 488 -15.89 13.24 -7.62
CA GLY C 488 -14.59 12.84 -8.12
C GLY C 488 -14.60 11.58 -8.95
N ASP C 489 -15.06 10.46 -8.37
CA ASP C 489 -14.98 9.17 -9.02
C ASP C 489 -16.30 8.69 -9.61
N LEU C 490 -17.42 8.97 -8.95
CA LEU C 490 -18.71 8.48 -9.42
C LEU C 490 -19.13 9.17 -10.72
N MET C 491 -18.84 10.46 -10.84
CA MET C 491 -19.19 11.18 -12.07
C MET C 491 -18.33 10.78 -13.25
N ARG C 492 -17.19 10.14 -13.02
CA ARG C 492 -16.38 9.60 -14.11
C ARG C 492 -16.76 8.17 -14.44
N PHE C 493 -17.04 7.35 -13.42
CA PHE C 493 -17.34 5.94 -13.68
C PHE C 493 -18.77 5.71 -14.15
N CYS C 494 -19.68 6.67 -13.94
CA CYS C 494 -21.07 6.45 -14.27
C CYS C 494 -21.34 6.37 -15.77
N TRP C 495 -20.43 6.88 -16.60
CA TRP C 495 -20.64 6.80 -18.04
C TRP C 495 -20.41 5.38 -18.55
N LEU C 496 -19.35 4.72 -18.09
CA LEU C 496 -19.08 3.34 -18.47
C LEU C 496 -20.16 2.41 -17.89
N MET C 497 -20.56 2.65 -16.65
CA MET C 497 -21.61 1.88 -16.01
C MET C 497 -22.95 2.06 -16.73
N ALA C 498 -23.26 3.30 -17.14
CA ALA C 498 -24.48 3.55 -17.89
C ALA C 498 -24.43 2.94 -19.29
N VAL C 499 -23.25 2.86 -19.88
CA VAL C 499 -23.08 2.18 -21.17
C VAL C 499 -23.37 0.69 -21.03
N VAL C 500 -22.88 0.06 -19.95
CA VAL C 500 -23.12 -1.36 -19.75
C VAL C 500 -24.58 -1.62 -19.40
N ILE C 501 -25.19 -0.72 -18.63
CA ILE C 501 -26.60 -0.81 -18.29
C ILE C 501 -27.47 -0.68 -19.54
N LEU C 502 -27.17 0.31 -20.40
CA LEU C 502 -27.95 0.51 -21.61
C LEU C 502 -27.76 -0.63 -22.62
N GLY C 503 -26.63 -1.29 -22.59
CA GLY C 503 -26.48 -2.47 -23.43
C GLY C 503 -27.26 -3.66 -22.92
N PHE C 504 -27.01 -4.04 -21.67
CA PHE C 504 -27.58 -5.27 -21.16
C PHE C 504 -29.06 -5.15 -20.83
N ALA C 505 -29.56 -3.94 -20.53
CA ALA C 505 -31.00 -3.78 -20.33
C ALA C 505 -31.76 -3.97 -21.63
N SER C 506 -31.22 -3.44 -22.73
CA SER C 506 -31.84 -3.65 -24.03
C SER C 506 -31.76 -5.11 -24.45
N ALA C 507 -30.63 -5.77 -24.17
CA ALA C 507 -30.50 -7.19 -24.46
C ALA C 507 -31.48 -8.03 -23.64
N PHE C 508 -31.61 -7.73 -22.35
CA PHE C 508 -32.53 -8.47 -21.50
C PHE C 508 -33.98 -8.17 -21.83
N HIS C 509 -34.27 -6.97 -22.33
CA HIS C 509 -35.64 -6.66 -22.72
C HIS C 509 -36.03 -7.36 -24.00
N ILE C 510 -35.12 -7.41 -24.98
CA ILE C 510 -35.48 -8.08 -26.23
C ILE C 510 -35.41 -9.59 -26.11
N THR C 511 -34.70 -10.15 -25.12
CA THR C 511 -34.81 -11.59 -24.91
C THR C 511 -36.13 -11.97 -24.24
N PHE C 512 -36.72 -11.06 -23.46
CA PHE C 512 -37.98 -11.31 -22.78
C PHE C 512 -39.14 -10.54 -23.41
N GLN C 513 -39.00 -10.12 -24.66
CA GLN C 513 -40.13 -9.51 -25.35
C GLN C 513 -41.17 -10.56 -25.74
N THR C 514 -40.72 -11.71 -26.23
CA THR C 514 -41.62 -12.82 -26.57
C THR C 514 -41.78 -13.80 -25.41
N GLU C 515 -42.06 -13.29 -24.23
CA GLU C 515 -42.24 -14.12 -23.04
C GLU C 515 -43.43 -13.62 -22.25
N ASP C 516 -43.97 -14.49 -21.42
CA ASP C 516 -45.09 -14.11 -20.56
C ASP C 516 -44.57 -13.30 -19.38
N PRO C 517 -45.08 -12.08 -19.15
CA PRO C 517 -44.53 -11.25 -18.07
C PRO C 517 -44.94 -11.69 -16.68
N ASN C 518 -45.88 -12.63 -16.54
CA ASN C 518 -46.31 -13.04 -15.21
C ASN C 518 -45.28 -13.95 -14.55
N ASN C 519 -44.49 -14.67 -15.33
CA ASN C 519 -43.53 -15.60 -14.77
C ASN C 519 -42.22 -14.91 -14.40
N LEU C 520 -41.71 -14.06 -15.28
CA LEU C 520 -40.49 -13.30 -14.98
C LEU C 520 -40.69 -11.88 -15.50
N GLY C 521 -41.18 -11.00 -14.62
CA GLY C 521 -41.55 -9.66 -15.02
C GLY C 521 -40.49 -8.61 -14.73
N GLU C 522 -39.24 -9.04 -14.57
CA GLU C 522 -38.18 -8.11 -14.28
C GLU C 522 -37.73 -7.32 -15.51
N PHE C 523 -38.08 -7.77 -16.71
CA PHE C 523 -37.72 -7.09 -17.95
C PHE C 523 -38.95 -6.95 -18.84
N SER C 524 -40.12 -6.73 -18.24
CA SER C 524 -41.33 -6.60 -19.03
C SER C 524 -41.38 -5.26 -19.78
N ASP C 525 -41.05 -4.17 -19.10
CA ASP C 525 -40.97 -2.86 -19.71
C ASP C 525 -39.53 -2.39 -19.73
N TYR C 526 -39.19 -1.61 -20.76
CA TYR C 526 -37.82 -1.11 -20.89
C TYR C 526 -37.37 -0.18 -19.76
N PRO C 527 -38.17 0.77 -19.23
CA PRO C 527 -37.73 1.43 -17.99
C PRO C 527 -37.55 0.49 -16.81
N THR C 528 -38.43 -0.50 -16.66
CA THR C 528 -38.25 -1.49 -15.61
C THR C 528 -37.06 -2.39 -15.90
N ALA C 529 -36.76 -2.65 -17.18
CA ALA C 529 -35.56 -3.40 -17.54
C ALA C 529 -34.30 -2.63 -17.18
N LEU C 530 -34.29 -1.32 -17.42
CA LEU C 530 -33.16 -0.48 -17.02
C LEU C 530 -32.96 -0.46 -15.52
N PHE C 531 -34.06 -0.33 -14.76
CA PHE C 531 -33.98 -0.30 -13.31
C PHE C 531 -33.54 -1.66 -12.76
N SER C 532 -34.06 -2.75 -13.31
CA SER C 532 -33.70 -4.08 -12.83
C SER C 532 -32.25 -4.42 -13.18
N THR C 533 -31.75 -3.98 -14.33
CA THR C 533 -30.36 -4.23 -14.66
C THR C 533 -29.42 -3.35 -13.86
N PHE C 534 -29.85 -2.14 -13.48
CA PHE C 534 -29.06 -1.32 -12.58
C PHE C 534 -28.97 -1.97 -11.19
N GLU C 535 -30.08 -2.54 -10.71
CA GLU C 535 -30.06 -3.28 -9.46
C GLU C 535 -29.18 -4.52 -9.55
N LEU C 536 -29.23 -5.23 -10.68
CA LEU C 536 -28.37 -6.40 -10.86
C LEU C 536 -26.91 -6.01 -11.00
N PHE C 537 -26.63 -4.82 -11.54
CA PHE C 537 -25.27 -4.28 -11.55
C PHE C 537 -24.77 -4.08 -10.13
N LEU C 538 -25.60 -3.51 -9.26
CA LEU C 538 -25.16 -3.26 -7.91
C LEU C 538 -25.33 -4.45 -6.99
N THR C 539 -25.84 -5.58 -7.52
CA THR C 539 -26.05 -6.84 -6.79
C THR C 539 -26.93 -6.66 -5.56
N ILE C 540 -27.95 -5.82 -5.68
CA ILE C 540 -28.89 -5.60 -4.58
C ILE C 540 -30.17 -6.38 -4.76
N ILE C 541 -30.42 -6.96 -5.93
CA ILE C 541 -31.49 -7.92 -6.11
C ILE C 541 -30.88 -9.21 -6.62
N ASP C 542 -31.64 -10.29 -6.48
CA ASP C 542 -31.19 -11.59 -6.96
C ASP C 542 -31.29 -11.65 -8.48
N GLY C 543 -30.56 -12.59 -9.05
CA GLY C 543 -30.66 -12.89 -10.46
C GLY C 543 -32.04 -13.40 -10.80
N PRO C 544 -32.59 -12.96 -11.92
CA PRO C 544 -33.94 -13.39 -12.32
C PRO C 544 -34.00 -14.85 -12.70
N ALA C 545 -34.59 -15.68 -11.84
CA ALA C 545 -34.65 -17.11 -12.09
C ALA C 545 -36.03 -17.62 -11.74
N ASN C 546 -36.59 -18.43 -12.63
CA ASN C 546 -37.89 -19.09 -12.40
C ASN C 546 -37.74 -20.52 -12.91
N TYR C 547 -37.32 -21.41 -12.01
CA TYR C 547 -36.99 -22.77 -12.40
C TYR C 547 -38.21 -23.64 -12.66
N SER C 548 -39.42 -23.15 -12.34
CA SER C 548 -40.62 -23.89 -12.69
C SER C 548 -40.95 -23.82 -14.17
N VAL C 549 -40.43 -22.84 -14.89
CA VAL C 549 -40.69 -22.65 -16.30
C VAL C 549 -39.36 -22.66 -17.05
N ASP C 550 -39.46 -22.72 -18.37
CA ASP C 550 -38.29 -22.77 -19.24
C ASP C 550 -37.98 -21.37 -19.75
N LEU C 551 -36.94 -20.76 -19.18
CA LEU C 551 -36.48 -19.46 -19.64
C LEU C 551 -35.83 -19.60 -21.02
N PRO C 552 -35.81 -18.52 -21.81
CA PRO C 552 -35.08 -18.56 -23.08
C PRO C 552 -33.58 -18.74 -22.86
N PHE C 553 -32.95 -19.47 -23.77
CA PHE C 553 -31.55 -19.85 -23.59
C PHE C 553 -30.61 -18.66 -23.77
N MET C 554 -31.03 -17.61 -24.47
CA MET C 554 -30.17 -16.45 -24.64
C MET C 554 -30.02 -15.66 -23.35
N TYR C 555 -31.01 -15.73 -22.47
CA TYR C 555 -30.95 -15.03 -21.20
C TYR C 555 -29.83 -15.57 -20.32
N CYS C 556 -29.62 -16.89 -20.33
CA CYS C 556 -28.57 -17.49 -19.50
C CYS C 556 -27.18 -17.05 -19.97
N ILE C 557 -26.94 -17.00 -21.28
CA ILE C 557 -25.65 -16.56 -21.78
C ILE C 557 -25.45 -15.07 -21.54
N THR C 558 -26.50 -14.27 -21.77
CA THR C 558 -26.42 -12.83 -21.55
C THR C 558 -26.21 -12.50 -20.07
N TYR C 559 -26.87 -13.24 -19.18
CA TYR C 559 -26.70 -12.99 -17.75
C TYR C 559 -25.38 -13.52 -17.22
N ALA C 560 -24.84 -14.59 -17.81
CA ALA C 560 -23.49 -15.01 -17.46
C ALA C 560 -22.46 -13.97 -17.88
N ALA C 561 -22.64 -13.39 -19.06
CA ALA C 561 -21.75 -12.30 -19.49
C ALA C 561 -21.93 -11.06 -18.62
N PHE C 562 -23.16 -10.77 -18.20
CA PHE C 562 -23.41 -9.63 -17.32
C PHE C 562 -22.80 -9.85 -15.94
N ALA C 563 -22.88 -11.08 -15.44
CA ALA C 563 -22.31 -11.39 -14.14
C ALA C 563 -20.79 -11.36 -14.17
N ILE C 564 -20.19 -11.81 -15.27
CA ILE C 564 -18.74 -11.74 -15.40
C ILE C 564 -18.26 -10.30 -15.56
N ILE C 565 -18.88 -9.55 -16.47
CA ILE C 565 -18.35 -8.25 -16.84
C ILE C 565 -18.80 -7.18 -15.85
N ALA C 566 -20.10 -7.10 -15.59
CA ALA C 566 -20.63 -5.93 -14.88
C ALA C 566 -20.52 -6.08 -13.37
N THR C 567 -21.09 -7.15 -12.81
CA THR C 567 -21.16 -7.27 -11.36
C THR C 567 -19.83 -7.64 -10.73
N LEU C 568 -18.92 -8.25 -11.48
CA LEU C 568 -17.65 -8.72 -10.94
C LEU C 568 -16.48 -7.81 -11.25
N LEU C 569 -16.31 -7.43 -12.52
CA LEU C 569 -15.14 -6.64 -12.89
C LEU C 569 -15.33 -5.17 -12.59
N MET C 570 -16.38 -4.57 -13.13
CA MET C 570 -16.54 -3.12 -13.07
C MET C 570 -16.97 -2.64 -11.68
N LEU C 571 -17.83 -3.40 -11.00
CA LEU C 571 -18.26 -3.01 -9.66
C LEU C 571 -17.09 -3.02 -8.68
N ASN C 572 -16.25 -4.05 -8.74
CA ASN C 572 -15.10 -4.09 -7.84
C ASN C 572 -13.98 -3.17 -8.32
N LEU C 573 -13.95 -2.82 -9.60
CA LEU C 573 -13.07 -1.74 -10.05
C LEU C 573 -13.48 -0.40 -9.44
N PHE C 574 -14.80 -0.15 -9.36
CA PHE C 574 -15.28 1.06 -8.68
C PHE C 574 -15.02 1.00 -7.18
N ILE C 575 -15.07 -0.20 -6.60
CA ILE C 575 -14.72 -0.39 -5.20
C ILE C 575 -13.25 -0.05 -4.96
N ALA C 576 -12.37 -0.45 -5.88
CA ALA C 576 -10.95 -0.14 -5.75
C ALA C 576 -10.68 1.35 -5.96
N MET C 577 -11.43 1.98 -6.86
CA MET C 577 -11.30 3.43 -7.06
C MET C 577 -11.72 4.20 -5.82
N MET C 578 -12.82 3.78 -5.19
CA MET C 578 -13.23 4.41 -3.94
C MET C 578 -12.25 4.14 -2.82
N GLY C 579 -11.60 2.97 -2.81
CA GLY C 579 -10.57 2.72 -1.83
C GLY C 579 -9.35 3.62 -2.01
N ASP C 580 -8.95 3.85 -3.25
CA ASP C 580 -7.83 4.76 -3.51
C ASP C 580 -8.19 6.21 -3.18
N THR C 581 -9.43 6.62 -3.45
CA THR C 581 -9.87 7.96 -3.09
C THR C 581 -9.93 8.14 -1.58
N HIS C 582 -10.41 7.14 -0.86
CA HIS C 582 -10.43 7.18 0.60
C HIS C 582 -9.03 7.24 1.17
N TRP C 583 -8.09 6.48 0.58
CA TRP C 583 -6.70 6.54 1.02
C TRP C 583 -6.08 7.91 0.75
N ARG C 584 -6.39 8.50 -0.40
CA ARG C 584 -5.87 9.82 -0.75
C ARG C 584 -6.36 10.90 0.21
N VAL C 585 -7.65 10.85 0.58
CA VAL C 585 -8.15 11.83 1.55
C VAL C 585 -7.60 11.55 2.94
N ALA C 586 -7.50 10.27 3.33
CA ALA C 586 -7.02 9.92 4.66
C ALA C 586 -5.54 10.19 4.86
N GLN C 587 -4.77 10.33 3.78
CA GLN C 587 -3.38 10.77 3.94
C GLN C 587 -3.26 12.25 4.29
N GLU C 588 -4.34 13.03 4.12
CA GLU C 588 -4.34 14.47 4.41
C GLU C 588 -5.61 14.84 5.18
N ARG C 589 -5.92 14.06 6.21
CA ARG C 589 -7.17 14.26 6.93
C ARG C 589 -7.13 15.49 7.84
N ASP C 590 -6.01 15.70 8.53
CA ASP C 590 -5.95 16.78 9.52
C ASP C 590 -5.88 18.14 8.85
N GLU C 591 -5.18 18.24 7.72
CA GLU C 591 -5.13 19.48 6.95
C GLU C 591 -6.51 19.88 6.44
N LEU C 592 -7.25 18.93 5.88
CA LEU C 592 -8.58 19.22 5.37
C LEU C 592 -9.56 19.53 6.50
N TRP C 593 -9.43 18.84 7.63
CA TRP C 593 -10.31 19.15 8.76
C TRP C 593 -10.01 20.52 9.35
N ARG C 594 -8.73 20.91 9.41
CA ARG C 594 -8.41 22.25 9.88
C ARG C 594 -8.88 23.32 8.91
N ALA C 595 -8.83 23.04 7.60
CA ALA C 595 -9.38 23.97 6.62
C ALA C 595 -10.89 24.13 6.78
N GLN C 596 -11.59 23.02 7.04
CA GLN C 596 -13.03 23.09 7.31
C GLN C 596 -13.32 23.83 8.61
N VAL C 597 -12.45 23.69 9.62
CA VAL C 597 -12.61 24.41 10.88
C VAL C 597 -12.48 25.92 10.66
N VAL C 598 -11.49 26.34 9.86
CA VAL C 598 -11.33 27.77 9.59
C VAL C 598 -12.49 28.30 8.75
N ALA C 599 -12.99 27.50 7.80
CA ALA C 599 -14.13 27.93 7.00
C ALA C 599 -15.40 28.08 7.85
N THR C 600 -15.63 27.13 8.77
CA THR C 600 -16.76 27.20 9.67
C THR C 600 -16.65 28.39 10.62
N THR C 601 -15.44 28.64 11.12
CA THR C 601 -15.23 29.76 12.04
C THR C 601 -15.43 31.11 11.34
N VAL C 602 -14.98 31.22 10.09
CA VAL C 602 -15.19 32.44 9.31
C VAL C 602 -16.67 32.66 9.04
N MET C 603 -17.39 31.58 8.68
CA MET C 603 -18.83 31.70 8.44
C MET C 603 -19.58 32.09 9.71
N LEU C 604 -19.20 31.53 10.85
CA LEU C 604 -19.85 31.88 12.11
C LEU C 604 -19.49 33.28 12.57
N GLU C 605 -18.28 33.76 12.27
CA GLU C 605 -17.93 35.14 12.59
C GLU C 605 -18.71 36.12 11.72
N ARG C 606 -18.92 35.75 10.46
CA ARG C 606 -19.62 36.65 9.53
C ARG C 606 -21.11 36.71 9.81
N LYS C 607 -21.73 35.56 10.11
CA LYS C 607 -23.19 35.51 10.14
C LYS C 607 -23.79 35.72 11.52
N MET C 608 -23.14 35.28 12.58
CA MET C 608 -23.68 35.47 13.92
C MET C 608 -23.52 36.92 14.37
N PRO C 609 -24.32 37.37 15.34
CA PRO C 609 -24.16 38.74 15.86
C PRO C 609 -22.83 38.95 16.57
N ARG C 610 -22.42 40.22 16.61
CA ARG C 610 -21.10 40.57 17.12
C ARG C 610 -21.00 40.40 18.63
N PHE C 611 -22.11 40.51 19.36
CA PHE C 611 -22.04 40.38 20.81
C PHE C 611 -21.81 38.94 21.26
N LEU C 612 -22.12 37.96 20.41
CA LEU C 612 -21.79 36.57 20.71
C LEU C 612 -20.38 36.20 20.27
N TRP C 613 -19.72 37.06 19.49
CA TRP C 613 -18.35 36.83 19.01
C TRP C 613 -17.48 38.00 19.41
N PRO C 614 -16.88 37.96 20.60
CA PRO C 614 -15.93 39.02 20.99
C PRO C 614 -14.67 38.95 20.16
N ARG C 615 -13.96 40.08 20.11
CA ARG C 615 -12.76 40.17 19.30
C ARG C 615 -11.66 39.31 19.89
N SER C 616 -10.99 38.55 19.02
CA SER C 616 -10.04 37.53 19.45
C SER C 616 -8.67 38.15 19.70
N GLY C 617 -8.13 37.88 20.88
CA GLY C 617 -6.77 38.30 21.22
C GLY C 617 -6.75 39.28 22.37
N ILE C 618 -5.52 39.62 22.76
CA ILE C 618 -5.28 40.59 23.82
C ILE C 618 -5.61 41.98 23.30
N CYS C 619 -6.31 42.77 24.12
CA CYS C 619 -6.79 44.08 23.70
C CYS C 619 -5.65 45.05 23.40
N GLY C 620 -4.61 45.05 24.23
CA GLY C 620 -3.42 45.83 23.97
C GLY C 620 -3.48 47.29 24.41
N TYR C 621 -4.65 47.92 24.33
CA TYR C 621 -4.77 49.31 24.72
C TYR C 621 -4.65 49.48 26.23
N GLU C 622 -5.16 48.52 27.00
CA GLU C 622 -5.04 48.57 28.45
C GLU C 622 -3.62 48.35 28.93
N TYR C 623 -2.76 47.76 28.11
CA TYR C 623 -1.35 47.58 28.42
C TYR C 623 -0.46 48.61 27.73
N GLY C 624 -1.04 49.66 27.16
CA GLY C 624 -0.26 50.73 26.59
C GLY C 624 0.42 50.43 25.28
N LEU C 625 -0.06 49.43 24.54
CA LEU C 625 0.54 49.05 23.27
C LEU C 625 -0.24 49.56 22.06
N GLY C 626 -1.06 50.58 22.23
CA GLY C 626 -1.83 51.13 21.13
C GLY C 626 -3.11 50.36 20.89
N ASP C 627 -3.74 50.69 19.76
CA ASP C 627 -5.04 50.12 19.42
C ASP C 627 -4.95 48.74 18.80
N ARG C 628 -3.74 48.23 18.55
CA ARG C 628 -3.59 46.92 17.92
C ARG C 628 -3.96 45.80 18.89
N TRP C 629 -4.33 44.65 18.33
CA TRP C 629 -4.69 43.48 19.10
C TRP C 629 -3.70 42.36 18.83
N PHE C 630 -3.29 41.66 19.89
CA PHE C 630 -2.17 40.75 19.83
C PHE C 630 -2.58 39.34 20.22
N LEU C 631 -1.76 38.38 19.80
CA LEU C 631 -1.89 36.98 20.19
C LEU C 631 -0.57 36.52 20.77
N ARG C 632 -0.58 36.05 22.02
CA ARG C 632 0.64 35.62 22.68
C ARG C 632 0.86 34.14 22.42
N VAL C 633 2.04 33.80 21.92
CA VAL C 633 2.40 32.41 21.60
C VAL C 633 3.63 32.05 22.42
N GLU C 634 3.52 30.99 23.21
CA GLU C 634 4.61 30.49 24.03
C GLU C 634 5.03 29.13 23.48
N ASN C 635 6.30 29.02 23.08
CA ASN C 635 6.79 27.81 22.43
C ASN C 635 8.02 27.29 23.14
N HIS C 636 8.32 26.02 22.89
CA HIS C 636 9.39 25.28 23.54
C HIS C 636 10.47 24.98 22.50
N HIS C 637 11.40 25.91 22.34
CA HIS C 637 12.48 25.75 21.39
C HIS C 637 13.68 25.08 22.04
N ASP C 638 14.49 24.42 21.20
CA ASP C 638 15.69 23.67 21.57
C ASP C 638 15.46 22.63 22.66
N ASP D 28 -2.59 26.74 33.91
CA ASP D 28 -3.97 27.10 34.21
C ASP D 28 -4.70 27.56 32.94
N TRP D 29 -5.53 28.58 33.08
CA TRP D 29 -6.23 29.16 31.94
C TRP D 29 -5.25 29.90 31.05
N GLU D 30 -5.45 29.78 29.73
CA GLU D 30 -4.54 30.44 28.79
C GLU D 30 -4.74 31.95 28.80
N GLN D 31 -5.99 32.42 28.93
CA GLN D 31 -6.25 33.84 28.94
C GLN D 31 -5.71 34.51 30.20
N TYR D 32 -5.79 33.82 31.34
CA TYR D 32 -5.25 34.36 32.58
C TYR D 32 -3.73 34.47 32.53
N ARG D 33 -3.05 33.47 31.96
CA ARG D 33 -1.60 33.53 31.83
C ARG D 33 -1.18 34.58 30.80
N ASP D 34 -1.98 34.77 29.75
CA ASP D 34 -1.72 35.84 28.80
C ASP D 34 -1.86 37.22 29.45
N ARG D 35 -2.90 37.40 30.26
CA ARG D 35 -3.07 38.65 30.98
C ARG D 35 -1.95 38.87 32.00
N VAL D 36 -1.48 37.80 32.64
CA VAL D 36 -0.38 37.88 33.59
C VAL D 36 0.90 38.31 32.90
N ASN D 37 1.20 37.72 31.73
CA ASN D 37 2.41 38.10 30.99
C ASN D 37 2.32 39.52 30.45
N MET D 38 1.15 39.93 29.96
CA MET D 38 0.99 41.30 29.48
C MET D 38 1.11 42.31 30.61
N LEU D 39 0.55 42.00 31.79
CA LEU D 39 0.68 42.88 32.94
C LEU D 39 2.12 42.93 33.45
N GLN D 40 2.84 41.81 33.38
CA GLN D 40 4.24 41.79 33.78
C GLN D 40 5.10 42.65 32.87
N GLN D 41 4.87 42.56 31.55
CA GLN D 41 5.60 43.42 30.62
C GLN D 41 5.18 44.88 30.77
N GLU D 42 3.92 45.14 31.10
CA GLU D 42 3.45 46.51 31.35
C GLU D 42 4.12 47.11 32.58
N ARG D 43 4.23 46.34 33.66
CA ARG D 43 4.87 46.86 34.87
C ARG D 43 6.38 46.94 34.70
N ILE D 44 6.97 46.13 33.83
CA ILE D 44 8.39 46.29 33.51
C ILE D 44 8.61 47.58 32.72
N ARG D 45 7.76 47.83 31.72
CA ARG D 45 7.95 49.02 30.88
C ARG D 45 7.57 50.30 31.61
N ASP D 46 6.67 50.24 32.58
CA ASP D 46 6.31 51.44 33.33
C ASP D 46 7.40 51.85 34.31
N SER D 47 7.97 50.88 35.02
CA SER D 47 9.01 51.18 36.00
C SER D 47 10.33 51.46 35.29
N PRO D 48 10.98 52.60 35.56
CA PRO D 48 12.27 52.88 34.90
C PRO D 48 13.40 51.99 35.40
N LEU D 49 13.39 51.59 36.66
CA LEU D 49 14.39 50.66 37.19
C LEU D 49 14.27 49.30 36.53
N LEU D 50 13.04 48.79 36.39
CA LEU D 50 12.82 47.50 35.73
C LEU D 50 13.11 47.58 34.24
N GLN D 51 12.80 48.72 33.60
CA GLN D 51 13.12 48.90 32.19
C GLN D 51 14.62 48.92 31.97
N ALA D 52 15.37 49.59 32.85
CA ALA D 52 16.83 49.59 32.74
C ALA D 52 17.42 48.22 33.05
N ALA D 53 16.79 47.46 33.95
CA ALA D 53 17.25 46.11 34.24
C ALA D 53 16.98 45.17 33.07
N LYS D 54 15.87 45.36 32.36
CA LYS D 54 15.57 44.52 31.21
C LYS D 54 16.46 44.87 30.02
N GLU D 55 16.64 46.16 29.73
CA GLU D 55 17.37 46.57 28.54
C GLU D 55 18.88 46.64 28.76
N ASN D 56 19.35 46.32 29.97
CA ASN D 56 20.77 46.36 30.35
C ASN D 56 21.37 47.74 30.12
N ASP D 57 20.61 48.78 30.44
CA ASP D 57 21.08 50.16 30.37
C ASP D 57 21.88 50.42 31.64
N LEU D 58 23.21 50.37 31.54
CA LEU D 58 24.06 50.48 32.71
C LEU D 58 24.05 51.90 33.29
N ARG D 59 23.99 52.91 32.42
CA ARG D 59 24.07 54.29 32.86
C ARG D 59 22.84 54.69 33.66
N LEU D 60 21.64 54.39 33.14
CA LEU D 60 20.41 54.72 33.83
C LEU D 60 20.25 53.92 35.12
N LEU D 61 20.68 52.66 35.10
CA LEU D 61 20.61 51.83 36.29
C LEU D 61 21.56 52.34 37.37
N LYS D 62 22.77 52.75 36.99
CA LYS D 62 23.70 53.30 37.97
C LYS D 62 23.24 54.65 38.50
N ILE D 63 22.58 55.46 37.66
CA ILE D 63 22.00 56.71 38.12
C ILE D 63 20.88 56.45 39.13
N LEU D 64 20.13 55.39 38.87
CA LEU D 64 19.05 55.02 39.81
C LEU D 64 19.67 54.52 41.11
N LEU D 65 20.49 53.48 41.04
CA LEU D 65 21.11 52.88 42.27
C LEU D 65 22.07 53.84 42.99
N LEU D 66 22.99 54.51 42.28
CA LEU D 66 23.88 55.52 42.92
C LEU D 66 22.99 56.60 43.53
N ASN D 67 21.88 56.91 42.85
CA ASN D 67 20.91 57.85 43.45
C ASN D 67 20.31 57.10 44.63
N GLN D 68 19.81 57.83 45.63
CA GLN D 68 19.16 57.07 46.72
C GLN D 68 17.78 57.69 46.94
N SER D 69 16.85 57.42 46.02
CA SER D 69 15.45 57.88 46.23
C SER D 69 14.83 57.00 47.32
N CYS D 70 15.61 56.07 47.89
CA CYS D 70 15.14 55.21 49.01
C CYS D 70 14.20 54.11 48.51
N ASP D 71 14.17 53.85 47.19
CA ASP D 71 13.31 52.77 46.63
C ASP D 71 14.18 51.76 45.88
N PHE D 72 14.05 50.46 46.20
CA PHE D 72 14.86 49.42 45.52
C PHE D 72 14.11 48.09 45.44
N GLN D 73 12.90 48.02 46.01
CA GLN D 73 12.18 46.73 46.06
C GLN D 73 10.90 46.82 45.23
N GLN D 74 10.82 47.79 44.32
CA GLN D 74 9.63 47.87 43.43
C GLN D 74 9.33 46.50 42.85
N ARG D 75 8.16 45.96 43.15
CA ARG D 75 7.75 44.68 42.58
C ARG D 75 6.94 44.88 41.32
N GLY D 76 7.00 43.89 40.43
CA GLY D 76 6.25 43.91 39.20
C GLY D 76 4.82 43.42 39.41
N ALA D 77 4.19 43.04 38.29
CA ALA D 77 2.83 42.53 38.36
C ALA D 77 2.78 41.15 39.00
N VAL D 78 3.83 40.36 38.83
CA VAL D 78 3.92 39.03 39.42
C VAL D 78 4.69 39.05 40.74
N GLY D 79 4.98 40.22 41.27
CA GLY D 79 5.80 40.33 42.47
C GLY D 79 7.27 40.12 42.24
N GLU D 80 7.72 40.13 40.99
CA GLU D 80 9.14 39.96 40.71
C GLU D 80 9.92 41.20 41.07
N THR D 81 11.14 41.00 41.59
CA THR D 81 12.03 42.10 41.87
C THR D 81 12.74 42.55 40.60
N ALA D 82 13.56 43.60 40.71
CA ALA D 82 14.37 44.02 39.57
C ALA D 82 15.47 43.00 39.28
N LEU D 83 15.90 42.25 40.29
CA LEU D 83 16.86 41.17 40.09
C LEU D 83 16.27 40.04 39.26
N HIS D 84 14.97 39.77 39.43
CA HIS D 84 14.29 38.78 38.60
C HIS D 84 14.23 39.22 37.15
N VAL D 85 14.00 40.50 36.90
CA VAL D 85 13.99 41.02 35.54
C VAL D 85 15.38 40.98 34.93
N ALA D 86 16.41 41.27 35.75
CA ALA D 86 17.79 41.21 35.27
C ALA D 86 18.20 39.79 34.94
N ALA D 87 17.78 38.81 35.75
CA ALA D 87 18.10 37.42 35.47
C ALA D 87 17.27 36.86 34.33
N LEU D 88 16.07 37.42 34.09
CA LEU D 88 15.18 36.87 33.07
C LEU D 88 15.68 37.15 31.66
N TYR D 89 16.32 38.29 31.43
CA TYR D 89 16.71 38.71 30.10
C TYR D 89 18.22 38.59 29.87
N ASP D 90 18.91 37.79 30.70
CA ASP D 90 20.35 37.55 30.64
C ASP D 90 21.16 38.85 30.71
N ASN D 91 20.99 39.54 31.83
CA ASN D 91 21.68 40.80 32.09
C ASN D 91 22.55 40.60 33.33
N LEU D 92 23.77 40.11 33.11
CA LEU D 92 24.66 39.82 34.23
C LEU D 92 25.19 41.10 34.87
N GLU D 93 25.52 42.10 34.06
CA GLU D 93 26.06 43.35 34.58
C GLU D 93 25.00 44.11 35.38
N ALA D 94 23.77 44.15 34.88
CA ALA D 94 22.67 44.80 35.60
C ALA D 94 22.34 44.06 36.88
N ALA D 95 22.42 42.73 36.86
CA ALA D 95 22.16 41.94 38.06
C ALA D 95 23.24 42.15 39.11
N THR D 96 24.51 42.25 38.70
CA THR D 96 25.58 42.54 39.65
C THR D 96 25.47 43.95 40.21
N LEU D 97 25.02 44.91 39.38
CA LEU D 97 24.77 46.25 39.88
C LEU D 97 23.61 46.27 40.88
N LEU D 98 22.56 45.48 40.61
CA LEU D 98 21.44 45.39 41.55
C LEU D 98 21.78 44.60 42.80
N MET D 99 22.81 43.76 42.75
CA MET D 99 23.25 43.03 43.93
C MET D 99 24.31 43.76 44.74
N GLU D 100 25.03 44.72 44.13
CA GLU D 100 25.99 45.52 44.89
C GLU D 100 25.29 46.43 45.88
N ALA D 101 24.19 47.07 45.47
CA ALA D 101 23.39 47.92 46.34
C ALA D 101 22.12 47.18 46.71
N ALA D 102 21.86 47.07 48.03
CA ALA D 102 20.77 46.31 48.64
C ALA D 102 20.76 44.86 48.16
N PRO D 103 21.67 44.01 48.63
CA PRO D 103 21.75 42.63 48.13
C PRO D 103 20.63 41.72 48.62
N GLU D 104 19.69 42.22 49.44
CA GLU D 104 18.59 41.42 49.97
C GLU D 104 17.65 40.92 48.88
N LEU D 105 17.69 41.52 47.68
CA LEU D 105 16.97 41.01 46.52
C LEU D 105 17.41 39.61 46.12
N ALA D 106 18.60 39.16 46.54
CA ALA D 106 19.00 37.78 46.31
C ALA D 106 18.17 36.78 47.13
N LYS D 107 17.44 37.24 48.14
CA LYS D 107 16.60 36.36 48.96
C LYS D 107 15.14 36.79 48.91
N GLU D 108 14.65 37.15 47.72
CA GLU D 108 13.27 37.61 47.55
C GLU D 108 12.55 36.79 46.50
N PRO D 109 11.54 36.01 46.87
CA PRO D 109 10.72 35.32 45.88
C PRO D 109 9.58 36.20 45.38
N ALA D 110 8.97 35.74 44.29
CA ALA D 110 7.80 36.44 43.76
C ALA D 110 6.58 36.18 44.63
N LEU D 111 5.64 37.13 44.58
CA LEU D 111 4.49 37.14 45.49
C LEU D 111 3.18 37.21 44.73
N CYS D 112 3.03 36.34 43.73
CA CYS D 112 1.78 36.27 42.97
C CYS D 112 1.59 34.85 42.47
N GLU D 113 0.39 34.58 41.97
CA GLU D 113 -0.08 33.21 41.72
C GLU D 113 0.73 32.41 40.69
N PRO D 114 1.04 32.90 39.47
CA PRO D 114 1.72 32.01 38.52
C PRO D 114 3.21 31.81 38.77
N PHE D 115 3.81 32.52 39.73
CA PHE D 115 5.24 32.38 39.96
C PHE D 115 5.60 32.42 41.45
N VAL D 116 4.71 31.92 42.32
CA VAL D 116 4.95 32.01 43.75
C VAL D 116 6.05 31.04 44.16
N GLY D 117 7.08 31.57 44.82
CA GLY D 117 8.22 30.79 45.24
C GLY D 117 9.43 30.88 44.33
N GLN D 118 9.27 31.46 43.14
CA GLN D 118 10.39 31.57 42.22
C GLN D 118 11.30 32.72 42.62
N THR D 119 12.58 32.43 42.77
CA THR D 119 13.60 33.43 43.06
C THR D 119 14.40 33.74 41.80
N ALA D 120 15.39 34.61 41.94
CA ALA D 120 16.29 34.89 40.84
C ALA D 120 17.23 33.71 40.56
N LEU D 121 17.45 32.85 41.56
CA LEU D 121 18.30 31.68 41.38
C LEU D 121 17.69 30.70 40.40
N HIS D 122 16.36 30.55 40.42
CA HIS D 122 15.68 29.65 39.48
C HIS D 122 15.84 30.11 38.04
N ILE D 123 15.65 31.42 37.81
CA ILE D 123 15.76 31.95 36.45
C ILE D 123 17.21 31.94 36.00
N ALA D 124 18.15 32.21 36.92
CA ALA D 124 19.57 32.17 36.57
C ALA D 124 20.03 30.76 36.25
N VAL D 125 19.46 29.76 36.94
CA VAL D 125 19.77 28.37 36.63
C VAL D 125 19.17 27.96 35.29
N MET D 126 17.90 28.37 35.04
CA MET D 126 17.24 27.99 33.79
C MET D 126 17.86 28.65 32.57
N ASN D 127 18.42 29.85 32.73
CA ASN D 127 19.09 30.51 31.62
C ASN D 127 20.54 30.09 31.45
N GLN D 128 21.03 29.19 32.33
CA GLN D 128 22.40 28.65 32.29
C GLN D 128 23.45 29.74 32.38
N ASN D 129 23.15 30.80 33.13
CA ASN D 129 24.11 31.88 33.37
C ASN D 129 24.92 31.50 34.60
N LEU D 130 26.04 30.83 34.36
CA LEU D 130 26.84 30.25 35.44
C LEU D 130 27.46 31.31 36.34
N ASN D 131 27.91 32.42 35.76
CA ASN D 131 28.46 33.51 36.57
C ASN D 131 27.38 34.18 37.41
N LEU D 132 26.14 34.23 36.89
CA LEU D 132 25.05 34.79 37.67
C LEU D 132 24.68 33.88 38.84
N VAL D 133 24.73 32.56 38.63
CA VAL D 133 24.47 31.63 39.73
C VAL D 133 25.58 31.71 40.77
N ARG D 134 26.85 31.87 40.32
CA ARG D 134 27.96 32.06 41.23
C ARG D 134 27.80 33.34 42.05
N ALA D 135 27.37 34.43 41.40
CA ALA D 135 27.18 35.70 42.10
C ALA D 135 26.01 35.64 43.07
N LEU D 136 24.93 34.95 42.69
CA LEU D 136 23.77 34.81 43.57
C LEU D 136 24.10 33.94 44.79
N LEU D 137 24.88 32.87 44.58
CA LEU D 137 25.28 32.04 45.72
C LEU D 137 26.33 32.75 46.57
N ALA D 138 27.09 33.68 45.97
CA ALA D 138 28.00 34.51 46.76
C ALA D 138 27.22 35.49 47.62
N ARG D 139 26.13 36.05 47.08
CA ARG D 139 25.32 36.99 47.86
C ARG D 139 24.32 36.29 48.76
N GLY D 140 24.25 34.97 48.73
CA GLY D 140 23.39 34.24 49.65
C GLY D 140 22.01 33.94 49.11
N ALA D 141 21.93 33.34 47.93
CA ALA D 141 20.65 32.92 47.39
C ALA D 141 20.14 31.68 48.14
N SER D 142 18.82 31.58 48.22
CA SER D 142 18.20 30.42 48.88
C SER D 142 18.34 29.20 47.97
N VAL D 143 19.21 28.26 48.36
CA VAL D 143 19.47 27.09 47.52
C VAL D 143 18.37 26.05 47.62
N SER D 144 17.47 26.16 48.60
CA SER D 144 16.35 25.26 48.76
C SER D 144 15.02 26.00 48.57
N ALA D 145 14.98 26.90 47.61
CA ALA D 145 13.80 27.73 47.37
C ALA D 145 12.75 26.88 46.67
N ARG D 146 11.70 26.51 47.40
CA ARG D 146 10.64 25.66 46.88
C ARG D 146 9.64 26.54 46.13
N ALA D 147 9.67 26.48 44.81
CA ALA D 147 8.80 27.30 43.97
C ALA D 147 7.49 26.56 43.76
N THR D 148 6.49 26.89 44.57
CA THR D 148 5.17 26.27 44.45
C THR D 148 4.25 27.07 43.54
N GLY D 149 4.73 27.39 42.35
CA GLY D 149 3.98 28.21 41.42
C GLY D 149 2.98 27.42 40.62
N ALA D 150 2.06 28.16 39.97
CA ALA D 150 1.11 27.52 39.08
C ALA D 150 1.77 27.11 37.77
N ALA D 151 2.84 27.82 37.37
CA ALA D 151 3.53 27.50 36.12
C ALA D 151 4.61 26.43 36.31
N PHE D 152 4.92 26.05 37.54
CA PHE D 152 5.94 25.04 37.81
C PHE D 152 5.35 23.68 38.14
N ARG D 153 4.05 23.51 38.02
CA ARG D 153 3.40 22.24 38.28
C ARG D 153 3.37 21.40 37.02
N ARG D 154 3.38 20.09 37.18
CA ARG D 154 3.26 19.18 36.06
C ARG D 154 1.83 19.18 35.55
N SER D 155 1.61 19.73 34.37
CA SER D 155 0.28 19.88 33.82
C SER D 155 0.40 20.00 32.30
N PRO D 156 -0.66 19.65 31.56
CA PRO D 156 -0.63 19.92 30.11
C PRO D 156 -0.65 21.41 29.76
N HIS D 157 -1.03 22.28 30.70
CA HIS D 157 -0.97 23.71 30.45
C HIS D 157 0.48 24.19 30.36
N ASN D 158 1.36 23.65 31.19
CA ASN D 158 2.76 24.02 31.16
C ASN D 158 3.51 23.20 30.13
N LEU D 159 4.39 23.87 29.37
CA LEU D 159 5.15 23.16 28.36
C LEU D 159 6.26 22.31 28.96
N ILE D 160 6.77 22.68 30.13
CA ILE D 160 7.85 21.95 30.78
C ILE D 160 7.48 21.68 32.22
N TYR D 161 8.12 20.65 32.78
CA TYR D 161 8.05 20.34 34.21
C TYR D 161 9.48 20.08 34.63
N TYR D 162 10.14 21.11 35.16
CA TYR D 162 11.53 21.00 35.57
C TYR D 162 11.68 20.75 37.07
N GLY D 163 10.64 20.97 37.86
CA GLY D 163 10.67 20.68 39.27
C GLY D 163 10.27 21.88 40.08
N GLU D 164 10.69 21.88 41.35
CA GLU D 164 10.41 22.99 42.26
C GLU D 164 11.66 23.47 42.99
N HIS D 165 12.83 22.96 42.64
CA HIS D 165 14.07 23.27 43.31
C HIS D 165 15.12 23.70 42.29
N PRO D 166 16.09 24.53 42.70
CA PRO D 166 17.19 24.88 41.76
C PRO D 166 18.03 23.69 41.33
N LEU D 167 18.21 22.70 42.21
CA LEU D 167 18.92 21.49 41.81
C LEU D 167 18.14 20.70 40.78
N SER D 168 16.82 20.61 40.95
CA SER D 168 15.96 19.96 39.95
C SER D 168 15.98 20.70 38.64
N PHE D 169 15.96 22.04 38.69
CA PHE D 169 16.03 22.85 37.48
C PHE D 169 17.36 22.65 36.75
N ALA D 170 18.47 22.63 37.50
CA ALA D 170 19.78 22.47 36.88
C ALA D 170 19.99 21.06 36.34
N ALA D 171 19.42 20.05 37.00
CA ALA D 171 19.51 18.69 36.49
C ALA D 171 18.66 18.51 35.24
N CYS D 172 17.48 19.15 35.20
CA CYS D 172 16.60 18.99 34.05
C CYS D 172 17.06 19.80 32.84
N VAL D 173 17.70 20.95 33.06
CA VAL D 173 18.16 21.76 31.92
C VAL D 173 19.34 21.08 31.23
N GLY D 174 20.37 20.71 31.99
CA GLY D 174 21.47 19.96 31.42
C GLY D 174 22.87 20.47 31.72
N SER D 175 22.98 21.51 32.53
CA SER D 175 24.27 22.07 32.89
C SER D 175 24.80 21.33 34.12
N GLU D 176 25.80 20.46 33.90
CA GLU D 176 26.35 19.67 35.00
C GLU D 176 27.15 20.52 35.96
N GLU D 177 27.79 21.59 35.47
CA GLU D 177 28.61 22.46 36.33
C GLU D 177 27.74 23.21 37.32
N ILE D 178 26.55 23.63 36.92
CA ILE D 178 25.63 24.28 37.85
C ILE D 178 25.09 23.28 38.87
N VAL D 179 24.93 22.01 38.47
CA VAL D 179 24.53 20.96 39.41
C VAL D 179 25.61 20.75 40.47
N ARG D 180 26.88 20.69 40.03
CA ARG D 180 28.00 20.55 40.97
C ARG D 180 28.11 21.77 41.89
N LEU D 181 27.88 22.96 41.33
CA LEU D 181 27.95 24.19 42.11
C LEU D 181 26.85 24.25 43.17
N LEU D 182 25.63 23.83 42.82
CA LEU D 182 24.53 23.85 43.77
C LEU D 182 24.71 22.77 44.84
N ILE D 183 25.26 21.61 44.46
CA ILE D 183 25.50 20.55 45.43
C ILE D 183 26.61 20.95 46.40
N GLU D 184 27.66 21.60 45.90
CA GLU D 184 28.75 22.09 46.74
C GLU D 184 28.31 23.18 47.73
N HIS D 185 27.24 23.91 47.42
CA HIS D 185 26.73 24.91 48.35
C HIS D 185 25.66 24.36 49.28
N GLY D 186 25.24 23.11 49.12
CA GLY D 186 24.39 22.47 50.09
C GLY D 186 22.95 22.26 49.69
N ALA D 187 22.69 22.09 48.39
CA ALA D 187 21.35 21.77 47.94
C ALA D 187 21.04 20.31 48.25
N ASP D 188 19.90 20.07 48.89
CA ASP D 188 19.52 18.72 49.28
C ASP D 188 19.06 17.94 48.06
N ILE D 189 19.70 16.81 47.80
CA ILE D 189 19.30 15.97 46.68
C ILE D 189 17.99 15.25 46.98
N ARG D 190 17.74 14.96 48.25
CA ARG D 190 16.52 14.25 48.65
C ARG D 190 15.40 15.22 49.00
N ALA D 191 15.04 16.04 48.02
CA ALA D 191 13.98 17.02 48.17
C ALA D 191 12.87 16.72 47.16
N GLN D 192 11.63 16.85 47.60
CA GLN D 192 10.48 16.43 46.80
C GLN D 192 9.61 17.62 46.42
N ASP D 193 8.80 17.41 45.39
CA ASP D 193 7.90 18.43 44.87
C ASP D 193 6.53 18.31 45.53
N SER D 194 5.54 18.99 44.96
CA SER D 194 4.16 18.84 45.42
C SER D 194 3.61 17.46 45.08
N LEU D 195 4.13 16.84 44.03
CA LEU D 195 3.79 15.47 43.68
C LEU D 195 4.70 14.45 44.35
N GLY D 196 5.61 14.89 45.21
CA GLY D 196 6.54 14.01 45.87
C GLY D 196 7.73 13.61 45.06
N ASN D 197 7.89 14.14 43.85
CA ASN D 197 8.96 13.72 42.96
C ASN D 197 10.30 14.28 43.42
N THR D 198 11.28 13.41 43.57
CA THR D 198 12.65 13.83 43.78
C THR D 198 13.28 14.21 42.46
N VAL D 199 14.59 14.53 42.49
CA VAL D 199 15.27 15.02 41.30
C VAL D 199 15.42 13.91 40.26
N LEU D 200 15.45 12.64 40.70
CA LEU D 200 15.55 11.52 39.76
C LEU D 200 14.25 11.35 38.98
N HIS D 201 13.11 11.56 39.63
CA HIS D 201 11.82 11.43 38.97
C HIS D 201 11.65 12.48 37.88
N ILE D 202 11.94 13.75 38.21
CA ILE D 202 11.81 14.84 37.23
C ILE D 202 12.87 14.72 36.15
N LEU D 203 14.04 14.14 36.48
CA LEU D 203 15.06 13.90 35.47
C LEU D 203 14.62 12.81 34.51
N ILE D 204 13.90 11.80 35.00
CA ILE D 204 13.35 10.76 34.13
C ILE D 204 12.23 11.31 33.27
N LEU D 205 11.43 12.24 33.82
CA LEU D 205 10.28 12.79 33.10
C LEU D 205 10.64 13.69 31.93
N GLN D 206 11.90 14.06 31.75
CA GLN D 206 12.28 14.92 30.64
C GLN D 206 12.22 14.15 29.31
N PRO D 207 11.87 14.84 28.22
CA PRO D 207 11.83 14.14 26.92
C PRO D 207 13.21 13.83 26.35
N ASN D 208 14.17 14.75 26.46
CA ASN D 208 15.51 14.48 25.96
C ASN D 208 16.24 13.56 26.92
N LYS D 209 16.83 12.49 26.37
CA LYS D 209 17.36 11.41 27.17
C LYS D 209 18.85 11.15 26.98
N THR D 210 19.53 11.94 26.14
CA THR D 210 20.97 11.74 25.94
C THR D 210 21.75 12.20 27.17
N PHE D 211 21.46 13.39 27.67
CA PHE D 211 22.14 13.91 28.85
C PHE D 211 21.51 13.43 30.16
N ALA D 212 20.32 12.83 30.09
CA ALA D 212 19.62 12.42 31.31
C ALA D 212 20.34 11.28 32.01
N CYS D 213 20.95 10.36 31.24
CA CYS D 213 21.69 9.26 31.83
C CYS D 213 22.94 9.76 32.55
N GLN D 214 23.65 10.72 31.95
CA GLN D 214 24.84 11.29 32.58
C GLN D 214 24.47 12.11 33.81
N MET D 215 23.34 12.82 33.76
CA MET D 215 22.90 13.58 34.93
C MET D 215 22.45 12.66 36.05
N TYR D 216 21.83 11.52 35.68
CA TYR D 216 21.46 10.50 36.66
C TYR D 216 22.70 9.91 37.32
N ASN D 217 23.74 9.65 36.52
CA ASN D 217 25.02 9.15 37.06
C ASN D 217 25.66 10.18 37.99
N LEU D 218 25.60 11.46 37.63
CA LEU D 218 26.17 12.51 38.47
C LEU D 218 25.42 12.65 39.79
N LEU D 219 24.08 12.62 39.74
CA LEU D 219 23.30 12.75 40.97
C LEU D 219 23.40 11.51 41.86
N LEU D 220 23.61 10.34 41.26
CA LEU D 220 23.89 9.17 42.08
C LEU D 220 25.31 9.22 42.66
N SER D 221 26.26 9.77 41.91
CA SER D 221 27.64 9.86 42.41
C SER D 221 27.76 10.87 43.55
N TYR D 222 26.94 11.91 43.55
CA TYR D 222 26.99 12.89 44.63
C TYR D 222 26.21 12.47 45.86
N ASP D 223 25.63 11.27 45.83
CA ASP D 223 24.83 10.76 46.97
C ASP D 223 25.79 10.24 48.06
N GLU D 224 26.73 11.08 48.48
CA GLU D 224 27.73 10.67 49.51
C GLU D 224 26.96 10.27 50.79
N HIS D 225 25.77 10.83 50.99
CA HIS D 225 24.95 10.46 52.18
C HIS D 225 24.89 8.94 52.27
N SER D 226 24.37 8.27 51.23
CA SER D 226 24.33 6.79 51.21
C SER D 226 24.15 6.24 52.62
N ASP D 227 23.07 6.63 53.31
CA ASP D 227 22.84 6.20 54.71
C ASP D 227 21.74 5.15 54.73
N LEU D 229 19.05 5.73 56.22
CA LEU D 229 18.36 6.28 55.03
C LEU D 229 18.37 5.24 53.91
N GLN D 230 17.64 5.50 52.84
CA GLN D 230 17.64 4.59 51.67
C GLN D 230 18.18 5.38 50.48
N SER D 231 18.62 4.69 49.44
CA SER D 231 19.21 5.38 48.27
C SER D 231 18.15 6.24 47.61
N LEU D 232 18.55 7.29 46.90
CA LEU D 232 17.54 8.19 46.32
C LEU D 232 16.64 7.34 45.45
N GLU D 233 17.19 6.35 44.75
CA GLU D 233 16.40 5.48 43.84
C GLU D 233 15.20 4.85 44.54
N LEU D 234 15.31 4.46 45.81
CA LEU D 234 14.25 3.81 46.55
C LEU D 234 13.27 4.79 47.19
N VAL D 235 13.37 6.08 46.85
CA VAL D 235 12.52 7.11 47.43
C VAL D 235 11.25 7.20 46.57
N PRO D 236 10.08 6.89 47.11
CA PRO D 236 8.85 6.99 46.32
C PRO D 236 8.25 8.38 46.37
N ASN D 237 7.47 8.69 45.33
CA ASN D 237 6.74 9.95 45.26
C ASN D 237 5.38 9.77 45.93
N HIS D 238 4.49 10.75 45.75
CA HIS D 238 3.17 10.68 46.36
C HIS D 238 2.27 9.66 45.67
N GLN D 239 2.57 9.29 44.43
CA GLN D 239 1.84 8.21 43.77
C GLN D 239 2.39 6.84 44.13
N GLY D 240 3.48 6.77 44.89
CA GLY D 240 4.06 5.50 45.27
C GLY D 240 4.96 4.87 44.25
N LEU D 241 5.54 5.66 43.35
CA LEU D 241 6.40 5.13 42.30
C LEU D 241 7.86 5.44 42.60
N THR D 242 8.69 4.40 42.55
CA THR D 242 10.13 4.58 42.54
C THR D 242 10.56 5.11 41.16
N PRO D 243 11.77 5.66 41.04
CA PRO D 243 12.27 6.05 39.71
C PRO D 243 12.34 4.91 38.70
N PHE D 244 12.59 3.68 39.16
CA PHE D 244 12.51 2.53 38.26
C PHE D 244 11.07 2.32 37.78
N LYS D 245 10.11 2.41 38.70
CA LYS D 245 8.71 2.27 38.32
C LYS D 245 8.24 3.44 37.46
N LEU D 246 8.77 4.65 37.71
CA LEU D 246 8.39 5.79 36.88
C LEU D 246 8.99 5.69 35.48
N ALA D 247 10.20 5.13 35.37
CA ALA D 247 10.76 4.87 34.06
C ALA D 247 9.98 3.78 33.33
N GLY D 248 9.45 2.81 34.07
CA GLY D 248 8.60 1.80 33.45
C GLY D 248 7.26 2.36 32.99
N VAL D 249 6.64 3.22 33.81
CA VAL D 249 5.29 3.71 33.50
C VAL D 249 5.32 4.68 32.33
N GLU D 250 6.27 5.62 32.34
CA GLU D 250 6.30 6.66 31.32
C GLU D 250 6.93 6.20 30.01
N GLY D 251 7.39 4.95 29.92
CA GLY D 251 7.96 4.45 28.69
C GLY D 251 9.34 4.96 28.38
N ASN D 252 10.07 5.44 29.39
CA ASN D 252 11.43 5.93 29.20
C ASN D 252 12.34 4.72 29.04
N THR D 253 12.51 4.28 27.79
CA THR D 253 13.27 3.07 27.53
C THR D 253 14.77 3.27 27.74
N VAL D 254 15.28 4.47 27.43
CA VAL D 254 16.70 4.74 27.58
C VAL D 254 17.09 4.78 29.06
N MET D 255 16.27 5.42 29.89
CA MET D 255 16.52 5.41 31.32
C MET D 255 16.29 4.03 31.93
N PHE D 256 15.39 3.24 31.33
CA PHE D 256 15.22 1.85 31.77
C PHE D 256 16.46 1.02 31.50
N GLN D 257 17.06 1.19 30.30
CA GLN D 257 18.30 0.49 29.98
C GLN D 257 19.44 0.94 30.87
N HIS D 258 19.51 2.25 31.16
CA HIS D 258 20.56 2.75 32.05
C HIS D 258 20.36 2.25 33.48
N LEU D 259 19.12 2.07 33.91
CA LEU D 259 18.86 1.55 35.25
C LEU D 259 19.18 0.06 35.32
N MET D 260 18.88 -0.70 34.26
CA MET D 260 19.22 -2.12 34.27
C MET D 260 20.69 -2.39 34.02
N GLN D 261 21.44 -1.41 33.51
CA GLN D 261 22.89 -1.58 33.42
C GLN D 261 23.54 -1.59 34.80
N LYS D 262 22.95 -0.89 35.76
CA LYS D 262 23.47 -0.83 37.11
C LYS D 262 23.03 -1.99 37.99
N ARG D 263 22.10 -2.82 37.52
CA ARG D 263 21.55 -3.91 38.32
C ARG D 263 21.80 -5.27 37.69
N LYS D 264 22.69 -5.34 36.71
CA LYS D 264 23.04 -6.59 36.06
C LYS D 264 24.46 -6.99 36.47
N HIS D 265 24.73 -8.29 36.39
CA HIS D 265 26.05 -8.82 36.70
C HIS D 265 26.40 -9.83 35.62
N VAL D 266 27.48 -9.57 34.89
CA VAL D 266 27.93 -10.44 33.82
C VAL D 266 28.61 -11.65 34.45
N GLN D 267 28.00 -12.83 34.29
CA GLN D 267 28.58 -14.04 34.85
C GLN D 267 29.84 -14.45 34.10
N TRP D 268 29.73 -14.62 32.79
CA TRP D 268 30.92 -14.94 32.00
C TRP D 268 30.72 -14.50 30.55
N THR D 269 31.83 -14.47 29.83
CA THR D 269 31.84 -14.10 28.41
C THR D 269 32.84 -15.03 27.72
N CYS D 270 32.32 -16.06 27.05
CA CYS D 270 33.14 -17.02 26.34
C CYS D 270 32.85 -16.89 24.85
N GLY D 271 33.83 -16.40 24.10
CA GLY D 271 33.68 -16.18 22.68
C GLY D 271 32.62 -15.14 22.37
N PRO D 272 31.61 -15.54 21.62
CA PRO D 272 30.45 -14.66 21.40
C PRO D 272 29.31 -14.85 22.41
N LEU D 273 29.43 -15.79 23.34
CA LEU D 273 28.36 -16.08 24.29
C LEU D 273 28.61 -15.31 25.58
N THR D 274 27.73 -14.36 25.87
CA THR D 274 27.80 -13.59 27.11
C THR D 274 26.61 -14.00 27.98
N SER D 275 26.89 -14.54 29.16
CA SER D 275 25.86 -14.89 30.12
C SER D 275 25.93 -13.89 31.27
N THR D 276 24.83 -13.16 31.46
CA THR D 276 24.66 -12.17 32.51
C THR D 276 23.54 -12.60 33.43
N LEU D 277 23.45 -11.93 34.58
CA LEU D 277 22.53 -12.31 35.66
C LEU D 277 21.79 -11.07 36.15
N TYR D 278 20.65 -10.77 35.53
CA TYR D 278 19.88 -9.59 35.91
C TYR D 278 19.19 -9.82 37.26
N ASP D 279 18.97 -8.71 37.97
CA ASP D 279 18.34 -8.72 39.27
C ASP D 279 16.85 -8.40 39.11
N LEU D 280 16.00 -9.20 39.74
CA LEU D 280 14.55 -9.06 39.63
C LEU D 280 13.92 -8.58 40.94
N THR D 281 14.62 -7.75 41.69
CA THR D 281 14.05 -7.23 42.94
C THR D 281 12.96 -6.21 42.65
N GLU D 282 13.13 -5.40 41.60
CA GLU D 282 12.16 -4.36 41.27
C GLU D 282 11.26 -4.73 40.10
N ILE D 283 11.75 -5.53 39.15
CA ILE D 283 10.93 -5.90 37.99
C ILE D 283 9.83 -6.87 38.40
N ASP D 284 10.18 -7.89 39.20
CA ASP D 284 9.18 -8.88 39.57
C ASP D 284 8.19 -8.34 40.60
N SER D 285 8.69 -7.56 41.56
CA SER D 285 7.90 -6.91 42.63
C SER D 285 7.13 -7.94 43.44
N TRP D 286 7.87 -8.80 44.13
CA TRP D 286 7.27 -9.81 44.99
C TRP D 286 6.67 -9.17 46.24
N GLY D 287 5.44 -9.54 46.55
CA GLY D 287 4.77 -9.04 47.74
C GLY D 287 4.45 -7.56 47.74
N GLU D 288 3.94 -7.04 46.63
CA GLU D 288 3.56 -5.64 46.53
C GLU D 288 2.13 -5.53 46.03
N GLU D 289 1.50 -4.39 46.35
CA GLU D 289 0.13 -4.15 45.91
C GLU D 289 0.05 -3.97 44.40
N LEU D 290 0.90 -3.12 43.86
CA LEU D 290 0.98 -2.89 42.41
C LEU D 290 2.37 -3.30 41.94
N SER D 291 2.44 -4.35 41.14
CA SER D 291 3.70 -4.82 40.60
C SER D 291 4.20 -3.88 39.51
N PHE D 292 5.46 -4.06 39.13
CA PHE D 292 6.05 -3.24 38.08
C PHE D 292 5.39 -3.49 36.73
N LEU D 293 5.11 -4.77 36.42
CA LEU D 293 4.53 -5.10 35.12
C LEU D 293 3.08 -4.64 35.02
N GLU D 294 2.34 -4.66 36.13
CA GLU D 294 0.99 -4.12 36.14
C GLU D 294 0.99 -2.61 35.90
N LEU D 295 1.95 -1.91 36.48
CA LEU D 295 2.07 -0.47 36.26
C LEU D 295 2.51 -0.16 34.84
N VAL D 296 3.36 -1.01 34.25
CA VAL D 296 3.80 -0.79 32.88
C VAL D 296 2.65 -1.00 31.90
N VAL D 297 1.90 -2.10 32.07
CA VAL D 297 0.82 -2.42 31.15
C VAL D 297 -0.34 -1.44 31.31
N SER D 298 -0.76 -1.18 32.55
CA SER D 298 -1.86 -0.24 32.79
C SER D 298 -1.31 1.19 32.86
N SER D 299 -0.90 1.67 31.70
CA SER D 299 -0.34 3.00 31.55
C SER D 299 -0.99 3.70 30.36
N LYS D 300 -1.30 4.98 30.53
CA LYS D 300 -1.99 5.72 29.48
C LYS D 300 -1.07 6.05 28.31
N LYS D 301 0.24 6.09 28.55
CA LYS D 301 1.18 6.41 27.49
C LYS D 301 1.32 5.24 26.52
N ARG D 302 1.47 5.57 25.23
CA ARG D 302 1.67 4.53 24.23
C ARG D 302 3.09 3.97 24.28
N GLU D 303 4.05 4.77 24.74
CA GLU D 303 5.44 4.35 24.77
C GLU D 303 5.76 3.37 25.90
N ALA D 304 4.80 3.12 26.81
CA ALA D 304 5.03 2.19 27.89
C ALA D 304 5.05 0.74 27.42
N ARG D 305 4.52 0.44 26.24
CA ARG D 305 4.54 -0.92 25.72
C ARG D 305 5.92 -1.32 25.19
N GLN D 306 6.85 -0.38 25.04
CA GLN D 306 8.20 -0.73 24.63
C GLN D 306 9.07 -1.19 25.80
N ILE D 307 8.62 -1.01 27.04
CA ILE D 307 9.33 -1.53 28.19
C ILE D 307 9.29 -3.05 28.20
N LEU D 308 8.19 -3.63 27.74
CA LEU D 308 8.05 -5.08 27.66
C LEU D 308 8.97 -5.70 26.62
N GLU D 309 9.50 -4.91 25.68
CA GLU D 309 10.46 -5.38 24.70
C GLU D 309 11.89 -5.37 25.21
N GLN D 310 12.14 -4.79 26.39
CA GLN D 310 13.49 -4.66 26.89
C GLN D 310 14.03 -6.00 27.38
N THR D 311 15.33 -6.01 27.71
CA THR D 311 16.06 -7.27 27.84
C THR D 311 15.62 -8.15 29.01
N PRO D 312 15.49 -7.67 30.29
CA PRO D 312 15.08 -8.62 31.34
C PRO D 312 13.58 -8.91 31.30
N VAL D 313 12.79 -7.90 30.95
CA VAL D 313 11.33 -8.00 31.02
C VAL D 313 10.79 -8.98 29.98
N LYS D 314 11.36 -8.97 28.78
CA LYS D 314 10.90 -9.86 27.71
C LYS D 314 11.15 -11.32 28.06
N GLU D 315 12.35 -11.64 28.56
CA GLU D 315 12.66 -12.99 28.98
C GLU D 315 11.85 -13.41 30.20
N LEU D 316 11.58 -12.46 31.12
CA LEU D 316 10.81 -12.79 32.31
C LEU D 316 9.35 -13.12 31.96
N VAL D 317 8.72 -12.30 31.12
CA VAL D 317 7.33 -12.56 30.79
C VAL D 317 7.22 -13.74 29.82
N SER D 318 8.26 -14.00 29.02
CA SER D 318 8.23 -15.18 28.17
C SER D 318 8.35 -16.45 28.98
N PHE D 319 9.21 -16.45 30.02
CA PHE D 319 9.32 -17.59 30.92
C PHE D 319 8.03 -17.80 31.71
N LYS D 320 7.43 -16.72 32.21
CA LYS D 320 6.19 -16.82 32.96
C LYS D 320 5.04 -17.30 32.08
N TRP D 321 4.98 -16.83 30.84
CA TRP D 321 3.88 -17.21 29.96
C TRP D 321 4.05 -18.63 29.44
N LYS D 322 5.28 -19.04 29.13
CA LYS D 322 5.49 -20.38 28.59
C LYS D 322 5.37 -21.45 29.67
N LYS D 323 5.84 -21.17 30.89
CA LYS D 323 5.80 -22.21 31.90
C LYS D 323 4.42 -22.29 32.56
N TYR D 324 3.89 -21.16 33.01
CA TYR D 324 2.67 -21.17 33.80
C TYR D 324 1.48 -20.51 33.12
N GLY D 325 1.70 -19.43 32.35
CA GLY D 325 0.58 -18.66 31.86
C GLY D 325 -0.23 -19.37 30.80
N ARG D 326 0.45 -19.99 29.83
CA ARG D 326 -0.25 -20.66 28.73
C ARG D 326 -1.04 -21.90 29.16
N PRO D 327 -0.50 -22.84 29.98
CA PRO D 327 -1.36 -23.97 30.38
C PRO D 327 -2.54 -23.58 31.27
N TYR D 328 -2.34 -22.63 32.18
CA TYR D 328 -3.45 -22.19 33.03
C TYR D 328 -4.50 -21.45 32.21
N PHE D 329 -4.07 -20.65 31.24
CA PHE D 329 -5.01 -19.94 30.40
C PHE D 329 -5.77 -20.89 29.48
N CYS D 330 -5.11 -21.95 29.00
CA CYS D 330 -5.81 -22.94 28.18
C CYS D 330 -6.79 -23.77 29.00
N VAL D 331 -6.44 -24.07 30.25
CA VAL D 331 -7.37 -24.78 31.14
C VAL D 331 -8.59 -23.93 31.44
N LEU D 332 -8.38 -22.64 31.71
CA LEU D 332 -9.50 -21.72 31.96
C LEU D 332 -10.36 -21.53 30.71
N ALA D 333 -9.73 -21.49 29.53
CA ALA D 333 -10.48 -21.39 28.29
C ALA D 333 -11.33 -22.63 28.04
N SER D 334 -10.77 -23.81 28.30
CA SER D 334 -11.53 -25.04 28.14
C SER D 334 -12.71 -25.12 29.12
N LEU D 335 -12.47 -24.71 30.37
CA LEU D 335 -13.55 -24.69 31.35
C LEU D 335 -14.65 -23.70 30.98
N TYR D 336 -14.27 -22.52 30.46
CA TYR D 336 -15.27 -21.55 30.04
C TYR D 336 -16.03 -22.02 28.80
N ILE D 337 -15.36 -22.73 27.89
CA ILE D 337 -16.05 -23.26 26.72
C ILE D 337 -17.05 -24.34 27.12
N LEU D 338 -16.66 -25.24 28.03
CA LEU D 338 -17.61 -26.26 28.51
C LEU D 338 -18.75 -25.64 29.30
N TYR D 339 -18.46 -24.57 30.05
CA TYR D 339 -19.51 -23.85 30.77
C TYR D 339 -20.50 -23.19 29.81
N MET D 340 -20.00 -22.60 28.72
CA MET D 340 -20.91 -22.01 27.75
C MET D 340 -21.67 -23.07 26.97
N ILE D 341 -21.08 -24.26 26.78
CA ILE D 341 -21.80 -25.38 26.18
C ILE D 341 -22.96 -25.80 27.08
N CYS D 342 -22.73 -25.86 28.39
CA CYS D 342 -23.79 -26.20 29.33
C CYS D 342 -24.88 -25.14 29.36
N PHE D 343 -24.50 -23.86 29.31
CA PHE D 343 -25.49 -22.79 29.27
C PHE D 343 -26.30 -22.81 27.98
N THR D 344 -25.63 -23.06 26.85
CA THR D 344 -26.32 -23.15 25.56
C THR D 344 -27.29 -24.34 25.54
N THR D 345 -26.88 -25.48 26.09
CA THR D 345 -27.75 -26.64 26.15
C THR D 345 -28.93 -26.42 27.08
N CYS D 346 -28.74 -25.63 28.14
CA CYS D 346 -29.89 -25.27 28.98
C CYS D 346 -30.80 -24.26 28.28
N CYS D 347 -30.25 -23.46 27.36
CA CYS D 347 -31.10 -22.54 26.61
C CYS D 347 -31.90 -23.27 25.54
N ILE D 348 -31.31 -24.30 24.91
CA ILE D 348 -31.99 -25.03 23.85
C ILE D 348 -33.14 -25.85 24.41
N TYR D 349 -32.91 -26.53 25.53
CA TYR D 349 -33.90 -27.40 26.15
C TYR D 349 -34.76 -26.68 27.16
N ARG D 350 -35.01 -25.39 26.95
CA ARG D 350 -35.81 -24.58 27.86
C ARG D 350 -37.25 -25.10 27.90
N PRO D 351 -37.86 -25.18 29.09
CA PRO D 351 -39.20 -25.77 29.20
C PRO D 351 -40.27 -24.91 28.55
N LEU D 352 -40.91 -25.47 27.52
CA LEU D 352 -41.95 -24.78 26.76
C LEU D 352 -43.15 -25.69 26.59
N LYS D 353 -44.34 -25.10 26.67
CA LYS D 353 -45.59 -25.83 26.51
C LYS D 353 -46.40 -25.18 25.41
N LEU D 354 -47.47 -25.88 25.00
CA LEU D 354 -48.38 -25.38 23.99
C LEU D 354 -49.15 -24.17 24.52
N ARG D 355 -49.52 -23.28 23.60
CA ARG D 355 -50.21 -22.06 23.97
C ARG D 355 -51.65 -22.37 24.38
N ASP D 356 -52.07 -21.79 25.51
CA ASP D 356 -53.42 -22.06 26.00
C ASP D 356 -54.48 -21.37 25.16
N ASP D 357 -54.28 -20.10 24.84
CA ASP D 357 -55.30 -19.34 24.14
C ASP D 357 -55.24 -19.62 22.64
N ASN D 358 -56.19 -19.05 21.92
CA ASN D 358 -56.32 -19.26 20.47
C ASN D 358 -55.73 -18.06 19.72
N ARG D 359 -55.10 -18.35 18.59
CA ARG D 359 -54.47 -17.32 17.75
C ARG D 359 -55.58 -16.62 16.97
N THR D 360 -56.18 -15.60 17.61
CA THR D 360 -57.24 -14.84 16.97
C THR D 360 -56.68 -13.92 15.89
N ASP D 361 -55.55 -13.29 16.17
CA ASP D 361 -54.93 -12.41 15.18
C ASP D 361 -54.26 -13.25 14.08
N PRO D 362 -54.51 -12.96 12.81
CA PRO D 362 -53.90 -13.76 11.74
C PRO D 362 -52.42 -13.50 11.56
N ARG D 363 -51.89 -12.40 12.06
CA ARG D 363 -50.47 -12.09 11.96
C ARG D 363 -49.66 -12.56 13.16
N ASP D 364 -50.29 -13.23 14.11
CA ASP D 364 -49.61 -13.75 15.30
C ASP D 364 -49.23 -15.20 15.06
N ILE D 365 -47.94 -15.52 15.26
CA ILE D 365 -47.42 -16.84 14.97
C ILE D 365 -46.81 -17.49 16.20
N THR D 366 -47.25 -17.10 17.39
CA THR D 366 -46.76 -17.67 18.63
C THR D 366 -47.60 -18.89 18.99
N ILE D 367 -46.96 -20.06 19.02
CA ILE D 367 -47.67 -21.31 19.31
C ILE D 367 -47.25 -21.93 20.64
N LEU D 368 -46.16 -21.49 21.23
CA LEU D 368 -45.68 -22.02 22.50
C LEU D 368 -45.52 -20.89 23.51
N GLN D 369 -45.37 -21.28 24.76
CA GLN D 369 -45.11 -20.34 25.84
C GLN D 369 -44.29 -21.04 26.90
N GLN D 370 -43.88 -20.27 27.91
CA GLN D 370 -43.05 -20.82 28.97
C GLN D 370 -43.90 -21.56 30.00
N LYS D 371 -43.44 -22.74 30.40
CA LYS D 371 -44.12 -23.49 31.43
C LYS D 371 -43.92 -22.82 32.78
N LEU D 372 -44.84 -23.10 33.71
CA LEU D 372 -44.73 -22.56 35.05
C LEU D 372 -43.64 -23.30 35.82
N LEU D 373 -43.30 -22.75 36.98
CA LEU D 373 -42.28 -23.36 37.83
C LEU D 373 -42.76 -24.70 38.39
N GLN D 374 -44.06 -24.84 38.63
CA GLN D 374 -44.61 -26.12 39.04
C GLN D 374 -44.68 -27.10 37.87
N GLU D 375 -44.99 -26.61 36.66
CA GLU D 375 -45.09 -27.48 35.49
C GLU D 375 -43.73 -27.98 35.06
N ALA D 376 -42.70 -27.14 35.16
CA ALA D 376 -41.36 -27.57 34.86
C ALA D 376 -40.78 -28.37 36.02
N TYR D 377 -39.62 -28.97 35.78
CA TYR D 377 -38.88 -29.80 36.73
C TYR D 377 -39.72 -30.98 37.22
N VAL D 378 -40.11 -31.83 36.28
CA VAL D 378 -40.93 -33.00 36.54
C VAL D 378 -40.25 -34.28 36.05
N THR D 379 -39.86 -34.32 34.78
CA THR D 379 -39.29 -35.51 34.19
C THR D 379 -37.80 -35.62 34.53
N HIS D 380 -37.15 -36.66 33.99
CA HIS D 380 -35.73 -36.87 34.22
C HIS D 380 -34.89 -35.86 33.45
N GLN D 381 -35.28 -35.58 32.21
CA GLN D 381 -34.56 -34.60 31.39
C GLN D 381 -34.69 -33.20 31.98
N ASP D 382 -35.82 -32.89 32.62
CA ASP D 382 -35.95 -31.63 33.34
C ASP D 382 -35.03 -31.57 34.55
N ASN D 383 -34.75 -32.71 35.19
CA ASN D 383 -33.80 -32.70 36.29
C ASN D 383 -32.37 -32.54 35.80
N ILE D 384 -32.06 -33.09 34.62
CA ILE D 384 -30.75 -32.85 34.00
C ILE D 384 -30.60 -31.37 33.65
N ARG D 385 -31.69 -30.76 33.16
CA ARG D 385 -31.70 -29.32 32.89
C ARG D 385 -31.54 -28.52 34.18
N LEU D 386 -32.13 -28.99 35.28
CA LEU D 386 -31.97 -28.33 36.58
C LEU D 386 -30.53 -28.38 37.06
N VAL D 387 -29.86 -29.52 36.86
CA VAL D 387 -28.44 -29.65 37.20
C VAL D 387 -27.60 -28.69 36.38
N GLY D 388 -27.89 -28.59 35.07
CA GLY D 388 -27.16 -27.66 34.23
C GLY D 388 -27.42 -26.20 34.57
N GLU D 389 -28.65 -25.88 34.99
CA GLU D 389 -28.97 -24.50 35.38
C GLU D 389 -28.31 -24.14 36.70
N LEU D 390 -28.19 -25.10 37.63
CA LEU D 390 -27.43 -24.86 38.85
C LEU D 390 -25.96 -24.64 38.56
N VAL D 391 -25.42 -25.39 37.59
CA VAL D 391 -24.05 -25.18 37.13
C VAL D 391 -23.88 -23.78 36.55
N THR D 392 -24.86 -23.33 35.75
CA THR D 392 -24.81 -22.01 35.14
C THR D 392 -24.88 -20.88 36.18
N VAL D 393 -25.79 -21.01 37.16
CA VAL D 393 -25.93 -19.99 38.20
C VAL D 393 -24.68 -19.94 39.08
N THR D 394 -24.12 -21.11 39.42
CA THR D 394 -22.88 -21.15 40.19
C THR D 394 -21.72 -20.55 39.43
N GLY D 395 -21.65 -20.79 38.12
CA GLY D 395 -20.61 -20.18 37.31
C GLY D 395 -20.74 -18.68 37.20
N ALA D 396 -21.97 -18.18 37.11
CA ALA D 396 -22.19 -16.73 37.07
C ALA D 396 -21.85 -16.08 38.40
N VAL D 397 -22.15 -16.76 39.52
CA VAL D 397 -21.77 -16.25 40.84
C VAL D 397 -20.25 -16.23 41.00
N ILE D 398 -19.57 -17.28 40.52
CA ILE D 398 -18.11 -17.33 40.55
C ILE D 398 -17.52 -16.21 39.69
N ILE D 399 -18.14 -15.95 38.53
CA ILE D 399 -17.71 -14.87 37.64
C ILE D 399 -17.85 -13.51 38.33
N LEU D 400 -18.98 -13.29 39.01
CA LEU D 400 -19.17 -12.02 39.70
C LEU D 400 -18.21 -11.87 40.87
N LEU D 401 -17.94 -12.96 41.60
CA LEU D 401 -16.99 -12.90 42.71
C LEU D 401 -15.56 -12.67 42.22
N LEU D 402 -15.24 -13.13 41.02
CA LEU D 402 -13.92 -12.85 40.46
C LEU D 402 -13.81 -11.43 39.91
N GLU D 403 -14.89 -10.88 39.37
CA GLU D 403 -14.78 -9.61 38.64
C GLU D 403 -15.14 -8.38 39.47
N ILE D 404 -16.03 -8.49 40.45
CA ILE D 404 -16.48 -7.34 41.26
C ILE D 404 -15.36 -6.68 42.08
N PRO D 405 -14.49 -7.39 42.83
CA PRO D 405 -13.45 -6.65 43.58
C PRO D 405 -12.37 -6.03 42.69
N ASP D 406 -12.26 -6.41 41.42
CA ASP D 406 -11.33 -5.74 40.53
C ASP D 406 -11.80 -4.35 40.13
N ILE D 407 -13.11 -4.08 40.23
CA ILE D 407 -13.62 -2.74 39.97
C ILE D 407 -13.35 -1.80 41.13
N PHE D 408 -13.09 -2.33 42.33
CA PHE D 408 -12.78 -1.49 43.48
C PHE D 408 -11.30 -1.49 43.83
N ARG D 409 -10.54 -2.49 43.37
CA ARG D 409 -9.10 -2.50 43.61
C ARG D 409 -8.40 -1.40 42.83
N VAL D 410 -8.81 -1.19 41.58
CA VAL D 410 -8.35 -0.06 40.78
C VAL D 410 -9.56 0.80 40.47
N GLY D 411 -9.37 1.87 39.70
CA GLY D 411 -10.49 2.70 39.30
C GLY D 411 -11.41 1.97 38.35
N ALA D 412 -12.70 2.34 38.40
CA ALA D 412 -13.70 1.73 37.53
C ALA D 412 -13.46 2.10 36.07
N SER D 413 -13.13 3.37 35.81
CA SER D 413 -12.84 3.80 34.45
C SER D 413 -11.53 3.23 33.93
N ARG D 414 -10.57 3.00 34.81
CA ARG D 414 -9.32 2.38 34.40
C ARG D 414 -9.52 0.90 34.10
N TYR D 415 -10.34 0.22 34.90
CA TYR D 415 -10.58 -1.20 34.70
C TYR D 415 -11.48 -1.48 33.51
N PHE D 416 -12.46 -0.61 33.25
CA PHE D 416 -13.38 -0.81 32.14
C PHE D 416 -12.93 -0.13 30.86
N GLY D 417 -11.80 0.59 30.86
CA GLY D 417 -11.48 1.43 29.73
C GLY D 417 -10.11 1.25 29.11
N GLN D 418 -9.50 0.08 29.27
CA GLN D 418 -8.20 -0.21 28.69
C GLN D 418 -8.29 -1.45 27.81
N THR D 419 -7.73 -1.36 26.60
CA THR D 419 -7.77 -2.45 25.65
C THR D 419 -6.94 -3.65 26.11
N ILE D 420 -5.76 -3.38 26.67
CA ILE D 420 -4.78 -4.43 26.93
C ILE D 420 -5.23 -5.33 28.07
N LEU D 421 -5.70 -4.74 29.17
CA LEU D 421 -6.09 -5.51 30.35
C LEU D 421 -7.55 -5.94 30.26
N GLY D 422 -7.87 -6.69 29.21
CA GLY D 422 -9.26 -7.04 28.97
C GLY D 422 -10.04 -5.82 28.53
N GLY D 423 -10.86 -5.30 29.44
CA GLY D 423 -11.59 -4.07 29.19
C GLY D 423 -13.05 -4.33 28.88
N PRO D 424 -13.41 -4.24 27.60
CA PRO D 424 -14.79 -4.58 27.19
C PRO D 424 -15.16 -6.03 27.44
N PHE D 425 -14.19 -6.94 27.47
CA PHE D 425 -14.47 -8.33 27.81
C PHE D 425 -14.96 -8.45 29.25
N HIS D 426 -14.39 -7.66 30.16
CA HIS D 426 -14.86 -7.66 31.54
C HIS D 426 -16.28 -7.10 31.64
N VAL D 427 -16.59 -6.08 30.85
CA VAL D 427 -17.93 -5.49 30.85
C VAL D 427 -18.96 -6.50 30.35
N ILE D 428 -18.65 -7.18 29.25
CA ILE D 428 -19.62 -8.14 28.71
C ILE D 428 -19.68 -9.40 29.57
N ILE D 429 -18.61 -9.74 30.29
CA ILE D 429 -18.64 -10.89 31.19
C ILE D 429 -19.50 -10.59 32.42
N ILE D 430 -19.37 -9.38 32.97
CA ILE D 430 -20.23 -8.97 34.10
C ILE D 430 -21.68 -8.84 33.66
N THR D 431 -21.90 -8.33 32.43
CA THR D 431 -23.25 -8.25 31.89
C THR D 431 -23.85 -9.65 31.67
N TYR D 432 -23.03 -10.60 31.21
CA TYR D 432 -23.49 -11.98 31.05
C TYR D 432 -23.88 -12.60 32.37
N ALA D 433 -23.08 -12.39 33.41
CA ALA D 433 -23.42 -12.92 34.73
C ALA D 433 -24.68 -12.28 35.29
N SER D 434 -24.83 -10.97 35.09
CA SER D 434 -26.02 -10.26 35.56
C SER D 434 -27.27 -10.73 34.83
N LEU D 435 -27.17 -10.98 33.52
CA LEU D 435 -28.33 -11.45 32.78
C LEU D 435 -28.67 -12.89 33.11
N VAL D 436 -27.67 -13.73 33.41
CA VAL D 436 -27.95 -15.09 33.85
C VAL D 436 -28.67 -15.08 35.21
N LEU D 437 -28.22 -14.22 36.13
CA LEU D 437 -28.89 -14.12 37.43
C LEU D 437 -30.29 -13.52 37.29
N LEU D 438 -30.48 -12.58 36.36
CA LEU D 438 -31.80 -12.02 36.11
C LEU D 438 -32.74 -13.07 35.50
N THR D 439 -32.21 -13.93 34.64
CA THR D 439 -32.99 -15.04 34.10
C THR D 439 -33.38 -16.02 35.20
N MET D 440 -32.47 -16.28 36.14
CA MET D 440 -32.79 -17.14 37.28
C MET D 440 -33.89 -16.53 38.15
N VAL D 441 -33.82 -15.20 38.36
CA VAL D 441 -34.86 -14.50 39.13
C VAL D 441 -36.20 -14.58 38.42
N MET D 442 -36.22 -14.37 37.10
CA MET D 442 -37.46 -14.46 36.34
C MET D 442 -37.99 -15.89 36.27
N ARG D 443 -37.10 -16.88 36.35
CA ARG D 443 -37.53 -18.27 36.37
C ARG D 443 -38.17 -18.63 37.70
N LEU D 444 -37.58 -18.14 38.80
CA LEU D 444 -38.13 -18.47 40.12
C LEU D 444 -39.43 -17.72 40.41
N THR D 445 -39.61 -16.55 39.81
CA THR D 445 -40.79 -15.72 40.07
C THR D 445 -41.91 -15.92 39.07
N ASN D 446 -41.76 -16.87 38.14
CA ASN D 446 -42.73 -17.18 37.08
C ASN D 446 -43.05 -15.94 36.22
N MET D 447 -42.04 -15.13 35.96
CA MET D 447 -42.22 -13.93 35.15
C MET D 447 -41.97 -14.28 33.68
N ASN D 448 -42.90 -13.89 32.82
CA ASN D 448 -42.78 -14.17 31.41
C ASN D 448 -41.76 -13.25 30.75
N GLY D 449 -41.07 -13.78 29.74
CA GLY D 449 -40.13 -12.97 28.99
C GLY D 449 -38.67 -13.28 29.26
N GLU D 450 -38.34 -14.56 29.46
CA GLU D 450 -36.95 -14.97 29.63
C GLU D 450 -36.18 -14.98 28.32
N VAL D 451 -36.86 -14.82 27.19
CA VAL D 451 -36.22 -14.85 25.88
C VAL D 451 -35.29 -13.66 25.71
N VAL D 452 -35.68 -12.49 26.23
CA VAL D 452 -34.82 -11.30 26.13
C VAL D 452 -33.50 -11.45 26.92
N PRO D 453 -33.50 -11.78 28.22
CA PRO D 453 -32.19 -11.95 28.88
C PRO D 453 -31.46 -13.20 28.44
N LEU D 454 -32.17 -14.24 28.02
CA LEU D 454 -31.47 -15.44 27.54
C LEU D 454 -30.79 -15.20 26.20
N SER D 455 -31.43 -14.43 25.31
CA SER D 455 -30.79 -14.09 24.04
C SER D 455 -29.62 -13.13 24.26
N PHE D 456 -29.79 -12.17 25.18
CA PHE D 456 -28.69 -11.28 25.52
C PHE D 456 -27.50 -12.04 26.11
N ALA D 457 -27.77 -12.99 27.00
CA ALA D 457 -26.70 -13.76 27.62
C ALA D 457 -26.08 -14.76 26.66
N LEU D 458 -26.84 -15.26 25.69
CA LEU D 458 -26.27 -16.16 24.70
C LEU D 458 -25.38 -15.40 23.73
N VAL D 459 -25.75 -14.19 23.36
CA VAL D 459 -24.90 -13.39 22.48
C VAL D 459 -23.64 -12.93 23.22
N LEU D 460 -23.80 -12.41 24.43
CA LEU D 460 -22.66 -11.84 25.15
C LEU D 460 -21.73 -12.90 25.72
N GLY D 461 -22.29 -14.02 26.18
CA GLY D 461 -21.47 -15.05 26.79
C GLY D 461 -20.57 -15.77 25.80
N TRP D 462 -21.08 -16.04 24.60
CA TRP D 462 -20.25 -16.70 23.60
C TRP D 462 -19.24 -15.74 23.00
N CYS D 463 -19.59 -14.47 22.87
CA CYS D 463 -18.64 -13.49 22.35
C CYS D 463 -17.51 -13.18 23.33
N SER D 464 -17.68 -13.52 24.61
CA SER D 464 -16.61 -13.32 25.58
C SER D 464 -15.52 -14.38 25.46
N VAL D 465 -15.79 -15.50 24.79
CA VAL D 465 -14.79 -16.54 24.55
C VAL D 465 -13.64 -16.03 23.69
N MET D 466 -13.88 -15.00 22.87
CA MET D 466 -12.81 -14.36 22.12
C MET D 466 -11.78 -13.66 23.02
N TYR D 467 -12.13 -13.40 24.29
CA TYR D 467 -11.15 -12.99 25.28
C TYR D 467 -10.02 -14.01 25.39
N PHE D 468 -10.38 -15.30 25.41
CA PHE D 468 -9.38 -16.37 25.43
C PHE D 468 -8.66 -16.52 24.10
N ALA D 469 -9.00 -15.74 23.07
CA ALA D 469 -8.18 -15.64 21.88
C ALA D 469 -6.91 -14.83 22.11
N ARG D 470 -6.77 -14.14 23.24
CA ARG D 470 -5.54 -13.39 23.48
C ARG D 470 -4.40 -14.27 23.95
N GLY D 471 -4.65 -15.54 24.27
CA GLY D 471 -3.60 -16.44 24.68
C GLY D 471 -2.87 -17.14 23.57
N PHE D 472 -3.23 -16.89 22.31
CA PHE D 472 -2.60 -17.54 21.17
C PHE D 472 -2.09 -16.48 20.21
N GLN D 473 -0.92 -16.68 19.65
CA GLN D 473 -0.33 -15.57 18.87
C GLN D 473 -1.12 -15.35 17.60
N MET D 474 -1.46 -16.41 16.94
CA MET D 474 -2.10 -16.19 15.64
C MET D 474 -3.43 -15.47 15.81
N LEU D 475 -4.27 -15.87 16.76
CA LEU D 475 -5.63 -15.27 16.84
C LEU D 475 -5.68 -14.04 17.73
N GLY D 476 -4.67 -13.77 18.54
CA GLY D 476 -4.75 -12.67 19.51
C GLY D 476 -4.85 -11.28 18.94
N PRO D 477 -4.09 -10.89 17.90
CA PRO D 477 -4.18 -9.55 17.40
C PRO D 477 -5.43 -9.34 16.53
N PHE D 478 -6.38 -10.28 16.50
CA PHE D 478 -7.64 -10.17 15.77
C PHE D 478 -8.73 -9.54 16.63
N THR D 479 -8.74 -9.86 17.93
CA THR D 479 -9.68 -9.21 18.84
C THR D 479 -9.35 -7.74 19.01
N ILE D 480 -8.06 -7.38 18.92
CA ILE D 480 -7.67 -5.98 18.93
C ILE D 480 -8.13 -5.28 17.67
N MET D 481 -8.08 -5.97 16.51
CA MET D 481 -8.61 -5.42 15.28
C MET D 481 -10.10 -5.16 15.38
N ILE D 482 -10.86 -6.11 15.94
CA ILE D 482 -12.30 -5.94 16.08
C ILE D 482 -12.63 -4.83 17.09
N GLN D 483 -11.83 -4.72 18.16
CA GLN D 483 -12.05 -3.67 19.14
C GLN D 483 -11.76 -2.29 18.56
N LYS D 484 -10.68 -2.17 17.79
CA LYS D 484 -10.38 -0.88 17.18
C LYS D 484 -11.20 -0.62 15.92
N MET D 485 -11.99 -1.59 15.46
CA MET D 485 -13.00 -1.32 14.45
C MET D 485 -14.33 -0.90 15.03
N ILE D 486 -14.72 -1.48 16.17
CA ILE D 486 -16.02 -1.15 16.76
C ILE D 486 -15.97 0.20 17.45
N PHE D 487 -15.06 0.36 18.40
CA PHE D 487 -14.98 1.63 19.12
C PHE D 487 -14.14 2.65 18.36
N GLY D 488 -13.31 2.21 17.42
CA GLY D 488 -12.51 3.13 16.65
C GLY D 488 -13.22 3.71 15.45
N ASP D 489 -13.68 2.85 14.54
CA ASP D 489 -14.24 3.30 13.27
C ASP D 489 -15.76 3.23 13.22
N LEU D 490 -16.37 2.22 13.83
CA LEU D 490 -17.82 2.06 13.75
C LEU D 490 -18.54 3.15 14.53
N MET D 491 -17.99 3.55 15.67
CA MET D 491 -18.62 4.61 16.46
C MET D 491 -18.50 5.98 15.81
N ARG D 492 -17.59 6.14 14.85
CA ARG D 492 -17.51 7.39 14.09
C ARG D 492 -18.37 7.34 12.83
N PHE D 493 -18.40 6.20 12.15
CA PHE D 493 -19.14 6.12 10.90
C PHE D 493 -20.65 5.94 11.11
N CYS D 494 -21.07 5.51 12.30
CA CYS D 494 -22.48 5.20 12.51
C CYS D 494 -23.37 6.44 12.52
N TRP D 495 -22.81 7.62 12.72
CA TRP D 495 -23.63 8.83 12.70
C TRP D 495 -24.04 9.20 11.28
N LEU D 496 -23.10 9.12 10.33
CA LEU D 496 -23.42 9.38 8.93
C LEU D 496 -24.35 8.30 8.37
N MET D 497 -24.09 7.05 8.74
CA MET D 497 -24.95 5.94 8.33
C MET D 497 -26.35 6.08 8.90
N ALA D 498 -26.46 6.49 10.18
CA ALA D 498 -27.76 6.71 10.79
C ALA D 498 -28.48 7.90 10.18
N VAL D 499 -27.74 8.91 9.74
CA VAL D 499 -28.33 10.05 9.03
C VAL D 499 -28.93 9.60 7.71
N VAL D 500 -28.22 8.74 6.97
CA VAL D 500 -28.73 8.28 5.68
C VAL D 500 -29.91 7.33 5.89
N ILE D 501 -29.85 6.50 6.94
CA ILE D 501 -30.96 5.61 7.28
C ILE D 501 -32.21 6.40 7.67
N LEU D 502 -32.04 7.45 8.50
CA LEU D 502 -33.18 8.25 8.93
C LEU D 502 -33.75 9.07 7.79
N GLY D 503 -32.95 9.43 6.81
CA GLY D 503 -33.51 10.09 5.63
C GLY D 503 -34.29 9.15 4.75
N PHE D 504 -33.64 8.07 4.32
CA PHE D 504 -34.25 7.21 3.31
C PHE D 504 -35.36 6.33 3.90
N ALA D 505 -35.33 6.02 5.19
CA ALA D 505 -36.43 5.27 5.79
C ALA D 505 -37.69 6.11 5.84
N SER D 506 -37.56 7.40 6.17
CA SER D 506 -38.71 8.29 6.15
C SER D 506 -39.22 8.51 4.73
N ALA D 507 -38.30 8.62 3.76
CA ALA D 507 -38.70 8.75 2.36
C ALA D 507 -39.44 7.50 1.87
N PHE D 508 -38.91 6.32 2.19
CA PHE D 508 -39.54 5.07 1.78
C PHE D 508 -40.85 4.82 2.51
N HIS D 509 -40.98 5.32 3.73
CA HIS D 509 -42.24 5.16 4.45
C HIS D 509 -43.31 6.07 3.90
N ILE D 510 -42.97 7.32 3.57
CA ILE D 510 -43.99 8.21 3.03
C ILE D 510 -44.30 7.92 1.57
N THR D 511 -43.42 7.24 0.83
CA THR D 511 -43.81 6.82 -0.51
C THR D 511 -44.77 5.63 -0.45
N PHE D 512 -44.69 4.81 0.59
CA PHE D 512 -45.56 3.64 0.74
C PHE D 512 -46.62 3.84 1.82
N GLN D 513 -46.92 5.09 2.17
CA GLN D 513 -48.02 5.33 3.09
C GLN D 513 -49.36 5.12 2.41
N THR D 514 -49.50 5.58 1.18
CA THR D 514 -50.72 5.38 0.41
C THR D 514 -50.64 4.15 -0.48
N GLU D 515 -50.23 3.02 0.09
CA GLU D 515 -50.11 1.77 -0.64
C GLU D 515 -50.66 0.64 0.21
N ASP D 516 -51.01 -0.45 -0.45
CA ASP D 516 -51.50 -1.63 0.25
C ASP D 516 -50.32 -2.38 0.87
N PRO D 517 -50.33 -2.63 2.18
CA PRO D 517 -49.17 -3.28 2.82
C PRO D 517 -49.05 -4.76 2.52
N ASN D 518 -50.05 -5.39 1.93
CA ASN D 518 -49.97 -6.82 1.66
C ASN D 518 -49.04 -7.12 0.49
N ASN D 519 -48.91 -6.18 -0.44
CA ASN D 519 -48.09 -6.43 -1.62
C ASN D 519 -46.62 -6.14 -1.36
N LEU D 520 -46.31 -5.03 -0.70
CA LEU D 520 -44.93 -4.70 -0.36
C LEU D 520 -44.93 -4.13 1.06
N GLY D 521 -44.74 -5.00 2.04
CA GLY D 521 -44.85 -4.60 3.43
C GLY D 521 -43.53 -4.29 4.11
N GLU D 522 -42.51 -3.99 3.31
CA GLU D 522 -41.20 -3.69 3.88
C GLU D 522 -41.14 -2.30 4.49
N PHE D 523 -42.08 -1.42 4.16
CA PHE D 523 -42.11 -0.06 4.69
C PHE D 523 -43.51 0.27 5.20
N SER D 524 -44.20 -0.71 5.77
CA SER D 524 -45.55 -0.48 6.26
C SER D 524 -45.54 0.36 7.54
N ASP D 525 -44.67 0.02 8.49
CA ASP D 525 -44.50 0.78 9.71
C ASP D 525 -43.14 1.45 9.72
N TYR D 526 -43.07 2.63 10.35
CA TYR D 526 -41.81 3.37 10.41
C TYR D 526 -40.68 2.66 11.16
N PRO D 527 -40.89 1.98 12.31
CA PRO D 527 -39.80 1.13 12.81
C PRO D 527 -39.39 0.00 11.87
N THR D 528 -40.36 -0.62 11.20
CA THR D 528 -40.03 -1.63 10.20
C THR D 528 -39.37 -1.00 8.97
N ALA D 529 -39.73 0.24 8.64
CA ALA D 529 -39.06 0.94 7.56
C ALA D 529 -37.61 1.24 7.90
N LEU D 530 -37.34 1.63 9.16
CA LEU D 530 -35.96 1.85 9.60
C LEU D 530 -35.16 0.57 9.57
N PHE D 531 -35.74 -0.53 10.03
CA PHE D 531 -35.03 -1.81 10.04
C PHE D 531 -34.79 -2.32 8.61
N SER D 532 -35.78 -2.18 7.73
CA SER D 532 -35.63 -2.64 6.36
C SER D 532 -34.62 -1.79 5.59
N THR D 533 -34.57 -0.48 5.85
CA THR D 533 -33.58 0.34 5.19
C THR D 533 -32.18 0.12 5.74
N PHE D 534 -32.06 -0.23 7.03
CA PHE D 534 -30.77 -0.62 7.58
C PHE D 534 -30.28 -1.92 6.93
N GLU D 535 -31.18 -2.88 6.73
CA GLU D 535 -30.84 -4.10 6.02
C GLU D 535 -30.45 -3.84 4.58
N LEU D 536 -31.17 -2.93 3.91
CA LEU D 536 -30.84 -2.57 2.54
C LEU D 536 -29.53 -1.80 2.45
N PHE D 537 -29.19 -1.04 3.50
CA PHE D 537 -27.88 -0.40 3.59
C PHE D 537 -26.79 -1.45 3.64
N LEU D 538 -26.97 -2.50 4.44
CA LEU D 538 -25.94 -3.51 4.55
C LEU D 538 -26.03 -4.58 3.47
N THR D 539 -27.00 -4.46 2.55
CA THR D 539 -27.22 -5.37 1.41
C THR D 539 -27.39 -6.81 1.86
N ILE D 540 -28.09 -7.01 2.98
CA ILE D 540 -28.37 -8.35 3.48
C ILE D 540 -29.77 -8.82 3.13
N ILE D 541 -30.64 -7.94 2.64
CA ILE D 541 -31.91 -8.34 2.06
C ILE D 541 -31.96 -7.80 0.64
N ASP D 542 -32.84 -8.39 -0.16
CA ASP D 542 -33.02 -7.94 -1.53
C ASP D 542 -33.76 -6.62 -1.56
N GLY D 543 -33.64 -5.93 -2.69
CA GLY D 543 -34.42 -4.74 -2.96
C GLY D 543 -35.89 -5.06 -3.02
N PRO D 544 -36.72 -4.21 -2.42
CA PRO D 544 -38.18 -4.46 -2.43
C PRO D 544 -38.79 -4.33 -3.81
N ALA D 545 -39.16 -5.46 -4.41
CA ALA D 545 -39.72 -5.44 -5.76
C ALA D 545 -40.89 -6.39 -5.82
N ASN D 546 -41.98 -5.93 -6.43
CA ASN D 546 -43.18 -6.75 -6.65
C ASN D 546 -43.65 -6.42 -8.06
N TYR D 547 -43.15 -7.18 -9.03
CA TYR D 547 -43.40 -6.89 -10.44
C TYR D 547 -44.81 -7.25 -10.88
N SER D 548 -45.58 -7.96 -10.05
CA SER D 548 -46.96 -8.25 -10.40
C SER D 548 -47.86 -7.04 -10.24
N VAL D 549 -47.45 -6.05 -9.45
CA VAL D 549 -48.23 -4.85 -9.21
C VAL D 549 -47.41 -3.63 -9.62
N ASP D 550 -48.08 -2.47 -9.66
CA ASP D 550 -47.46 -1.22 -10.07
C ASP D 550 -47.02 -0.45 -8.83
N LEU D 551 -45.72 -0.46 -8.56
CA LEU D 551 -45.16 0.31 -7.47
C LEU D 551 -45.23 1.81 -7.80
N PRO D 552 -45.25 2.67 -6.79
CA PRO D 552 -45.18 4.11 -7.06
C PRO D 552 -43.84 4.49 -7.67
N PHE D 553 -43.89 5.49 -8.57
CA PHE D 553 -42.71 5.84 -9.36
C PHE D 553 -41.65 6.54 -8.52
N MET D 554 -42.02 7.14 -7.40
CA MET D 554 -41.03 7.80 -6.55
C MET D 554 -40.13 6.80 -5.85
N TYR D 555 -40.64 5.59 -5.59
CA TYR D 555 -39.85 4.56 -4.94
C TYR D 555 -38.66 4.15 -5.80
N CYS D 556 -38.84 4.07 -7.13
CA CYS D 556 -37.75 3.68 -8.00
C CYS D 556 -36.63 4.71 -8.01
N ILE D 557 -36.97 6.00 -8.05
CA ILE D 557 -35.95 7.04 -8.03
C ILE D 557 -35.27 7.10 -6.67
N THR D 558 -36.05 6.99 -5.58
CA THR D 558 -35.49 7.02 -4.24
C THR D 558 -34.59 5.81 -3.99
N TYR D 559 -34.98 4.64 -4.48
CA TYR D 559 -34.15 3.45 -4.29
C TYR D 559 -32.93 3.44 -5.20
N ALA D 560 -33.01 4.04 -6.38
CA ALA D 560 -31.82 4.22 -7.20
C ALA D 560 -30.82 5.15 -6.52
N ALA D 561 -31.32 6.23 -5.92
CA ALA D 561 -30.45 7.12 -5.15
C ALA D 561 -29.89 6.43 -3.91
N PHE D 562 -30.69 5.59 -3.26
CA PHE D 562 -30.21 4.85 -2.09
C PHE D 562 -29.16 3.82 -2.49
N ALA D 563 -29.35 3.17 -3.63
CA ALA D 563 -28.39 2.18 -4.09
C ALA D 563 -27.08 2.83 -4.52
N ILE D 564 -27.15 4.02 -5.13
CA ILE D 564 -25.95 4.73 -5.52
C ILE D 564 -25.21 5.25 -4.30
N ILE D 565 -25.93 5.93 -3.40
CA ILE D 565 -25.27 6.66 -2.31
C ILE D 565 -24.94 5.72 -1.16
N ALA D 566 -25.93 4.97 -0.68
CA ALA D 566 -25.76 4.27 0.59
C ALA D 566 -25.06 2.93 0.42
N THR D 567 -25.60 2.05 -0.42
CA THR D 567 -25.08 0.69 -0.51
C THR D 567 -23.76 0.61 -1.27
N LEU D 568 -23.47 1.58 -2.12
CA LEU D 568 -22.28 1.54 -2.96
C LEU D 568 -21.15 2.42 -2.45
N LEU D 569 -21.44 3.69 -2.15
CA LEU D 569 -20.37 4.61 -1.76
C LEU D 569 -20.01 4.45 -0.29
N MET D 570 -20.98 4.60 0.60
CA MET D 570 -20.69 4.67 2.03
C MET D 570 -20.33 3.31 2.62
N LEU D 571 -20.99 2.24 2.16
CA LEU D 571 -20.68 0.91 2.67
C LEU D 571 -19.26 0.49 2.31
N ASN D 572 -18.84 0.75 1.07
CA ASN D 572 -17.48 0.40 0.69
C ASN D 572 -16.47 1.41 1.22
N LEU D 573 -16.89 2.63 1.54
CA LEU D 573 -16.04 3.54 2.29
C LEU D 573 -15.76 3.00 3.69
N PHE D 574 -16.79 2.43 4.34
CA PHE D 574 -16.58 1.78 5.64
C PHE D 574 -15.73 0.52 5.51
N ILE D 575 -15.86 -0.19 4.38
CA ILE D 575 -15.00 -1.34 4.11
C ILE D 575 -13.54 -0.91 3.98
N ALA D 576 -13.29 0.23 3.33
CA ALA D 576 -11.93 0.72 3.18
C ALA D 576 -11.38 1.23 4.52
N MET D 577 -12.23 1.82 5.35
CA MET D 577 -11.81 2.25 6.69
C MET D 577 -11.43 1.06 7.55
N MET D 578 -12.22 -0.01 7.49
CA MET D 578 -11.87 -1.22 8.22
C MET D 578 -10.62 -1.87 7.67
N GLY D 579 -10.38 -1.78 6.36
CA GLY D 579 -9.13 -2.28 5.81
C GLY D 579 -7.92 -1.50 6.30
N ASP D 580 -8.04 -0.18 6.39
CA ASP D 580 -6.94 0.63 6.90
C ASP D 580 -6.71 0.39 8.39
N THR D 581 -7.78 0.18 9.17
CA THR D 581 -7.64 -0.14 10.58
C THR D 581 -6.98 -1.51 10.78
N HIS D 582 -7.38 -2.50 9.97
CA HIS D 582 -6.75 -3.82 10.02
C HIS D 582 -5.28 -3.75 9.66
N TRP D 583 -4.94 -2.94 8.64
CA TRP D 583 -3.54 -2.77 8.28
C TRP D 583 -2.74 -2.09 9.39
N ARG D 584 -3.34 -1.10 10.05
CA ARG D 584 -2.68 -0.39 11.14
C ARG D 584 -2.40 -1.31 12.32
N VAL D 585 -3.35 -2.17 12.67
CA VAL D 585 -3.11 -3.12 13.76
C VAL D 585 -2.12 -4.19 13.33
N ALA D 586 -2.22 -4.67 12.08
CA ALA D 586 -1.33 -5.74 11.61
C ALA D 586 0.11 -5.28 11.41
N GLN D 587 0.35 -3.97 11.31
CA GLN D 587 1.73 -3.49 11.30
C GLN D 587 2.39 -3.56 12.68
N GLU D 588 1.60 -3.73 13.75
CA GLU D 588 2.12 -3.81 15.12
C GLU D 588 1.46 -4.96 15.86
N ARG D 589 1.42 -6.14 15.22
CA ARG D 589 0.70 -7.26 15.80
C ARG D 589 1.46 -7.90 16.96
N ASP D 590 2.79 -8.04 16.82
CA ASP D 590 3.55 -8.76 17.83
C ASP D 590 3.70 -7.95 19.11
N GLU D 591 3.84 -6.63 18.98
CA GLU D 591 3.90 -5.75 20.14
C GLU D 591 2.61 -5.79 20.94
N LEU D 592 1.46 -5.72 20.26
CA LEU D 592 0.18 -5.75 20.94
C LEU D 592 -0.10 -7.13 21.55
N TRP D 593 0.31 -8.20 20.86
CA TRP D 593 0.13 -9.53 21.42
C TRP D 593 1.01 -9.75 22.64
N ARG D 594 2.24 -9.24 22.62
CA ARG D 594 3.10 -9.35 23.80
C ARG D 594 2.56 -8.52 24.96
N ALA D 595 1.97 -7.36 24.67
CA ALA D 595 1.33 -6.57 25.72
C ALA D 595 0.14 -7.31 26.33
N GLN D 596 -0.65 -7.98 25.49
CA GLN D 596 -1.75 -8.80 26.00
C GLN D 596 -1.25 -9.99 26.80
N VAL D 597 -0.11 -10.57 26.40
CA VAL D 597 0.49 -11.67 27.15
C VAL D 597 0.93 -11.22 28.54
N VAL D 598 1.55 -10.04 28.63
CA VAL D 598 1.97 -9.53 29.94
C VAL D 598 0.76 -9.17 30.80
N ALA D 599 -0.29 -8.63 30.18
CA ALA D 599 -1.51 -8.31 30.94
C ALA D 599 -2.19 -9.57 31.48
N THR D 600 -2.26 -10.62 30.65
CA THR D 600 -2.83 -11.90 31.06
C THR D 600 -2.00 -12.54 32.17
N THR D 601 -0.67 -12.47 32.04
CA THR D 601 0.20 -13.06 33.04
C THR D 601 0.11 -12.33 34.38
N VAL D 602 -0.01 -11.01 34.35
CA VAL D 602 -0.19 -10.23 35.57
C VAL D 602 -1.52 -10.55 36.23
N MET D 603 -2.60 -10.66 35.42
CA MET D 603 -3.91 -11.01 35.97
C MET D 603 -3.90 -12.41 36.58
N LEU D 604 -3.23 -13.37 35.93
CA LEU D 604 -3.17 -14.72 36.47
C LEU D 604 -2.26 -14.80 37.70
N GLU D 605 -1.21 -13.98 37.78
CA GLU D 605 -0.41 -13.94 38.99
C GLU D 605 -1.18 -13.34 40.15
N ARG D 606 -2.01 -12.33 39.87
CA ARG D 606 -2.74 -11.66 40.93
C ARG D 606 -3.91 -12.51 41.44
N LYS D 607 -4.63 -13.18 40.54
CA LYS D 607 -5.88 -13.81 40.95
C LYS D 607 -5.76 -15.27 41.33
N MET D 608 -4.86 -16.03 40.71
CA MET D 608 -4.70 -17.44 41.06
C MET D 608 -3.97 -17.59 42.40
N PRO D 609 -4.12 -18.72 43.08
CA PRO D 609 -3.39 -18.94 44.34
C PRO D 609 -1.89 -19.02 44.13
N ARG D 610 -1.16 -18.72 45.22
CA ARG D 610 0.29 -18.60 45.16
C ARG D 610 0.98 -19.94 44.96
N PHE D 611 0.36 -21.04 45.41
CA PHE D 611 1.01 -22.34 45.27
C PHE D 611 1.00 -22.83 43.83
N LEU D 612 0.10 -22.33 43.00
CA LEU D 612 0.13 -22.65 41.57
C LEU D 612 1.05 -21.73 40.79
N TRP D 613 1.54 -20.64 41.40
CA TRP D 613 2.44 -19.69 40.75
C TRP D 613 3.69 -19.54 41.60
N PRO D 614 4.70 -20.38 41.39
CA PRO D 614 5.97 -20.20 42.11
C PRO D 614 6.69 -18.94 41.66
N ARG D 615 7.58 -18.46 42.52
CA ARG D 615 8.30 -17.23 42.24
C ARG D 615 9.27 -17.42 41.07
N SER D 616 9.26 -16.47 40.15
CA SER D 616 9.98 -16.60 38.89
C SER D 616 11.43 -16.20 39.06
N GLY D 617 12.34 -17.07 38.65
CA GLY D 617 13.75 -16.78 38.63
C GLY D 617 14.54 -17.67 39.56
N ILE D 618 15.86 -17.48 39.51
CA ILE D 618 16.78 -18.22 40.36
C ILE D 618 16.66 -17.70 41.79
N CYS D 619 16.63 -18.62 42.76
CA CYS D 619 16.39 -18.26 44.15
C CYS D 619 17.52 -17.39 44.72
N GLY D 620 18.77 -17.71 44.41
CA GLY D 620 19.89 -16.90 44.78
C GLY D 620 20.42 -17.12 46.19
N TYR D 621 19.55 -17.44 47.15
CA TYR D 621 20.01 -17.64 48.52
C TYR D 621 20.80 -18.95 48.65
N GLU D 622 20.42 -19.97 47.89
CA GLU D 622 21.16 -21.24 47.91
C GLU D 622 22.54 -21.12 47.27
N TYR D 623 22.76 -20.10 46.44
CA TYR D 623 24.06 -19.85 45.84
C TYR D 623 24.81 -18.72 46.53
N GLY D 624 24.35 -18.29 47.72
CA GLY D 624 25.07 -17.31 48.50
C GLY D 624 25.01 -15.89 48.00
N LEU D 625 24.01 -15.56 47.19
CA LEU D 625 23.87 -14.22 46.64
C LEU D 625 22.84 -13.38 47.35
N GLY D 626 22.48 -13.73 48.58
CA GLY D 626 21.50 -12.97 49.34
C GLY D 626 20.08 -13.37 48.99
N ASP D 627 19.14 -12.57 49.50
CA ASP D 627 17.73 -12.86 49.35
C ASP D 627 17.16 -12.46 48.00
N ARG D 628 17.95 -11.80 47.15
CA ARG D 628 17.45 -11.35 45.85
C ARG D 628 17.24 -12.53 44.90
N TRP D 629 16.37 -12.33 43.91
CA TRP D 629 16.06 -13.32 42.92
C TRP D 629 16.49 -12.83 41.55
N PHE D 630 17.11 -13.71 40.76
CA PHE D 630 17.80 -13.33 39.55
C PHE D 630 17.23 -14.04 38.33
N LEU D 631 17.49 -13.45 37.17
CA LEU D 631 17.16 -14.04 35.88
C LEU D 631 18.43 -14.09 35.04
N ARG D 632 18.82 -15.29 34.60
CA ARG D 632 20.02 -15.45 33.82
C ARG D 632 19.71 -15.34 32.33
N VAL D 633 20.41 -14.44 31.64
CA VAL D 633 20.20 -14.19 30.22
C VAL D 633 21.51 -14.48 29.51
N GLU D 634 21.46 -15.38 28.53
CA GLU D 634 22.62 -15.75 27.72
C GLU D 634 22.38 -15.26 26.30
N ASN D 635 23.26 -14.40 25.80
CA ASN D 635 23.07 -13.77 24.50
C ASN D 635 24.29 -13.98 23.63
N HIS D 636 24.10 -13.81 22.33
CA HIS D 636 25.10 -14.06 21.30
C HIS D 636 25.49 -12.72 20.69
N HIS D 637 26.49 -12.08 21.28
CA HIS D 637 26.97 -10.80 20.80
C HIS D 637 28.10 -10.99 19.79
N ASP D 638 28.25 -9.98 18.91
CA ASP D 638 29.24 -9.94 17.84
C ASP D 638 29.22 -11.16 16.91
#